data_8SWV
#
_entry.id   8SWV
#
_cell.length_a   1.00
_cell.length_b   1.00
_cell.length_c   1.00
_cell.angle_alpha   90.00
_cell.angle_beta   90.00
_cell.angle_gamma   90.00
#
_symmetry.space_group_name_H-M   'P 1'
#
loop_
_entity.id
_entity.type
_entity.pdbx_description
1 polymer 'Surface protein gp120'
2 polymer 'Transmembrane protein gp41'
3 polymer 'IF1 Heavy Chain'
4 polymer 'IF1 Light Chain'
5 branched 2-acetamido-2-deoxy-beta-D-glucopyranose-(1-4)-2-acetamido-2-deoxy-beta-D-glucopyranose
6 branched alpha-D-mannopyranose-(1-3)-[alpha-D-mannopyranose-(1-6)]beta-D-mannopyranose-(1-4)-2-acetamido-2-deoxy-beta-D-glucopyranose-(1-4)-2-acetamido-2-deoxy-beta-D-glucopyranose
7 branched beta-D-mannopyranose-(1-4)-2-acetamido-2-deoxy-beta-D-glucopyranose-(1-4)-2-acetamido-2-deoxy-beta-D-glucopyranose
8 non-polymer 2-acetamido-2-deoxy-beta-D-glucopyranose
#
loop_
_entity_poly.entity_id
_entity_poly.type
_entity_poly.pdbx_seq_one_letter_code
_entity_poly.pdbx_strand_id
1 'polypeptide(L)'
;MDAMKRGLCCVLLLCGAVFVSPSQEIHARFRRGARAENLWVTVYYGVPVWKDAETTLFCASDAKAYETKKHNVWATHCCV
PTDPNPQEIHLENVTEEFNMWKNNMVEQMHTDIISLWDQSLKPCVKLTPLCVTLQCTNVTNNITDDMRGELKNCSFNMTT
ELRDKKQKVYSLFYRLDVVQINENQGNRSNNSNKEYRLINCNTSAITQACPKVSFEPIPIHYCAPAGFAILKCKDKKFNG
TGPCTNVSTVQCTHGIKPVVSTQLLLNGSLAEEEVIIRSENITNNAKNILVQLNESVQINCTRPNNNTRKSIRIGPGQWF
YATGDIIGDIRQAHCNVSKATWNETLGKVVKQLRKHFGNNTIIRFANSSGGDLEVTTHSFNCGGEFFYCNTSGLFNSTWI
SNTSVQGSNSTGSNDSITLPCRIKQIINMWQRIGQAMYAPPIQGVIRCVSNITGLILTRDGGSTNSTTETFRPGGGDMRD
NWRSELYKYKVVKIEPLGVAPTRCKRRVVGRRRRRR
;
A,E,F
2 'polypeptide(L)'
;AVGIGAVFLGFLGAAGSTMGAASMTLTVQARNLLSGIVQQQSNLLRAPECQQHLLKLTVWGIKQLQARVLAVERYLRDQQ
LLGIWGCSGKLICCTNVPWNSTWSNRNLSEIWDNMTWLQWDKEISNYTQIIYGLLEESQNQQEKNEQDLLALD
;
B,C,D
3 'polypeptide(L)'
;(UNK)(UNK)(UNK)(UNK)(UNK)(UNK)(UNK)(UNK)(UNK)(UNK)(UNK)(UNK)(UNK)(UNK)(UNK)(UNK)
(UNK)(UNK)(UNK)(UNK)(UNK)(UNK)(UNK)(UNK)(UNK)(UNK)(UNK)(UNK)(UNK)(UNK)(UNK)(UNK)
(UNK)(UNK)(UNK)(UNK)(UNK)(UNK)(UNK)(UNK)(UNK)(UNK)(UNK)(UNK)(UNK)(UNK)(UNK)(UNK)
(UNK)(UNK)(UNK)(UNK)(UNK)(UNK)(UNK)(UNK)(UNK)(UNK)(UNK)(UNK)(UNK)(UNK)(UNK)(UNK)
(UNK)(UNK)(UNK)(UNK)(UNK)(UNK)(UNK)(UNK)(UNK)(UNK)(UNK)(UNK)(UNK)(UNK)(UNK)(UNK)
(UNK)(UNK)(UNK)(UNK)(UNK)(UNK)(UNK)(UNK)(UNK)(UNK)(UNK)(UNK)(UNK)(UNK)(UNK)(UNK)
(UNK)(UNK)(UNK)(UNK)(UNK)(UNK)(UNK)(UNK)(UNK)(UNK)(UNK)(UNK)(UNK)(UNK)(UNK)(UNK)
(UNK)(UNK)(UNK)(UNK)(UNK)(UNK)(UNK)(UNK)(UNK)(UNK)
;
H
4 'polypeptide(L)'
;(UNK)(UNK)(UNK)(UNK)(UNK)(UNK)(UNK)(UNK)(UNK)(UNK)(UNK)(UNK)(UNK)(UNK)(UNK)(UNK)
(UNK)(UNK)(UNK)(UNK)(UNK)(UNK)(UNK)(UNK)(UNK)(UNK)(UNK)(UNK)(UNK)(UNK)(UNK)(UNK)
(UNK)(UNK)(UNK)(UNK)(UNK)(UNK)(UNK)(UNK)(UNK)(UNK)(UNK)(UNK)(UNK)(UNK)(UNK)(UNK)
(UNK)(UNK)(UNK)(UNK)(UNK)(UNK)(UNK)(UNK)(UNK)(UNK)(UNK)(UNK)(UNK)(UNK)(UNK)(UNK)
(UNK)(UNK)(UNK)(UNK)(UNK)(UNK)(UNK)(UNK)(UNK)(UNK)(UNK)(UNK)(UNK)(UNK)(UNK)(UNK)
(UNK)(UNK)(UNK)(UNK)(UNK)(UNK)(UNK)(UNK)(UNK)(UNK)(UNK)(UNK)(UNK)(UNK)(UNK)(UNK)
(UNK)(UNK)(UNK)(UNK)(UNK)(UNK)(UNK)(UNK)(UNK)
;
L
#
# COMPACT_ATOMS: atom_id res chain seq x y z
N GLU A 37 20.04 -32.03 46.61
CA GLU A 37 19.41 -32.45 47.86
C GLU A 37 18.12 -31.63 48.13
N ASN A 38 18.24 -30.29 48.10
CA ASN A 38 17.15 -29.32 48.31
C ASN A 38 17.14 -28.29 47.20
N LEU A 39 17.28 -28.73 45.96
CA LEU A 39 17.26 -27.76 44.90
C LEU A 39 15.96 -27.83 44.18
N TRP A 40 15.50 -26.66 43.76
CA TRP A 40 14.22 -26.45 43.12
C TRP A 40 14.37 -25.70 41.82
N VAL A 41 13.44 -25.90 40.92
CA VAL A 41 13.48 -25.16 39.67
C VAL A 41 13.11 -23.71 39.94
N THR A 42 13.92 -22.78 39.46
CA THR A 42 13.61 -21.35 39.54
C THR A 42 13.55 -20.83 38.14
N VAL A 43 12.51 -20.09 37.85
CA VAL A 43 12.31 -19.56 36.52
C VAL A 43 12.72 -18.11 36.46
N TYR A 44 13.54 -17.78 35.47
CA TYR A 44 14.01 -16.41 35.29
C TYR A 44 13.63 -15.83 33.94
N TYR A 45 13.13 -14.60 33.96
CA TYR A 45 12.77 -13.95 32.70
C TYR A 45 13.57 -12.69 32.54
N GLY A 46 14.19 -12.54 31.39
CA GLY A 46 15.06 -11.41 31.09
C GLY A 46 16.50 -11.90 31.09
N VAL A 47 16.68 -13.18 30.84
CA VAL A 47 17.98 -13.81 30.78
C VAL A 47 18.74 -13.39 29.51
N PRO A 48 19.99 -12.90 29.57
CA PRO A 48 20.76 -12.41 28.44
C PRO A 48 21.36 -13.47 27.55
N VAL A 49 20.51 -14.25 26.89
CA VAL A 49 20.96 -15.29 25.97
C VAL A 49 20.33 -15.20 24.60
N TRP A 50 20.94 -15.87 23.63
CA TRP A 50 20.44 -15.84 22.28
C TRP A 50 20.78 -17.05 21.42
N LYS A 51 20.08 -17.12 20.29
CA LYS A 51 20.25 -18.12 19.24
C LYS A 51 20.44 -17.50 17.87
N ASP A 52 21.12 -18.20 16.99
CA ASP A 52 21.29 -17.71 15.62
C ASP A 52 19.92 -17.55 15.00
N ALA A 53 19.69 -16.47 14.24
CA ALA A 53 18.38 -16.37 13.64
C ALA A 53 18.33 -15.61 12.33
N GLU A 54 17.31 -15.91 11.56
CA GLU A 54 17.09 -15.23 10.30
C GLU A 54 15.80 -14.47 10.34
N THR A 55 15.90 -13.15 10.33
CA THR A 55 14.70 -12.33 10.40
C THR A 55 14.76 -11.21 9.41
N THR A 56 13.73 -10.41 9.44
CA THR A 56 13.63 -9.27 8.55
C THR A 56 14.16 -8.04 9.25
N LEU A 57 15.12 -7.37 8.65
CA LEU A 57 15.69 -6.17 9.21
C LEU A 57 15.04 -5.00 8.53
N PHE A 58 14.97 -3.88 9.19
CA PHE A 58 14.39 -2.73 8.52
C PHE A 58 15.50 -1.75 8.26
N CYS A 59 15.33 -0.85 7.27
CA CYS A 59 16.32 0.14 6.88
C CYS A 59 16.02 1.48 7.55
N ALA A 60 17.08 2.17 7.90
CA ALA A 60 17.01 3.50 8.49
C ALA A 60 18.18 4.34 8.00
N SER A 61 18.03 5.67 8.04
CA SER A 61 19.11 6.54 7.60
C SER A 61 19.08 7.91 8.29
N ASP A 62 20.20 8.67 8.21
CA ASP A 62 20.40 10.02 8.78
C ASP A 62 19.20 10.96 8.54
N HIS A 71 14.80 13.41 -3.66
CA HIS A 71 14.22 12.42 -4.58
C HIS A 71 15.13 11.17 -4.80
N ASN A 72 16.05 10.93 -3.85
CA ASN A 72 16.95 9.76 -3.79
C ASN A 72 16.18 8.51 -3.42
N VAL A 73 16.46 7.43 -4.12
CA VAL A 73 15.76 6.19 -3.90
C VAL A 73 15.88 5.64 -2.49
N TRP A 74 17.06 5.70 -1.91
CA TRP A 74 17.17 5.13 -0.59
C TRP A 74 16.76 6.13 0.43
N ALA A 75 16.89 7.41 0.11
CA ALA A 75 16.49 8.41 1.08
C ALA A 75 15.00 8.35 1.37
N THR A 76 14.18 8.05 0.36
CA THR A 76 12.76 8.02 0.62
C THR A 76 12.33 6.67 1.19
N HIS A 77 13.06 5.60 0.86
CA HIS A 77 12.76 4.30 1.44
C HIS A 77 13.15 4.16 2.92
N CYS A 78 14.41 4.53 3.27
CA CYS A 78 15.00 4.38 4.59
C CYS A 78 14.62 5.65 5.37
N CYS A 79 13.32 5.80 5.56
CA CYS A 79 12.70 6.97 6.16
C CYS A 79 12.83 7.03 7.67
N VAL A 80 13.16 5.91 8.26
CA VAL A 80 13.31 5.82 9.69
C VAL A 80 14.62 6.51 10.07
N PRO A 81 14.67 7.42 11.03
CA PRO A 81 15.84 8.13 11.49
C PRO A 81 16.76 7.23 12.30
N THR A 82 18.04 7.61 12.41
CA THR A 82 19.08 6.96 13.21
C THR A 82 19.63 7.99 14.20
N GLN A 87 25.45 4.04 20.19
CA GLN A 87 24.64 2.91 20.63
C GLN A 87 25.33 1.57 20.29
N GLU A 88 26.34 1.22 21.11
CA GLU A 88 27.12 -0.02 21.04
C GLU A 88 27.48 -0.49 22.43
N ILE A 89 27.22 -1.77 22.71
CA ILE A 89 27.53 -2.33 24.02
C ILE A 89 28.58 -3.41 23.97
N HIS A 90 29.72 -3.17 24.55
CA HIS A 90 30.78 -4.18 24.51
C HIS A 90 30.41 -5.35 25.40
N LEU A 91 30.59 -6.58 24.92
CA LEU A 91 30.32 -7.73 25.75
C LEU A 91 31.69 -8.19 26.26
N GLU A 92 31.92 -8.08 27.56
CA GLU A 92 33.28 -8.32 28.07
C GLU A 92 33.92 -9.71 27.93
N ASN A 93 33.14 -10.80 28.05
CA ASN A 93 33.64 -12.19 28.01
C ASN A 93 32.84 -13.07 27.04
N VAL A 94 32.55 -12.57 25.82
CA VAL A 94 31.76 -13.31 24.82
C VAL A 94 32.57 -13.64 23.61
N THR A 95 32.60 -14.91 23.30
CA THR A 95 33.24 -15.39 22.09
C THR A 95 32.09 -15.85 21.25
N GLU A 96 32.06 -15.44 20.01
CA GLU A 96 30.97 -15.83 19.14
C GLU A 96 31.50 -16.25 17.81
N GLU A 97 30.78 -17.13 17.12
CA GLU A 97 31.21 -17.60 15.81
C GLU A 97 30.47 -16.95 14.66
N PHE A 98 31.24 -16.36 13.77
CA PHE A 98 30.73 -15.63 12.62
C PHE A 98 31.02 -16.36 11.33
N ASN A 99 30.18 -16.15 10.32
CA ASN A 99 30.45 -16.71 8.99
C ASN A 99 29.86 -15.81 7.91
N MET A 100 30.70 -15.00 7.28
CA MET A 100 30.26 -14.03 6.29
C MET A 100 29.72 -14.65 5.01
N TRP A 101 29.99 -15.93 4.79
CA TRP A 101 29.58 -16.54 3.56
C TRP A 101 28.19 -17.15 3.65
N LYS A 102 27.62 -17.16 4.86
CA LYS A 102 26.30 -17.74 5.08
C LYS A 102 25.45 -16.76 5.86
N ASN A 103 25.79 -15.50 5.73
CA ASN A 103 25.15 -14.42 6.45
C ASN A 103 23.88 -13.95 5.78
N ASN A 104 22.74 -14.16 6.44
CA ASN A 104 21.43 -13.82 5.88
C ASN A 104 21.24 -12.33 5.62
N MET A 105 22.05 -11.50 6.25
CA MET A 105 21.92 -10.06 6.06
C MET A 105 22.30 -9.70 4.64
N VAL A 106 23.14 -10.50 4.00
CA VAL A 106 23.61 -10.24 2.67
C VAL A 106 22.50 -10.50 1.71
N GLU A 107 21.79 -11.60 1.90
CA GLU A 107 20.71 -11.93 1.02
C GLU A 107 19.59 -10.93 1.21
N GLN A 108 19.34 -10.47 2.44
CA GLN A 108 18.29 -9.51 2.65
C GLN A 108 18.62 -8.22 1.95
N MET A 109 19.88 -7.78 2.00
CA MET A 109 20.20 -6.54 1.33
C MET A 109 20.05 -6.72 -0.16
N HIS A 110 20.50 -7.85 -0.69
CA HIS A 110 20.39 -8.03 -2.13
C HIS A 110 18.95 -7.92 -2.56
N THR A 111 18.05 -8.59 -1.86
CA THR A 111 16.65 -8.54 -2.22
C THR A 111 16.11 -7.11 -2.12
N ASP A 112 16.44 -6.37 -1.05
CA ASP A 112 15.91 -5.03 -0.90
C ASP A 112 16.39 -4.11 -2.01
N ILE A 113 17.64 -4.24 -2.44
CA ILE A 113 18.15 -3.39 -3.50
C ILE A 113 17.43 -3.67 -4.80
N ILE A 114 17.19 -4.94 -5.12
CA ILE A 114 16.51 -5.23 -6.37
C ILE A 114 15.12 -4.66 -6.32
N SER A 115 14.44 -4.84 -5.19
CA SER A 115 13.09 -4.37 -5.07
C SER A 115 12.99 -2.88 -5.22
N LEU A 116 13.87 -2.12 -4.59
CA LEU A 116 13.76 -0.68 -4.72
C LEU A 116 14.01 -0.22 -6.11
N TRP A 117 14.95 -0.84 -6.78
CA TRP A 117 15.25 -0.44 -8.12
C TRP A 117 14.02 -0.65 -8.98
N ASP A 118 13.43 -1.85 -8.90
CA ASP A 118 12.30 -2.14 -9.74
C ASP A 118 11.10 -1.31 -9.38
N GLN A 119 10.91 -1.02 -8.12
CA GLN A 119 9.76 -0.22 -7.75
C GLN A 119 9.89 1.21 -8.24
N SER A 120 11.10 1.80 -8.19
CA SER A 120 11.25 3.18 -8.59
C SER A 120 11.06 3.35 -10.08
N LEU A 121 11.24 2.28 -10.85
CA LEU A 121 11.03 2.36 -12.28
C LEU A 121 9.61 2.06 -12.71
N LYS A 122 8.71 1.71 -11.79
CA LYS A 122 7.38 1.43 -12.28
C LYS A 122 6.65 2.65 -12.83
N PRO A 123 6.51 3.78 -12.11
CA PRO A 123 5.78 4.94 -12.58
C PRO A 123 6.60 5.81 -13.52
N CYS A 124 7.03 5.25 -14.68
CA CYS A 124 7.90 5.93 -15.64
C CYS A 124 7.48 5.58 -17.06
N VAL A 125 8.05 6.28 -18.03
CA VAL A 125 7.72 6.09 -19.42
C VAL A 125 8.24 4.79 -19.98
N LYS A 126 7.34 4.04 -20.61
CA LYS A 126 7.73 2.77 -21.20
C LYS A 126 8.04 3.03 -22.67
N LEU A 127 9.29 2.80 -23.07
CA LEU A 127 9.72 3.18 -24.40
C LEU A 127 9.49 2.15 -25.47
N THR A 128 8.22 1.90 -25.77
CA THR A 128 7.89 0.95 -26.82
C THR A 128 7.88 1.59 -28.22
N PRO A 129 7.60 2.91 -28.39
CA PRO A 129 7.63 3.59 -29.66
C PRO A 129 9.01 3.61 -30.28
N LEU A 130 10.05 3.29 -29.51
CA LEU A 130 11.38 3.30 -30.10
C LEU A 130 11.83 1.99 -30.76
N CYS A 131 11.04 0.90 -30.66
CA CYS A 131 11.38 -0.39 -31.25
C CYS A 131 10.89 -0.45 -32.69
N VAL A 132 11.54 0.39 -33.47
CA VAL A 132 11.34 0.59 -34.89
C VAL A 132 12.69 0.55 -35.57
N THR A 133 12.72 0.38 -36.88
CA THR A 133 13.99 0.40 -37.58
C THR A 133 14.61 1.79 -37.56
N LEU A 134 15.90 1.87 -37.28
CA LEU A 134 16.60 3.14 -37.25
C LEU A 134 17.54 3.22 -38.46
N GLN A 135 17.71 4.39 -39.05
CA GLN A 135 18.69 4.52 -40.11
C GLN A 135 19.82 5.39 -39.58
N CYS A 136 20.96 4.78 -39.16
CA CYS A 136 22.03 5.48 -38.46
C CYS A 136 23.29 5.59 -39.31
N THR A 137 23.98 6.70 -39.15
CA THR A 137 25.30 6.92 -39.75
C THR A 137 26.28 7.32 -38.64
N ASN A 138 27.60 7.27 -38.91
CA ASN A 138 28.65 7.62 -37.94
C ASN A 138 28.75 9.13 -37.75
N VAL A 139 29.05 9.56 -36.51
CA VAL A 139 29.33 10.96 -36.17
C VAL A 139 30.80 11.23 -36.36
N THR A 140 31.12 12.14 -37.27
CA THR A 140 32.49 12.50 -37.60
C THR A 140 32.73 13.95 -37.28
N ASN A 141 31.79 14.54 -36.59
CA ASN A 141 31.86 15.94 -36.31
C ASN A 141 32.73 16.26 -35.10
N ASN A 142 34.01 16.62 -35.36
CA ASN A 142 35.08 16.96 -34.42
C ASN A 142 35.41 15.82 -33.42
N ILE A 143 35.57 14.58 -33.94
CA ILE A 143 35.97 13.39 -33.17
C ILE A 143 37.49 13.30 -33.16
N THR A 144 38.07 12.94 -32.03
CA THR A 144 39.53 12.85 -31.83
C THR A 144 40.17 11.46 -32.07
N ASP A 145 39.47 10.62 -32.82
CA ASP A 145 39.82 9.27 -33.29
C ASP A 145 39.89 8.14 -32.27
N ASP A 146 39.78 8.44 -30.99
CA ASP A 146 39.68 7.39 -29.99
C ASP A 146 38.23 6.93 -29.97
N MET A 147 37.36 7.87 -30.26
CA MET A 147 35.91 7.75 -30.34
C MET A 147 35.35 7.41 -31.70
N ARG A 148 36.20 7.20 -32.68
CA ARG A 148 35.67 6.95 -34.00
C ARG A 148 34.90 5.66 -34.03
N GLY A 149 33.67 5.75 -34.50
CA GLY A 149 32.79 4.60 -34.59
C GLY A 149 31.92 4.37 -33.34
N GLU A 150 32.18 5.13 -32.26
CA GLU A 150 31.42 4.98 -31.02
C GLU A 150 30.07 5.64 -31.03
N LEU A 151 29.91 6.72 -31.77
CA LEU A 151 28.64 7.43 -31.78
C LEU A 151 27.99 7.37 -33.12
N LYS A 152 26.69 7.13 -33.08
CA LYS A 152 25.91 7.11 -34.30
C LYS A 152 24.75 8.11 -34.22
N ASN A 153 24.46 8.77 -35.35
CA ASN A 153 23.36 9.71 -35.57
C ASN A 153 22.20 8.97 -36.23
N CYS A 154 21.16 8.63 -35.42
CA CYS A 154 20.05 7.77 -35.82
C CYS A 154 18.77 8.52 -36.12
N SER A 155 18.27 8.28 -37.31
CA SER A 155 17.02 8.84 -37.78
C SER A 155 15.94 7.80 -37.77
N PHE A 156 14.77 8.15 -37.25
CA PHE A 156 13.73 7.15 -37.25
C PHE A 156 12.31 7.73 -37.27
N ASN A 157 11.32 6.86 -37.60
CA ASN A 157 9.89 7.19 -37.68
C ASN A 157 9.19 6.90 -36.36
N MET A 158 8.82 7.97 -35.62
CA MET A 158 8.15 7.90 -34.33
C MET A 158 6.67 7.82 -34.62
N THR A 159 6.00 6.80 -34.13
CA THR A 159 4.58 6.63 -34.44
C THR A 159 3.70 7.09 -33.28
N THR A 160 3.77 8.39 -32.96
CA THR A 160 3.11 9.08 -31.85
C THR A 160 3.57 10.53 -31.85
N LYS A 165 -0.56 10.61 -36.26
CA LYS A 165 0.39 11.15 -37.22
C LYS A 165 1.82 10.73 -36.80
N LYS A 166 2.64 10.31 -37.80
CA LYS A 166 4.03 9.89 -37.62
C LYS A 166 4.96 11.10 -37.79
N GLN A 167 6.11 11.07 -37.13
CA GLN A 167 7.09 12.15 -37.29
C GLN A 167 8.51 11.60 -37.41
N LYS A 168 9.35 12.31 -38.12
CA LYS A 168 10.74 11.92 -38.26
C LYS A 168 11.58 12.63 -37.22
N VAL A 169 12.30 11.85 -36.42
CA VAL A 169 13.10 12.42 -35.35
C VAL A 169 14.53 11.93 -35.41
N TYR A 170 15.42 12.63 -34.72
CA TYR A 170 16.82 12.23 -34.65
C TYR A 170 17.31 12.16 -33.23
N SER A 171 18.24 11.24 -32.98
CA SER A 171 18.92 11.12 -31.71
C SER A 171 20.30 10.52 -31.85
N LEU A 172 21.19 10.76 -30.88
CA LEU A 172 22.46 10.06 -30.95
C LEU A 172 22.42 8.88 -30.03
N PHE A 173 23.09 7.82 -30.41
CA PHE A 173 23.23 6.64 -29.58
C PHE A 173 24.66 6.17 -29.53
N TYR A 174 25.01 5.50 -28.44
CA TYR A 174 26.31 4.90 -28.30
C TYR A 174 26.28 3.56 -29.00
N ARG A 175 27.40 3.19 -29.58
CA ARG A 175 27.55 1.97 -30.33
C ARG A 175 27.05 0.72 -29.64
N LEU A 176 27.25 0.63 -28.33
CA LEU A 176 26.90 -0.56 -27.57
C LEU A 176 25.41 -0.82 -27.48
N ASP A 177 24.58 0.19 -27.72
CA ASP A 177 23.15 0.05 -27.59
C ASP A 177 22.45 -0.23 -28.92
N VAL A 178 23.21 -0.30 -30.02
CA VAL A 178 22.57 -0.43 -31.31
C VAL A 178 23.00 -1.69 -32.10
N VAL A 179 22.01 -2.45 -32.58
CA VAL A 179 22.20 -3.68 -33.34
C VAL A 179 22.17 -3.47 -34.85
N GLN A 180 23.22 -3.87 -35.55
CA GLN A 180 23.25 -3.65 -36.99
C GLN A 180 22.58 -4.78 -37.78
N ILE A 181 21.24 -4.75 -37.79
CA ILE A 181 20.33 -5.70 -38.42
C ILE A 181 19.94 -5.17 -39.80
N LYS A 194 22.79 0.13 -43.14
CA LYS A 194 22.10 0.91 -42.12
C LYS A 194 21.17 -0.08 -41.36
N GLU A 195 19.80 0.12 -41.35
CA GLU A 195 18.81 -0.81 -40.74
C GLU A 195 19.10 -1.29 -39.32
N TYR A 196 19.15 -0.39 -38.35
CA TYR A 196 19.54 -0.76 -37.00
C TYR A 196 18.36 -0.87 -36.05
N ARG A 197 18.53 -1.60 -34.97
CA ARG A 197 17.49 -1.62 -33.93
C ARG A 197 18.13 -1.50 -32.57
N LEU A 198 17.38 -1.12 -31.55
CA LEU A 198 17.97 -1.06 -30.23
C LEU A 198 18.09 -2.42 -29.60
N ILE A 199 19.14 -2.59 -28.80
CA ILE A 199 19.33 -3.84 -28.11
C ILE A 199 18.16 -4.04 -27.20
N ASN A 200 17.80 -5.29 -27.06
CA ASN A 200 16.69 -5.80 -26.27
C ASN A 200 15.26 -5.58 -26.78
N CYS A 201 15.02 -5.01 -28.01
CA CYS A 201 13.64 -4.87 -28.56
C CYS A 201 13.02 -6.22 -28.92
N ASN A 202 13.86 -7.23 -29.00
CA ASN A 202 13.42 -8.59 -29.28
C ASN A 202 13.15 -9.41 -28.01
N THR A 203 13.57 -8.92 -26.80
CA THR A 203 13.55 -9.65 -25.53
C THR A 203 12.70 -9.01 -24.45
N SER A 204 12.77 -7.68 -24.32
CA SER A 204 12.06 -7.02 -23.23
C SER A 204 11.71 -5.56 -23.51
N ALA A 205 10.71 -5.05 -22.80
CA ALA A 205 10.40 -3.63 -22.93
C ALA A 205 11.47 -2.85 -22.23
N ILE A 206 11.78 -1.67 -22.76
CA ILE A 206 12.78 -0.82 -22.13
C ILE A 206 12.07 0.32 -21.42
N THR A 207 12.32 0.47 -20.14
CA THR A 207 11.67 1.54 -19.38
C THR A 207 12.62 2.68 -19.20
N GLN A 208 12.19 3.90 -19.45
CA GLN A 208 13.06 5.04 -19.25
C GLN A 208 13.09 5.35 -17.80
N ALA A 209 14.27 5.50 -17.23
CA ALA A 209 14.29 5.86 -15.83
C ALA A 209 13.77 7.27 -15.74
N CYS A 210 13.02 7.61 -14.67
CA CYS A 210 12.52 8.96 -14.42
C CYS A 210 13.72 9.88 -14.06
N PRO A 211 13.96 10.99 -14.77
CA PRO A 211 15.06 11.93 -14.58
C PRO A 211 15.13 12.57 -13.20
N LYS A 212 14.03 12.55 -12.48
CA LYS A 212 13.99 13.16 -11.17
C LYS A 212 14.43 12.20 -10.08
N VAL A 213 14.61 10.93 -10.44
CA VAL A 213 14.96 9.92 -9.46
C VAL A 213 16.44 9.76 -9.37
N SER A 214 16.96 9.87 -8.16
CA SER A 214 18.38 9.74 -7.97
C SER A 214 18.80 8.42 -7.41
N PHE A 215 19.75 7.81 -8.08
CA PHE A 215 20.26 6.52 -7.69
C PHE A 215 21.60 6.64 -7.03
N GLU A 216 21.95 7.84 -6.59
CA GLU A 216 23.21 8.03 -5.91
C GLU A 216 23.17 7.26 -4.59
N PRO A 217 24.14 6.41 -4.26
CA PRO A 217 24.20 5.70 -3.01
C PRO A 217 24.32 6.68 -1.87
N ILE A 218 23.65 6.40 -0.77
CA ILE A 218 23.76 7.20 0.43
C ILE A 218 24.03 6.15 1.46
N PRO A 219 24.60 6.43 2.62
CA PRO A 219 24.75 5.43 3.64
C PRO A 219 23.39 5.01 4.10
N ILE A 220 23.18 3.73 4.29
CA ILE A 220 21.94 3.25 4.88
C ILE A 220 22.30 2.34 6.02
N HIS A 221 21.40 2.15 6.96
CA HIS A 221 21.71 1.28 8.07
C HIS A 221 20.66 0.21 8.22
N TYR A 222 21.07 -1.03 8.47
CA TYR A 222 20.09 -2.05 8.76
C TYR A 222 19.94 -2.11 10.26
N CYS A 223 18.69 -2.19 10.76
CA CYS A 223 18.35 -2.18 12.18
C CYS A 223 17.54 -3.40 12.58
N ALA A 224 17.84 -3.93 13.75
CA ALA A 224 17.10 -5.10 14.25
C ALA A 224 15.70 -4.73 14.69
N PRO A 225 14.71 -5.62 14.50
CA PRO A 225 13.36 -5.51 15.00
C PRO A 225 13.37 -5.84 16.46
N ALA A 226 12.32 -5.46 17.19
CA ALA A 226 12.28 -5.81 18.60
C ALA A 226 12.36 -7.31 18.76
N GLY A 227 13.10 -7.73 19.79
CA GLY A 227 13.31 -9.14 20.11
C GLY A 227 14.59 -9.69 19.53
N PHE A 228 15.22 -8.91 18.66
CA PHE A 228 16.46 -9.28 18.00
C PHE A 228 17.57 -8.29 18.25
N ALA A 229 18.79 -8.73 18.01
CA ALA A 229 19.94 -7.87 18.16
C ALA A 229 20.97 -8.19 17.13
N ILE A 230 21.83 -7.22 16.82
CA ILE A 230 22.89 -7.50 15.86
C ILE A 230 24.21 -7.52 16.59
N LEU A 231 24.96 -8.57 16.40
CA LEU A 231 26.24 -8.65 17.05
C LEU A 231 27.29 -8.25 16.07
N LYS A 232 28.23 -7.44 16.52
CA LYS A 232 29.32 -6.97 15.70
C LYS A 232 30.67 -7.49 16.17
N CYS A 233 31.50 -7.99 15.22
CA CYS A 233 32.87 -8.47 15.48
C CYS A 233 33.84 -7.31 15.29
N LYS A 234 34.60 -7.02 16.34
CA LYS A 234 35.57 -5.94 16.35
C LYS A 234 37.01 -6.37 16.24
N ASP A 235 37.26 -7.63 15.95
CA ASP A 235 38.64 -8.04 15.84
C ASP A 235 39.23 -7.30 14.64
N LYS A 236 40.53 -7.13 14.65
CA LYS A 236 41.21 -6.36 13.61
C LYS A 236 41.66 -7.25 12.47
N LYS A 237 41.82 -8.53 12.79
CA LYS A 237 42.30 -9.54 11.84
C LYS A 237 41.18 -10.46 11.39
N PHE A 238 39.93 -10.12 11.67
CA PHE A 238 38.90 -11.07 11.34
C PHE A 238 38.94 -11.43 9.84
N ASN A 239 39.06 -12.75 9.57
CA ASN A 239 39.25 -13.41 8.27
C ASN A 239 37.92 -13.85 7.61
N GLY A 240 36.75 -13.49 8.19
CA GLY A 240 35.39 -13.74 7.69
C GLY A 240 34.67 -14.92 8.31
N THR A 241 35.40 -15.85 8.88
CA THR A 241 34.78 -16.99 9.52
C THR A 241 35.43 -17.32 10.84
N GLY A 242 34.70 -18.04 11.67
CA GLY A 242 35.27 -18.58 12.89
C GLY A 242 34.98 -17.68 14.07
N PRO A 243 35.54 -18.01 15.24
CA PRO A 243 35.30 -17.32 16.46
C PRO A 243 35.89 -15.93 16.42
N CYS A 244 35.27 -15.00 17.12
CA CYS A 244 35.66 -13.62 17.31
C CYS A 244 35.55 -13.38 18.79
N THR A 245 36.63 -12.85 19.37
CA THR A 245 36.68 -12.62 20.82
C THR A 245 36.41 -11.18 21.31
N ASN A 246 36.11 -10.25 20.39
CA ASN A 246 35.77 -8.86 20.65
C ASN A 246 34.39 -8.61 20.02
N VAL A 247 33.32 -8.85 20.76
CA VAL A 247 31.95 -8.84 20.25
C VAL A 247 31.17 -7.80 20.98
N SER A 248 30.46 -6.98 20.24
CA SER A 248 29.61 -5.98 20.84
C SER A 248 28.23 -6.02 20.26
N THR A 249 27.27 -5.54 21.01
CA THR A 249 25.91 -5.53 20.54
C THR A 249 25.53 -4.17 20.01
N VAL A 250 24.93 -4.13 18.84
CA VAL A 250 24.52 -2.88 18.28
C VAL A 250 23.06 -2.94 17.90
N GLN A 251 22.45 -1.77 17.76
CA GLN A 251 21.08 -1.72 17.30
C GLN A 251 20.97 -1.73 15.76
N CYS A 252 21.94 -1.06 15.07
CA CYS A 252 21.98 -0.88 13.62
C CYS A 252 23.43 -1.03 13.12
N THR A 253 23.57 -1.25 11.81
CA THR A 253 24.86 -1.35 11.14
C THR A 253 25.51 0.02 11.00
N HIS A 254 26.80 0.07 10.61
CA HIS A 254 27.60 1.31 10.54
C HIS A 254 27.29 2.35 9.47
N GLY A 255 26.56 1.98 8.47
CA GLY A 255 26.25 2.87 7.37
C GLY A 255 26.95 2.39 6.14
N ILE A 256 26.18 1.73 5.30
CA ILE A 256 26.68 1.10 4.11
C ILE A 256 26.18 1.79 2.88
N LYS A 257 27.06 2.17 2.00
CA LYS A 257 26.64 2.81 0.77
C LYS A 257 26.40 1.70 -0.24
N PRO A 258 25.21 1.54 -0.82
CA PRO A 258 24.87 0.51 -1.78
C PRO A 258 25.44 0.85 -3.14
N VAL A 259 26.76 0.84 -3.23
CA VAL A 259 27.49 1.15 -4.44
C VAL A 259 27.52 -0.08 -5.30
N VAL A 260 27.18 0.07 -6.56
CA VAL A 260 27.19 -1.03 -7.49
C VAL A 260 28.42 -0.97 -8.37
N SER A 261 29.22 -2.03 -8.37
CA SER A 261 30.41 -2.05 -9.21
C SER A 261 30.91 -3.47 -9.45
N THR A 262 31.81 -3.60 -10.42
CA THR A 262 32.48 -4.88 -10.65
C THR A 262 33.97 -4.71 -10.57
N GLN A 263 34.68 -5.81 -10.30
CA GLN A 263 36.15 -5.88 -10.24
C GLN A 263 36.77 -5.07 -9.11
N LEU A 264 36.53 -3.77 -9.09
CA LEU A 264 37.02 -2.93 -8.02
C LEU A 264 35.84 -2.47 -7.20
N LEU A 265 35.99 -2.56 -5.90
CA LEU A 265 34.98 -2.12 -4.97
C LEU A 265 35.27 -0.71 -4.60
N LEU A 266 34.31 0.15 -4.83
CA LEU A 266 34.49 1.56 -4.56
C LEU A 266 33.71 1.99 -3.31
N ASN A 267 34.27 3.00 -2.60
CA ASN A 267 33.73 3.74 -1.45
C ASN A 267 33.27 2.85 -0.27
N GLY A 268 34.00 1.76 0.05
CA GLY A 268 33.71 0.87 1.18
C GLY A 268 34.58 1.21 2.37
N SER A 269 34.62 0.30 3.31
CA SER A 269 35.41 0.48 4.50
C SER A 269 36.83 0.01 4.25
N LEU A 270 37.78 0.59 4.95
CA LEU A 270 39.15 0.12 4.87
C LEU A 270 39.49 -0.75 6.03
N ALA A 271 40.43 -1.64 5.82
CA ALA A 271 40.96 -2.49 6.87
C ALA A 271 41.74 -1.57 7.79
N GLU A 272 41.80 -1.87 9.08
CA GLU A 272 42.52 -0.95 9.96
C GLU A 272 44.01 -1.19 10.13
N GLU A 273 44.47 -2.43 10.02
CA GLU A 273 45.89 -2.67 10.23
C GLU A 273 46.68 -3.16 9.02
N GLU A 274 46.05 -3.97 8.17
CA GLU A 274 46.75 -4.56 7.04
C GLU A 274 45.78 -4.96 5.97
N VAL A 275 46.27 -5.31 4.80
CA VAL A 275 45.37 -5.80 3.77
C VAL A 275 44.84 -7.15 4.20
N ILE A 276 43.54 -7.34 4.14
CA ILE A 276 42.98 -8.62 4.57
C ILE A 276 42.39 -9.36 3.40
N ILE A 277 42.84 -10.58 3.21
CA ILE A 277 42.32 -11.36 2.11
C ILE A 277 41.34 -12.39 2.61
N ARG A 278 40.09 -12.26 2.19
CA ARG A 278 39.07 -13.14 2.69
C ARG A 278 38.44 -13.94 1.58
N SER A 279 38.36 -15.23 1.77
CA SER A 279 37.72 -16.05 0.76
C SER A 279 37.15 -17.25 1.41
N GLU A 280 36.19 -17.87 0.78
CA GLU A 280 35.66 -19.09 1.28
C GLU A 280 36.45 -20.21 0.63
N ASN A 281 37.00 -21.20 1.39
CA ASN A 281 37.67 -22.37 0.78
C ASN A 281 38.76 -21.97 -0.25
N ILE A 282 39.72 -21.08 0.15
CA ILE A 282 40.75 -20.44 -0.72
C ILE A 282 41.55 -21.33 -1.68
N THR A 283 41.65 -22.61 -1.40
CA THR A 283 42.40 -23.51 -2.25
C THR A 283 41.56 -23.93 -3.47
N ASN A 284 40.28 -23.58 -3.43
CA ASN A 284 39.30 -23.84 -4.45
C ASN A 284 39.36 -22.72 -5.47
N ASN A 285 39.69 -23.06 -6.70
CA ASN A 285 39.84 -22.02 -7.69
C ASN A 285 38.50 -21.38 -8.03
N ALA A 286 37.40 -22.10 -7.91
CA ALA A 286 36.10 -21.53 -8.29
C ALA A 286 35.44 -20.75 -7.16
N LYS A 287 36.17 -19.81 -6.61
CA LYS A 287 35.75 -18.93 -5.53
C LYS A 287 36.30 -17.53 -5.70
N ASN A 288 35.52 -16.53 -5.34
CA ASN A 288 36.03 -15.18 -5.42
C ASN A 288 36.81 -14.86 -4.17
N ILE A 289 37.87 -14.09 -4.33
CA ILE A 289 38.67 -13.62 -3.23
C ILE A 289 38.41 -12.15 -3.02
N LEU A 290 38.00 -11.79 -1.82
CA LEU A 290 37.70 -10.39 -1.55
C LEU A 290 38.88 -9.79 -0.83
N VAL A 291 39.51 -8.81 -1.45
CA VAL A 291 40.67 -8.23 -0.82
C VAL A 291 40.35 -6.88 -0.29
N GLN A 292 40.46 -6.70 1.00
CA GLN A 292 40.15 -5.41 1.60
C GLN A 292 41.42 -4.64 1.87
N LEU A 293 41.55 -3.48 1.29
CA LEU A 293 42.77 -2.72 1.40
C LEU A 293 42.75 -1.94 2.70
N ASN A 294 43.93 -1.60 3.28
CA ASN A 294 44.04 -0.75 4.48
C ASN A 294 44.18 0.76 4.17
N GLU A 295 44.40 1.12 2.88
CA GLU A 295 44.56 2.48 2.36
C GLU A 295 43.78 2.51 1.07
N SER A 296 43.11 3.60 0.80
CA SER A 296 42.38 3.74 -0.43
C SER A 296 43.26 4.15 -1.59
N VAL A 297 42.82 3.84 -2.80
CA VAL A 297 43.49 4.34 -3.99
C VAL A 297 42.51 5.28 -4.66
N GLN A 298 42.89 6.51 -4.87
CA GLN A 298 41.93 7.42 -5.45
C GLN A 298 41.91 7.28 -6.95
N ILE A 299 40.71 7.14 -7.51
CA ILE A 299 40.53 7.00 -8.95
C ILE A 299 39.65 8.15 -9.48
N ASN A 300 40.13 8.91 -10.51
CA ASN A 300 39.45 10.06 -11.10
C ASN A 300 38.84 9.69 -12.47
N CYS A 301 37.50 9.60 -12.56
CA CYS A 301 36.79 9.17 -13.78
C CYS A 301 36.03 10.32 -14.40
N THR A 302 36.09 10.40 -15.72
CA THR A 302 35.36 11.43 -16.41
C THR A 302 34.79 11.05 -17.74
N ARG A 303 33.77 11.80 -18.10
CA ARG A 303 33.08 11.73 -19.36
C ARG A 303 33.20 13.14 -19.91
N PRO A 304 34.27 13.47 -20.65
CA PRO A 304 34.70 14.80 -21.04
C PRO A 304 33.79 15.52 -22.03
N ASN A 305 32.93 14.80 -22.70
CA ASN A 305 32.08 15.41 -23.69
C ASN A 305 30.98 16.21 -23.02
N ASN A 306 30.67 17.40 -23.57
CA ASN A 306 29.61 18.28 -23.12
C ASN A 306 28.30 17.93 -23.85
N ASN A 307 27.44 17.14 -23.19
CA ASN A 307 26.18 16.64 -23.76
C ASN A 307 25.03 17.55 -23.49
N THR A 308 24.06 17.45 -24.34
CA THR A 308 22.82 18.16 -24.12
C THR A 308 21.72 17.16 -24.26
N ARG A 309 20.50 17.60 -24.07
CA ARG A 309 19.41 16.66 -24.19
C ARG A 309 18.40 17.16 -25.18
N LYS A 310 17.74 16.23 -25.81
CA LYS A 310 16.68 16.53 -26.73
C LYS A 310 15.42 15.88 -26.27
N SER A 311 14.40 16.65 -26.03
CA SER A 311 13.18 16.08 -25.52
C SER A 311 12.21 15.79 -26.65
N ILE A 312 11.86 14.53 -26.82
CA ILE A 312 10.97 14.11 -27.89
C ILE A 312 9.63 13.72 -27.30
N ARG A 313 8.58 14.39 -27.73
CA ARG A 313 7.26 14.11 -27.18
C ARG A 313 6.75 12.84 -27.79
N ILE A 314 6.34 11.89 -26.95
CA ILE A 314 5.85 10.62 -27.47
C ILE A 314 4.44 10.27 -27.02
N GLY A 315 3.76 11.23 -26.44
CA GLY A 315 2.43 10.99 -25.95
C GLY A 315 1.92 12.19 -25.19
N PRO A 316 0.71 12.11 -24.66
CA PRO A 316 -0.01 13.17 -23.98
C PRO A 316 0.56 13.42 -22.61
N GLY A 317 1.68 14.12 -22.57
CA GLY A 317 2.36 14.39 -21.33
C GLY A 317 3.56 13.50 -21.09
N GLN A 318 4.04 12.80 -22.12
CA GLN A 318 5.19 11.94 -21.93
C GLN A 318 6.31 12.24 -22.88
N TRP A 319 7.52 12.28 -22.37
CA TRP A 319 8.68 12.55 -23.19
C TRP A 319 9.80 11.56 -23.05
N PHE A 320 10.45 11.33 -24.17
CA PHE A 320 11.67 10.55 -24.29
C PHE A 320 12.85 11.47 -24.28
N TYR A 321 13.87 11.16 -23.50
CA TYR A 321 15.04 12.03 -23.49
C TYR A 321 16.14 11.42 -24.32
N ALA A 322 16.43 12.06 -25.42
CA ALA A 322 17.40 11.61 -26.37
C ALA A 322 18.70 12.33 -26.20
N THR A 323 19.80 11.69 -26.55
CA THR A 323 21.06 12.40 -26.53
C THR A 323 21.05 13.40 -27.66
N GLY A 324 21.39 14.64 -27.36
CA GLY A 324 21.41 15.68 -28.38
C GLY A 324 22.82 15.87 -28.93
N ASP A 325 23.07 16.99 -29.58
CA ASP A 325 24.37 17.23 -30.16
C ASP A 325 25.44 17.42 -29.11
N ILE A 326 26.66 17.01 -29.41
CA ILE A 326 27.76 17.25 -28.51
C ILE A 326 28.34 18.61 -28.83
N ILE A 327 28.55 19.40 -27.81
CA ILE A 327 29.06 20.73 -28.00
C ILE A 327 30.57 20.70 -27.80
N GLY A 328 31.31 21.14 -28.78
CA GLY A 328 32.75 21.08 -28.72
C GLY A 328 33.19 19.73 -29.27
N ASP A 329 34.45 19.39 -29.09
CA ASP A 329 35.01 18.17 -29.64
C ASP A 329 34.61 16.94 -28.85
N ILE A 330 34.70 15.78 -29.49
CA ILE A 330 34.32 14.51 -28.90
C ILE A 330 35.52 13.65 -28.52
N ARG A 331 35.63 13.37 -27.22
CA ARG A 331 36.76 12.63 -26.67
C ARG A 331 36.31 11.40 -25.87
N GLN A 332 37.20 10.44 -25.70
CA GLN A 332 36.85 9.22 -24.95
C GLN A 332 36.86 9.38 -23.43
N ALA A 333 35.86 8.75 -22.80
CA ALA A 333 35.74 8.70 -21.34
C ALA A 333 36.89 7.89 -20.79
N HIS A 334 37.36 8.24 -19.62
CA HIS A 334 38.49 7.54 -19.05
C HIS A 334 38.59 7.70 -17.54
N CYS A 335 39.39 6.82 -16.87
CA CYS A 335 39.72 6.89 -15.43
C CYS A 335 41.23 6.93 -15.20
N ASN A 336 41.65 7.76 -14.26
CA ASN A 336 43.04 7.92 -13.89
C ASN A 336 43.36 7.36 -12.49
N VAL A 337 44.34 6.41 -12.42
CA VAL A 337 44.84 5.78 -11.19
C VAL A 337 46.34 6.09 -11.07
N SER A 338 46.81 6.66 -9.95
CA SER A 338 48.23 7.01 -9.85
C SER A 338 49.10 5.77 -9.90
N LYS A 339 50.24 5.83 -10.61
CA LYS A 339 51.10 4.65 -10.68
C LYS A 339 51.75 4.25 -9.40
N ALA A 340 52.24 5.21 -8.62
CA ALA A 340 52.93 4.80 -7.42
C ALA A 340 51.99 4.20 -6.40
N THR A 341 50.80 4.78 -6.28
CA THR A 341 49.86 4.29 -5.31
C THR A 341 49.40 2.93 -5.71
N TRP A 342 49.09 2.74 -6.98
CA TRP A 342 48.65 1.44 -7.41
C TRP A 342 49.73 0.39 -7.21
N ASN A 343 51.02 0.67 -7.54
CA ASN A 343 52.13 -0.28 -7.40
C ASN A 343 52.34 -0.72 -5.94
N GLU A 344 52.27 0.22 -4.96
CA GLU A 344 52.41 -0.09 -3.54
C GLU A 344 51.22 -0.89 -3.05
N THR A 345 50.03 -0.54 -3.54
CA THR A 345 48.83 -1.22 -3.15
C THR A 345 48.87 -2.64 -3.63
N LEU A 346 49.27 -2.84 -4.87
CA LEU A 346 49.29 -4.16 -5.42
C LEU A 346 50.37 -4.98 -4.72
N GLY A 347 51.51 -4.37 -4.40
CA GLY A 347 52.58 -5.08 -3.72
C GLY A 347 52.11 -5.61 -2.36
N LYS A 348 51.32 -4.83 -1.62
CA LYS A 348 50.79 -5.29 -0.34
C LYS A 348 49.87 -6.49 -0.51
N VAL A 349 49.09 -6.49 -1.58
CA VAL A 349 48.20 -7.62 -1.83
C VAL A 349 49.04 -8.86 -2.07
N VAL A 350 50.10 -8.73 -2.84
CA VAL A 350 50.98 -9.87 -3.10
C VAL A 350 51.62 -10.38 -1.83
N LYS A 351 52.11 -9.48 -0.99
CA LYS A 351 52.75 -9.90 0.25
C LYS A 351 51.80 -10.78 1.06
N GLN A 352 50.53 -10.41 1.11
CA GLN A 352 49.54 -11.19 1.85
C GLN A 352 49.12 -12.46 1.10
N LEU A 353 49.04 -12.44 -0.23
CA LEU A 353 48.66 -13.65 -0.94
C LEU A 353 49.69 -14.75 -0.70
N ARG A 354 50.95 -14.39 -0.60
CA ARG A 354 51.98 -15.39 -0.39
C ARG A 354 51.78 -16.19 0.91
N LYS A 355 51.03 -15.66 1.87
CA LYS A 355 50.81 -16.40 3.10
C LYS A 355 49.98 -17.66 2.85
N HIS A 356 49.23 -17.70 1.77
CA HIS A 356 48.40 -18.84 1.47
C HIS A 356 49.00 -19.66 0.34
N PHE A 357 49.81 -19.02 -0.51
CA PHE A 357 50.33 -19.72 -1.68
C PHE A 357 51.82 -20.08 -1.66
N GLY A 358 52.59 -19.57 -0.68
CA GLY A 358 54.02 -19.86 -0.54
C GLY A 358 54.93 -18.63 -0.74
N ASN A 359 56.01 -18.54 0.09
CA ASN A 359 56.98 -17.44 0.13
C ASN A 359 57.83 -17.30 -1.15
N ASN A 360 58.01 -18.40 -1.92
CA ASN A 360 58.77 -18.48 -3.15
C ASN A 360 57.87 -18.80 -4.33
N THR A 361 56.58 -18.53 -4.17
CA THR A 361 55.62 -18.76 -5.23
C THR A 361 55.46 -17.46 -6.00
N ILE A 362 55.51 -17.55 -7.32
CA ILE A 362 55.39 -16.38 -8.15
C ILE A 362 53.96 -16.00 -8.34
N ILE A 363 53.68 -14.73 -8.13
CA ILE A 363 52.33 -14.23 -8.29
C ILE A 363 52.22 -13.34 -9.48
N ARG A 364 51.29 -13.67 -10.34
CA ARG A 364 51.14 -12.89 -11.52
C ARG A 364 49.74 -12.39 -11.66
N PHE A 365 49.63 -11.14 -12.02
CA PHE A 365 48.33 -10.58 -12.26
C PHE A 365 48.12 -10.50 -13.73
N ALA A 366 46.97 -10.92 -14.14
CA ALA A 366 46.56 -10.92 -15.51
C ALA A 366 45.21 -10.24 -15.56
N ASN A 367 44.80 -9.75 -16.74
CA ASN A 367 43.51 -9.08 -16.90
C ASN A 367 42.37 -10.10 -16.99
N SER A 368 41.13 -9.62 -17.18
CA SER A 368 39.93 -10.45 -17.17
C SER A 368 39.82 -11.37 -18.38
N SER A 369 38.95 -12.36 -18.26
CA SER A 369 38.76 -13.32 -19.33
C SER A 369 37.58 -12.90 -20.16
N GLY A 370 37.04 -13.82 -20.93
CA GLY A 370 35.93 -13.45 -21.79
C GLY A 370 34.67 -13.42 -20.95
N GLY A 371 33.56 -13.07 -21.59
CA GLY A 371 32.31 -12.96 -20.87
C GLY A 371 31.63 -11.66 -21.23
N ASP A 372 30.53 -11.39 -20.56
CA ASP A 372 29.73 -10.20 -20.79
C ASP A 372 30.50 -8.92 -20.45
N LEU A 373 30.22 -7.81 -21.15
CA LEU A 373 30.90 -6.54 -20.88
C LEU A 373 30.77 -6.19 -19.41
N GLU A 374 29.63 -6.51 -18.84
CA GLU A 374 29.30 -6.23 -17.46
C GLU A 374 30.23 -6.91 -16.45
N VAL A 375 30.95 -7.96 -16.84
CA VAL A 375 31.86 -8.62 -15.92
C VAL A 375 33.33 -8.57 -16.37
N THR A 376 33.58 -8.33 -17.66
CA THR A 376 34.96 -8.29 -18.13
C THR A 376 35.55 -6.91 -17.90
N THR A 377 34.68 -5.91 -17.72
CA THR A 377 35.09 -4.54 -17.42
C THR A 377 34.66 -4.13 -16.02
N HIS A 378 35.17 -2.97 -15.61
CA HIS A 378 34.84 -2.34 -14.35
C HIS A 378 33.65 -1.46 -14.53
N SER A 379 32.52 -1.95 -14.07
CA SER A 379 31.29 -1.24 -14.24
C SER A 379 31.03 -0.37 -13.05
N PHE A 380 30.53 0.83 -13.29
CA PHE A 380 30.10 1.71 -12.21
C PHE A 380 29.14 2.80 -12.67
N ASN A 381 28.38 3.33 -11.72
CA ASN A 381 27.46 4.44 -11.94
C ASN A 381 28.08 5.76 -11.43
N CYS A 382 28.46 6.67 -12.34
CA CYS A 382 29.17 7.92 -12.08
C CYS A 382 28.37 9.13 -12.55
N GLY A 383 27.75 9.81 -11.61
CA GLY A 383 26.95 10.97 -11.94
C GLY A 383 25.59 10.59 -12.47
N GLY A 384 25.32 9.30 -12.48
CA GLY A 384 24.10 8.76 -13.03
C GLY A 384 24.40 8.13 -14.40
N GLU A 385 25.62 8.33 -14.91
CA GLU A 385 26.01 7.75 -16.18
C GLU A 385 26.58 6.36 -15.97
N PHE A 386 26.46 5.49 -16.97
CA PHE A 386 27.00 4.13 -16.81
C PHE A 386 28.26 3.86 -17.59
N PHE A 387 29.34 3.61 -16.84
CA PHE A 387 30.68 3.37 -17.35
C PHE A 387 31.08 1.93 -17.29
N TYR A 388 31.80 1.50 -18.33
CA TYR A 388 32.39 0.16 -18.48
C TYR A 388 33.87 0.29 -18.83
N CYS A 389 34.76 0.36 -17.81
CA CYS A 389 36.18 0.69 -17.97
C CYS A 389 37.08 -0.54 -18.09
N ASN A 390 38.10 -0.39 -18.91
CA ASN A 390 39.12 -1.40 -19.19
C ASN A 390 40.25 -1.34 -18.15
N THR A 391 40.36 -2.40 -17.32
CA THR A 391 41.27 -2.57 -16.18
C THR A 391 42.53 -3.36 -16.50
N SER A 392 42.79 -3.62 -17.77
CA SER A 392 43.97 -4.38 -18.16
C SER A 392 45.23 -3.59 -17.91
N GLY A 393 45.08 -2.30 -17.70
CA GLY A 393 46.19 -1.42 -17.39
C GLY A 393 46.56 -1.48 -15.91
N LEU A 394 45.74 -2.17 -15.11
CA LEU A 394 46.01 -2.28 -13.70
C LEU A 394 46.50 -3.68 -13.36
N PHE A 395 45.79 -4.67 -13.87
CA PHE A 395 46.12 -6.05 -13.57
C PHE A 395 47.04 -6.65 -14.59
N ASN A 396 48.26 -6.16 -14.59
CA ASN A 396 49.24 -6.64 -15.56
C ASN A 396 50.67 -6.58 -15.04
N SER A 397 51.07 -7.55 -14.23
CA SER A 397 52.42 -7.53 -13.66
C SER A 397 52.86 -8.89 -13.14
N THR A 398 54.17 -9.10 -12.99
CA THR A 398 54.66 -10.34 -12.38
C THR A 398 55.51 -10.02 -11.16
N TRP A 399 55.15 -10.62 -10.03
CA TRP A 399 55.80 -10.39 -8.76
C TRP A 399 56.64 -11.59 -8.32
N ILE A 400 57.96 -11.38 -8.09
CA ILE A 400 58.93 -12.43 -7.71
C ILE A 400 59.67 -11.98 -6.44
N ASP A 415 53.33 9.20 -14.68
CA ASP A 415 52.91 9.23 -13.28
C ASP A 415 51.54 8.58 -12.99
N SER A 416 50.70 8.32 -14.03
CA SER A 416 49.35 7.75 -13.88
C SER A 416 49.01 6.77 -14.98
N ILE A 417 48.05 5.92 -14.66
CA ILE A 417 47.54 4.90 -15.53
C ILE A 417 46.20 5.35 -16.06
N THR A 418 46.05 5.38 -17.37
CA THR A 418 44.77 5.80 -17.92
C THR A 418 44.02 4.58 -18.37
N LEU A 419 42.81 4.45 -17.90
CA LEU A 419 41.94 3.35 -18.26
C LEU A 419 40.90 3.87 -19.25
N PRO A 420 40.86 3.42 -20.50
CA PRO A 420 39.86 3.80 -21.46
C PRO A 420 38.54 3.31 -20.93
N CYS A 421 37.43 4.08 -21.14
CA CYS A 421 36.09 3.68 -20.70
C CYS A 421 35.04 3.79 -21.80
N ARG A 422 34.09 2.88 -21.78
CA ARG A 422 32.95 2.93 -22.65
C ARG A 422 31.72 3.37 -21.90
N ILE A 423 30.77 3.97 -22.61
CA ILE A 423 29.51 4.42 -22.03
C ILE A 423 28.36 3.67 -22.67
N LYS A 424 27.39 3.23 -21.88
CA LYS A 424 26.25 2.49 -22.41
C LYS A 424 24.95 3.05 -21.83
N GLN A 425 23.88 3.22 -22.63
CA GLN A 425 22.61 3.73 -22.10
C GLN A 425 21.53 2.69 -21.83
N ILE A 426 21.54 1.52 -22.48
CA ILE A 426 20.48 0.55 -22.18
C ILE A 426 21.09 -0.47 -21.25
N ILE A 427 20.62 -0.45 -20.02
CA ILE A 427 21.20 -1.21 -18.96
C ILE A 427 20.38 -2.39 -18.50
N ASN A 428 21.01 -3.54 -18.39
CA ASN A 428 20.38 -4.76 -17.91
C ASN A 428 21.09 -5.12 -16.61
N MET A 429 20.43 -4.90 -15.48
CA MET A 429 21.10 -5.11 -14.21
C MET A 429 20.88 -6.48 -13.58
N TRP A 430 21.86 -6.87 -12.79
CA TRP A 430 21.84 -8.10 -12.00
C TRP A 430 21.62 -9.34 -12.82
N GLN A 431 22.21 -9.35 -14.01
CA GLN A 431 22.16 -10.45 -14.96
C GLN A 431 20.75 -10.84 -15.39
N ARG A 432 19.78 -9.95 -15.24
CA ARG A 432 18.45 -10.27 -15.68
C ARG A 432 18.35 -9.85 -17.13
N ILE A 433 17.56 -10.56 -17.92
CA ILE A 433 17.37 -10.15 -19.30
C ILE A 433 15.93 -9.77 -19.65
N GLY A 434 14.99 -10.02 -18.75
CA GLY A 434 13.57 -9.76 -19.03
C GLY A 434 13.17 -8.32 -18.75
N GLN A 435 14.11 -7.53 -18.27
CA GLN A 435 13.92 -6.14 -17.94
C GLN A 435 15.06 -5.34 -18.52
N ALA A 436 14.80 -4.10 -18.86
CA ALA A 436 15.87 -3.21 -19.32
C ALA A 436 15.51 -1.80 -18.96
N MET A 437 16.53 -1.00 -18.69
CA MET A 437 16.33 0.38 -18.37
C MET A 437 17.04 1.28 -19.33
N TYR A 438 16.42 2.38 -19.71
CA TYR A 438 17.12 3.35 -20.51
C TYR A 438 17.57 4.45 -19.58
N ALA A 439 18.87 4.69 -19.57
CA ALA A 439 19.43 5.71 -18.73
C ALA A 439 19.42 7.02 -19.52
N PRO A 440 18.65 8.04 -19.13
CA PRO A 440 18.54 9.28 -19.85
C PRO A 440 19.93 9.86 -19.91
N PRO A 441 20.25 10.65 -20.91
CA PRO A 441 21.50 11.33 -21.06
C PRO A 441 21.61 12.37 -20.00
N ILE A 442 22.81 12.69 -19.61
CA ILE A 442 23.06 13.70 -18.62
C ILE A 442 23.79 14.87 -19.21
N GLN A 443 23.17 16.02 -19.06
CA GLN A 443 23.65 17.28 -19.58
C GLN A 443 24.92 17.72 -18.91
N GLY A 444 25.84 18.25 -19.70
CA GLY A 444 27.09 18.73 -19.15
C GLY A 444 28.18 17.68 -19.22
N VAL A 445 29.17 17.86 -18.35
CA VAL A 445 30.39 17.06 -18.31
C VAL A 445 30.45 16.37 -16.95
N ILE A 446 30.76 15.08 -16.93
CA ILE A 446 30.78 14.34 -15.69
C ILE A 446 32.16 14.03 -15.16
N ARG A 447 32.37 14.33 -13.88
CA ARG A 447 33.60 13.98 -13.21
C ARG A 447 33.29 13.40 -11.83
N CYS A 448 33.89 12.23 -11.47
CA CYS A 448 33.76 11.55 -10.18
C CYS A 448 35.13 11.28 -9.59
N VAL A 449 35.23 11.45 -8.29
CA VAL A 449 36.42 11.07 -7.58
C VAL A 449 36.02 9.98 -6.63
N SER A 450 36.50 8.77 -6.87
CA SER A 450 36.09 7.63 -6.07
C SER A 450 37.28 6.98 -5.37
N ASN A 451 37.01 6.23 -4.30
CA ASN A 451 38.01 5.49 -3.52
C ASN A 451 37.94 3.99 -3.80
N ILE A 452 39.06 3.37 -4.23
CA ILE A 452 39.15 1.91 -4.41
C ILE A 452 39.48 1.39 -3.03
N THR A 453 38.58 0.61 -2.47
CA THR A 453 38.73 0.11 -1.11
C THR A 453 38.94 -1.38 -1.10
N GLY A 454 38.67 -2.02 -2.22
CA GLY A 454 38.89 -3.45 -2.28
C GLY A 454 38.84 -3.98 -3.68
N LEU A 455 39.35 -5.19 -3.84
CA LEU A 455 39.42 -5.83 -5.14
C LEU A 455 38.67 -7.15 -5.12
N ILE A 456 38.10 -7.58 -6.25
CA ILE A 456 37.59 -8.94 -6.30
C ILE A 456 38.42 -9.73 -7.31
N LEU A 457 39.16 -10.71 -6.81
CA LEU A 457 40.05 -11.52 -7.63
C LEU A 457 39.61 -12.97 -7.72
N THR A 458 39.99 -13.64 -8.80
CA THR A 458 39.77 -15.08 -8.87
C THR A 458 41.08 -15.76 -9.22
N ARG A 459 41.19 -17.06 -8.98
CA ARG A 459 42.41 -17.77 -9.35
C ARG A 459 42.23 -18.44 -10.69
N ASP A 460 43.27 -18.40 -11.51
CA ASP A 460 43.22 -19.05 -12.80
C ASP A 460 43.68 -20.50 -12.67
N GLY A 461 42.71 -21.46 -12.73
CA GLY A 461 42.85 -22.91 -12.57
C GLY A 461 44.13 -23.39 -11.87
N ASN A 465 50.30 -26.54 -12.56
CA ASN A 465 50.40 -25.16 -12.10
C ASN A 465 51.83 -24.80 -11.64
N SER A 466 52.55 -25.78 -11.03
CA SER A 466 53.91 -25.66 -10.50
C SER A 466 54.05 -24.57 -9.44
N THR A 467 54.82 -23.53 -9.73
CA THR A 467 55.07 -22.47 -8.80
C THR A 467 54.47 -21.13 -9.20
N THR A 468 53.58 -21.10 -10.20
CA THR A 468 53.05 -19.79 -10.58
C THR A 468 51.54 -19.71 -10.38
N GLU A 469 51.12 -18.70 -9.63
CA GLU A 469 49.72 -18.46 -9.35
C GLU A 469 49.23 -17.20 -10.05
N THR A 470 48.38 -17.37 -11.05
CA THR A 470 47.88 -16.24 -11.80
C THR A 470 46.51 -15.84 -11.30
N PHE A 471 46.38 -14.56 -10.99
CA PHE A 471 45.14 -14.00 -10.47
C PHE A 471 44.55 -13.04 -11.48
N ARG A 472 43.24 -13.03 -11.57
CA ARG A 472 42.57 -12.15 -12.50
C ARG A 472 41.46 -11.42 -11.78
N PRO A 473 41.10 -10.20 -12.17
CA PRO A 473 39.97 -9.49 -11.62
C PRO A 473 38.73 -10.15 -12.15
N GLY A 474 37.67 -10.13 -11.38
CA GLY A 474 36.42 -10.66 -11.92
C GLY A 474 35.35 -10.95 -10.88
N GLY A 475 34.21 -11.41 -11.36
CA GLY A 475 33.06 -11.75 -10.55
C GLY A 475 31.94 -10.73 -10.74
N GLY A 476 30.77 -11.22 -11.15
CA GLY A 476 29.63 -10.34 -11.41
C GLY A 476 28.49 -10.47 -10.41
N ASP A 477 28.68 -11.25 -9.36
CA ASP A 477 27.60 -11.45 -8.41
C ASP A 477 27.61 -10.36 -7.36
N MET A 478 26.60 -9.53 -7.40
CA MET A 478 26.50 -8.38 -6.51
C MET A 478 26.47 -8.72 -5.05
N ARG A 479 26.15 -9.94 -4.71
CA ARG A 479 26.14 -10.26 -3.31
C ARG A 479 27.53 -10.05 -2.73
N ASP A 480 28.57 -10.28 -3.52
CA ASP A 480 29.92 -10.15 -3.03
C ASP A 480 30.32 -8.71 -2.76
N ASN A 481 29.55 -7.75 -3.25
CA ASN A 481 29.89 -6.37 -2.98
C ASN A 481 29.31 -5.94 -1.67
N TRP A 482 28.46 -6.78 -1.08
CA TRP A 482 27.81 -6.45 0.15
C TRP A 482 28.39 -7.28 1.25
N ARG A 483 28.94 -8.44 0.90
CA ARG A 483 29.58 -9.31 1.88
C ARG A 483 30.78 -8.59 2.43
N SER A 484 31.33 -7.68 1.65
CA SER A 484 32.51 -6.93 1.99
C SER A 484 32.26 -5.88 3.08
N GLU A 485 31.01 -5.54 3.35
CA GLU A 485 30.69 -4.60 4.42
C GLU A 485 29.99 -5.36 5.52
N LEU A 486 29.08 -6.24 5.14
CA LEU A 486 28.33 -7.04 6.09
C LEU A 486 29.07 -8.31 6.41
N TYR A 487 30.25 -8.19 6.97
CA TYR A 487 31.00 -9.39 7.34
C TYR A 487 31.21 -9.40 8.83
N LYS A 488 31.02 -8.26 9.46
CA LYS A 488 31.23 -8.12 10.87
C LYS A 488 29.96 -8.34 11.61
N TYR A 489 28.86 -8.48 10.90
CA TYR A 489 27.59 -8.55 11.59
C TYR A 489 26.90 -9.88 11.54
N LYS A 490 26.27 -10.22 12.65
CA LYS A 490 25.45 -11.42 12.78
C LYS A 490 24.11 -11.09 13.44
N VAL A 491 23.04 -11.71 13.01
CA VAL A 491 21.76 -11.48 13.66
C VAL A 491 21.39 -12.58 14.63
N VAL A 492 21.05 -12.20 15.85
CA VAL A 492 20.67 -13.18 16.83
C VAL A 492 19.31 -12.88 17.44
N LYS A 493 18.61 -13.92 17.80
CA LYS A 493 17.30 -13.85 18.44
C LYS A 493 17.45 -13.93 19.92
N ILE A 494 16.80 -13.03 20.64
CA ILE A 494 16.92 -13.05 22.07
C ILE A 494 15.91 -14.02 22.66
N GLU A 495 16.40 -14.87 23.56
CA GLU A 495 15.62 -15.89 24.24
C GLU A 495 15.64 -15.67 25.75
N PRO A 496 14.80 -14.78 26.26
CA PRO A 496 14.82 -14.25 27.62
C PRO A 496 14.36 -15.19 28.70
N LEU A 497 13.78 -16.33 28.34
CA LEU A 497 13.24 -17.18 29.39
C LEU A 497 14.10 -18.40 29.62
N GLY A 498 14.37 -18.72 30.87
CA GLY A 498 15.12 -19.94 31.17
C GLY A 498 15.01 -20.35 32.62
N VAL A 499 15.57 -21.52 32.94
CA VAL A 499 15.47 -22.04 34.29
C VAL A 499 16.82 -22.44 34.82
N ALA A 500 16.94 -22.54 36.14
CA ALA A 500 18.16 -23.00 36.80
C ALA A 500 17.83 -23.47 38.21
N PRO A 501 18.60 -24.38 38.85
CA PRO A 501 18.41 -24.79 40.22
C PRO A 501 18.77 -23.72 41.23
N THR A 502 17.92 -23.57 42.23
CA THR A 502 18.11 -22.67 43.36
C THR A 502 17.65 -23.35 44.64
N ARG A 503 17.79 -22.67 45.78
CA ARG A 503 17.34 -23.25 47.06
C ARG A 503 15.97 -22.79 47.62
N CYS A 504 15.15 -22.02 46.83
CA CYS A 504 13.85 -21.49 47.24
C CYS A 504 12.69 -22.43 46.89
N LYS A 505 11.59 -22.28 47.61
CA LYS A 505 10.39 -23.11 47.46
C LYS A 505 9.18 -22.27 47.81
N ARG A 506 7.98 -22.75 47.47
CA ARG A 506 6.70 -22.12 47.83
C ARG A 506 6.44 -20.71 47.31
N ARG A 507 6.88 -20.41 46.08
CA ARG A 507 6.65 -19.14 45.37
C ARG A 507 6.87 -17.88 46.23
N GLY B 10 21.96 -0.71 28.55
CA GLY B 10 22.94 -1.74 28.86
C GLY B 10 22.47 -3.17 28.52
N PHE B 11 21.69 -3.31 27.43
CA PHE B 11 21.11 -4.56 26.93
C PHE B 11 22.21 -5.55 26.54
N LEU B 12 22.12 -6.75 27.09
CA LEU B 12 23.08 -7.83 26.98
C LEU B 12 24.43 -7.50 27.59
N GLY B 13 24.52 -6.46 28.40
CA GLY B 13 25.80 -6.12 29.00
C GLY B 13 26.33 -7.25 29.86
N ALA B 14 25.43 -7.99 30.48
CA ALA B 14 25.77 -9.09 31.37
C ALA B 14 25.93 -10.41 30.62
N ALA B 15 25.85 -10.42 29.31
CA ALA B 15 25.90 -11.68 28.58
C ALA B 15 27.14 -12.51 28.86
N GLY B 16 28.28 -11.87 29.08
CA GLY B 16 29.49 -12.65 29.35
C GLY B 16 29.74 -12.87 30.86
N SER B 17 28.86 -12.37 31.71
CA SER B 17 29.05 -12.47 33.15
C SER B 17 28.46 -13.75 33.67
N THR B 18 28.83 -14.14 34.88
CA THR B 18 28.24 -15.35 35.38
C THR B 18 26.79 -15.14 35.72
N MET B 19 26.08 -16.23 35.85
CA MET B 19 24.66 -16.25 36.14
C MET B 19 24.34 -15.49 37.41
N GLY B 20 25.21 -15.62 38.40
CA GLY B 20 25.03 -14.94 39.66
C GLY B 20 24.98 -13.42 39.52
N ALA B 21 25.69 -12.84 38.56
CA ALA B 21 25.65 -11.41 38.39
C ALA B 21 24.57 -11.02 37.41
N ALA B 22 24.41 -11.82 36.37
CA ALA B 22 23.49 -11.56 35.29
C ALA B 22 22.04 -11.55 35.75
N SER B 23 21.73 -12.29 36.81
CA SER B 23 20.36 -12.32 37.32
C SER B 23 19.95 -10.96 37.89
N MET B 24 20.89 -10.04 38.09
CA MET B 24 20.57 -8.72 38.60
C MET B 24 20.24 -7.70 37.51
N THR B 25 20.30 -8.10 36.24
CA THR B 25 20.04 -7.21 35.11
C THR B 25 18.81 -7.63 34.32
N LEU B 26 17.91 -8.36 34.94
CA LEU B 26 16.76 -8.88 34.23
C LEU B 26 15.83 -7.75 33.73
N THR B 27 15.78 -6.62 34.43
CA THR B 27 14.91 -5.53 34.02
C THR B 27 15.38 -4.85 32.75
N VAL B 28 16.70 -4.77 32.53
CA VAL B 28 17.17 -4.10 31.32
C VAL B 28 16.90 -5.00 30.16
N GLN B 29 16.97 -6.30 30.37
CA GLN B 29 16.70 -7.14 29.25
C GLN B 29 15.20 -7.14 28.94
N ALA B 30 14.38 -7.27 29.98
CA ALA B 30 12.95 -7.38 29.79
C ALA B 30 12.30 -6.14 29.18
N ARG B 31 12.76 -4.96 29.55
CA ARG B 31 12.09 -3.75 29.08
C ARG B 31 12.43 -3.42 27.65
N ASN B 32 13.39 -4.11 27.06
CA ASN B 32 13.80 -3.87 25.69
C ASN B 32 13.33 -4.95 24.72
N LEU B 33 12.42 -5.82 25.16
CA LEU B 33 11.95 -6.89 24.29
C LEU B 33 10.73 -6.56 23.46
N LEU B 34 9.92 -5.59 23.87
CA LEU B 34 8.67 -5.32 23.17
C LEU B 34 8.80 -4.27 22.07
N SER B 35 9.70 -3.31 22.24
CA SER B 35 9.85 -2.23 21.27
C SER B 35 11.29 -1.70 21.25
N GLY B 36 11.84 -1.45 20.02
CA GLY B 36 13.19 -0.94 19.81
C GLY B 36 14.25 -2.03 19.96
N GLY B 61 6.51 -2.88 2.60
CA GLY B 61 5.65 -2.30 3.63
C GLY B 61 4.98 -3.35 4.51
N ILE B 62 4.50 -4.47 3.90
CA ILE B 62 3.83 -5.58 4.57
C ILE B 62 4.79 -6.26 5.52
N LYS B 63 6.08 -6.24 5.18
CA LYS B 63 7.06 -6.84 6.03
C LYS B 63 7.23 -6.06 7.33
N GLN B 64 6.89 -4.75 7.35
CA GLN B 64 7.05 -4.03 8.60
C GLN B 64 5.95 -4.48 9.53
N LEU B 65 4.74 -4.67 8.98
CA LEU B 65 3.68 -5.15 9.85
C LEU B 65 3.95 -6.54 10.33
N GLN B 66 4.52 -7.38 9.48
CA GLN B 66 4.80 -8.72 9.92
C GLN B 66 5.84 -8.70 11.02
N ALA B 67 6.84 -7.82 10.92
CA ALA B 67 7.84 -7.73 11.97
C ALA B 67 7.23 -7.29 13.29
N ARG B 68 6.27 -6.36 13.23
CA ARG B 68 5.61 -5.86 14.44
C ARG B 68 4.70 -6.90 15.04
N VAL B 69 3.98 -7.63 14.21
CA VAL B 69 3.10 -8.67 14.70
C VAL B 69 3.92 -9.75 15.34
N LEU B 70 5.04 -10.14 14.72
CA LEU B 70 5.85 -11.16 15.32
C LEU B 70 6.41 -10.70 16.65
N ALA B 71 6.87 -9.45 16.77
CA ALA B 71 7.39 -9.04 18.06
C ALA B 71 6.32 -9.19 19.13
N VAL B 72 5.08 -8.86 18.80
CA VAL B 72 4.02 -9.01 19.76
C VAL B 72 3.73 -10.47 20.05
N GLU B 73 3.66 -11.33 19.03
CA GLU B 73 3.38 -12.72 19.33
C GLU B 73 4.47 -13.35 20.16
N ARG B 74 5.72 -13.03 19.92
CA ARG B 74 6.76 -13.66 20.71
C ARG B 74 6.67 -13.20 22.15
N TYR B 75 6.40 -11.91 22.36
CA TYR B 75 6.28 -11.37 23.68
C TYR B 75 5.16 -12.08 24.42
N LEU B 76 4.00 -12.18 23.79
CA LEU B 76 2.88 -12.80 24.45
C LEU B 76 3.09 -14.26 24.71
N ARG B 77 3.77 -14.99 23.83
CA ARG B 77 3.95 -16.40 24.11
C ARG B 77 4.76 -16.57 25.38
N ASP B 78 5.79 -15.75 25.60
CA ASP B 78 6.55 -15.89 26.83
C ASP B 78 5.74 -15.45 28.03
N GLN B 79 4.92 -14.42 27.88
CA GLN B 79 4.13 -14.01 29.02
C GLN B 79 3.06 -15.03 29.35
N GLN B 80 2.47 -15.67 28.34
CA GLN B 80 1.47 -16.67 28.61
C GLN B 80 2.08 -17.82 29.34
N LEU B 81 3.28 -18.20 28.93
CA LEU B 81 3.92 -19.33 29.54
C LEU B 81 4.27 -19.01 30.99
N LEU B 82 4.74 -17.81 31.29
CA LEU B 82 5.00 -17.53 32.69
C LEU B 82 3.70 -17.56 33.47
N GLY B 83 2.63 -17.04 32.89
CA GLY B 83 1.36 -17.03 33.58
C GLY B 83 0.80 -18.43 33.83
N ILE B 84 0.92 -19.33 32.85
CA ILE B 84 0.36 -20.67 33.00
C ILE B 84 1.11 -21.42 34.09
N TRP B 85 2.38 -21.07 34.30
CA TRP B 85 3.22 -21.65 35.34
C TRP B 85 3.04 -20.97 36.69
N GLY B 86 2.15 -19.97 36.76
CA GLY B 86 1.88 -19.19 37.99
C GLY B 86 2.88 -18.08 38.36
N CYS B 87 3.63 -17.54 37.37
CA CYS B 87 4.67 -16.52 37.55
C CYS B 87 4.30 -15.19 36.90
N SER B 88 3.05 -14.98 36.59
CA SER B 88 2.74 -13.72 35.92
C SER B 88 3.14 -12.54 36.78
N GLY B 89 3.80 -11.57 36.17
CA GLY B 89 4.20 -10.35 36.85
C GLY B 89 5.58 -10.43 37.51
N LYS B 90 6.21 -11.59 37.51
CA LYS B 90 7.51 -11.71 38.15
C LYS B 90 8.65 -11.94 37.18
N LEU B 91 9.80 -11.36 37.47
CA LEU B 91 10.97 -11.66 36.65
C LEU B 91 11.69 -12.87 37.23
N ILE B 92 11.57 -13.05 38.54
CA ILE B 92 12.14 -14.21 39.21
C ILE B 92 11.03 -14.90 40.00
N CYS B 93 10.77 -16.21 39.78
CA CYS B 93 9.75 -16.95 40.53
C CYS B 93 10.24 -18.32 40.93
N CYS B 94 9.88 -18.69 42.12
CA CYS B 94 10.29 -19.96 42.66
C CYS B 94 9.15 -20.95 42.51
N THR B 95 9.45 -22.17 42.11
CA THR B 95 8.36 -23.13 42.04
C THR B 95 8.62 -24.35 42.87
N ASN B 96 7.65 -25.25 42.86
CA ASN B 96 7.68 -26.46 43.67
C ASN B 96 8.08 -27.71 42.90
N VAL B 97 8.61 -27.54 41.72
CA VAL B 97 9.13 -28.66 40.97
C VAL B 97 10.55 -28.82 41.46
N PRO B 98 10.98 -29.96 42.00
CA PRO B 98 12.31 -30.21 42.51
C PRO B 98 13.24 -30.30 41.35
N TRP B 99 14.50 -29.99 41.56
CA TRP B 99 15.47 -30.13 40.51
C TRP B 99 15.98 -31.57 40.48
N ASN B 100 16.02 -32.18 39.28
CA ASN B 100 16.51 -33.52 39.00
C ASN B 100 18.02 -33.48 38.70
N SER B 101 18.81 -34.33 39.40
CA SER B 101 20.26 -34.44 39.26
C SER B 101 20.66 -34.95 37.88
N THR B 102 19.70 -35.53 37.17
CA THR B 102 19.94 -36.01 35.84
C THR B 102 19.94 -34.83 34.85
N TRP B 103 19.16 -33.77 35.13
CA TRP B 103 19.10 -32.66 34.19
C TRP B 103 20.43 -31.98 34.22
N SER B 104 20.95 -31.80 35.42
CA SER B 104 22.26 -31.20 35.56
C SER B 104 22.95 -31.67 36.83
N ASN B 105 24.01 -32.44 36.67
CA ASN B 105 24.75 -33.01 37.79
C ASN B 105 25.84 -32.08 38.27
N ARG B 106 25.43 -30.92 38.74
CA ARG B 106 26.35 -29.88 39.19
C ARG B 106 25.94 -29.27 40.54
N ASN B 107 26.94 -28.75 41.29
CA ASN B 107 26.75 -28.01 42.53
C ASN B 107 26.36 -26.57 42.18
N LEU B 108 25.69 -25.81 43.09
CA LEU B 108 25.29 -24.42 42.79
C LEU B 108 26.50 -23.50 42.57
N SER B 109 27.58 -23.76 43.29
CA SER B 109 28.79 -22.95 43.17
C SER B 109 29.51 -23.16 41.83
N GLU B 110 29.16 -24.21 41.10
CA GLU B 110 29.74 -24.49 39.80
C GLU B 110 28.87 -23.92 38.70
N ILE B 111 27.72 -23.38 39.09
CA ILE B 111 26.79 -22.82 38.15
C ILE B 111 26.73 -21.33 38.32
N TRP B 112 26.25 -20.90 39.47
CA TRP B 112 25.96 -19.50 39.66
C TRP B 112 27.17 -18.59 39.71
N ASP B 113 28.30 -19.11 40.17
CA ASP B 113 29.51 -18.32 40.29
C ASP B 113 30.53 -18.74 39.26
N ASN B 114 30.10 -19.43 38.21
CA ASN B 114 31.04 -19.95 37.24
C ASN B 114 30.60 -19.83 35.79
N MET B 115 29.40 -20.31 35.48
CA MET B 115 28.90 -20.36 34.14
C MET B 115 28.18 -19.10 33.78
N THR B 116 28.18 -18.77 32.49
CA THR B 116 27.39 -17.68 31.97
C THR B 116 26.05 -18.27 31.58
N TRP B 117 25.05 -17.44 31.31
CA TRP B 117 23.76 -18.03 30.95
C TRP B 117 23.78 -18.73 29.60
N LEU B 118 24.64 -18.29 28.69
CA LEU B 118 24.74 -18.91 27.37
C LEU B 118 25.20 -20.35 27.50
N GLN B 119 26.12 -20.59 28.42
CA GLN B 119 26.67 -21.92 28.64
C GLN B 119 25.64 -22.81 29.29
N TRP B 120 24.91 -22.24 30.24
CA TRP B 120 23.88 -22.98 30.93
C TRP B 120 22.81 -23.39 29.98
N ASP B 121 22.39 -22.47 29.13
CA ASP B 121 21.34 -22.75 28.18
C ASP B 121 21.73 -23.94 27.31
N LYS B 122 22.99 -24.00 26.88
CA LYS B 122 23.36 -25.17 26.10
C LYS B 122 23.38 -26.45 26.92
N GLU B 123 23.88 -26.41 28.16
CA GLU B 123 24.01 -27.63 28.95
C GLU B 123 22.70 -28.34 29.25
N ILE B 124 21.64 -27.59 29.45
CA ILE B 124 20.37 -28.27 29.76
C ILE B 124 19.34 -28.13 28.67
N SER B 125 19.72 -27.81 27.44
CA SER B 125 18.69 -27.58 26.42
C SER B 125 17.76 -28.76 26.13
N ASN B 126 18.22 -30.02 26.30
CA ASN B 126 17.44 -31.23 26.00
C ASN B 126 16.35 -31.54 27.05
N TYR B 127 16.30 -30.80 28.19
CA TYR B 127 15.36 -30.98 29.27
C TYR B 127 14.34 -29.87 29.30
N THR B 128 14.37 -29.00 28.28
CA THR B 128 13.48 -27.85 28.29
C THR B 128 12.02 -28.22 28.34
N GLN B 129 11.59 -29.19 27.55
CA GLN B 129 10.19 -29.51 27.54
C GLN B 129 9.78 -30.31 28.74
N ILE B 130 10.70 -31.07 29.29
CA ILE B 130 10.37 -31.85 30.47
C ILE B 130 10.09 -30.91 31.60
N ILE B 131 10.96 -29.92 31.79
CA ILE B 131 10.77 -29.00 32.86
C ILE B 131 9.52 -28.19 32.65
N TYR B 132 9.29 -27.71 31.43
CA TYR B 132 8.10 -26.92 31.21
C TYR B 132 6.84 -27.71 31.49
N GLY B 133 6.79 -28.98 31.08
CA GLY B 133 5.61 -29.76 31.35
C GLY B 133 5.36 -29.91 32.85
N LEU B 134 6.42 -30.13 33.62
CA LEU B 134 6.26 -30.28 35.05
C LEU B 134 5.79 -29.00 35.68
N LEU B 135 6.25 -27.85 35.18
CA LEU B 135 5.83 -26.60 35.75
C LEU B 135 4.34 -26.37 35.55
N GLU B 136 3.79 -26.75 34.38
CA GLU B 136 2.36 -26.58 34.15
C GLU B 136 1.53 -27.49 35.06
N GLU B 137 1.99 -28.74 35.26
CA GLU B 137 1.23 -29.64 36.12
C GLU B 137 1.20 -29.16 37.55
N SER B 138 2.33 -28.63 38.02
CA SER B 138 2.39 -28.17 39.38
C SER B 138 1.45 -27.01 39.59
N GLN B 139 1.42 -26.06 38.66
CA GLN B 139 0.51 -24.95 38.89
C GLN B 139 -0.93 -25.37 38.86
N ASN B 140 -1.30 -26.30 37.99
CA ASN B 140 -2.69 -26.70 37.97
C ASN B 140 -3.10 -27.30 39.31
N GLN B 141 -2.23 -28.12 39.89
CA GLN B 141 -2.59 -28.71 41.16
C GLN B 141 -2.65 -27.67 42.26
N GLN B 142 -1.76 -26.68 42.22
CA GLN B 142 -1.78 -25.66 43.25
C GLN B 142 -3.04 -24.83 43.20
N GLU B 143 -3.54 -24.50 42.00
CA GLU B 143 -4.78 -23.73 41.96
C GLU B 143 -5.94 -24.50 42.51
N LYS B 144 -6.01 -25.80 42.22
CA LYS B 144 -7.11 -26.56 42.77
C LYS B 144 -7.01 -26.61 44.27
N ASN B 145 -5.81 -26.77 44.81
CA ASN B 145 -5.70 -26.87 46.25
C ASN B 145 -6.12 -25.56 46.90
N GLU B 146 -5.78 -24.41 46.31
CA GLU B 146 -6.19 -23.14 46.89
C GLU B 146 -7.70 -23.00 46.88
N GLN B 147 -8.35 -23.40 45.78
CA GLN B 147 -9.80 -23.30 45.69
C GLN B 147 -10.46 -24.13 46.78
N ASP B 148 -9.94 -25.33 47.03
CA ASP B 148 -10.54 -26.17 48.05
C ASP B 148 -10.34 -25.57 49.43
N LEU B 149 -9.17 -24.98 49.68
CA LEU B 149 -8.93 -24.37 50.99
C LEU B 149 -9.83 -23.19 51.25
N LEU B 150 -10.03 -22.34 50.24
CA LEU B 150 -10.90 -21.20 50.43
C LEU B 150 -12.33 -21.65 50.69
N ALA B 151 -12.79 -22.68 49.98
CA ALA B 151 -14.14 -23.18 50.21
C ALA B 151 -14.27 -23.81 51.60
N LEU B 152 -13.21 -24.49 52.04
CA LEU B 152 -13.19 -25.13 53.36
C LEU B 152 -13.18 -24.15 54.55
N ASP B 153 -12.35 -23.08 54.47
CA ASP B 153 -12.16 -22.05 55.49
C ASP B 153 -13.41 -21.16 55.57
N GLY C 10 -5.70 -33.93 25.10
CA GLY C 10 -5.79 -33.21 23.85
C GLY C 10 -6.78 -32.05 24.00
N PHE C 11 -6.70 -31.08 23.06
CA PHE C 11 -7.53 -29.87 23.02
C PHE C 11 -8.98 -30.25 22.78
N LEU C 12 -9.85 -29.76 23.65
CA LEU C 12 -11.27 -30.05 23.73
C LEU C 12 -11.56 -31.50 24.08
N GLY C 13 -10.56 -32.23 24.57
CA GLY C 13 -10.79 -33.62 24.92
C GLY C 13 -11.85 -33.77 25.99
N ALA C 14 -11.95 -32.80 26.87
CA ALA C 14 -12.91 -32.80 27.97
C ALA C 14 -14.24 -32.16 27.59
N ALA C 15 -14.43 -31.79 26.35
CA ALA C 15 -15.65 -31.09 25.98
C ALA C 15 -16.92 -31.83 26.36
N GLY C 16 -16.93 -33.15 26.29
CA GLY C 16 -18.13 -33.90 26.65
C GLY C 16 -18.15 -34.36 28.11
N SER C 17 -17.15 -33.98 28.89
CA SER C 17 -17.04 -34.39 30.28
C SER C 17 -17.83 -33.46 31.14
N THR C 18 -18.10 -33.85 32.38
CA THR C 18 -18.85 -32.96 33.22
C THR C 18 -17.99 -31.81 33.68
N MET C 19 -18.63 -30.77 34.18
CA MET C 19 -17.91 -29.57 34.57
C MET C 19 -16.81 -29.81 35.59
N GLY C 20 -17.03 -30.67 36.57
CA GLY C 20 -16.04 -30.90 37.59
C GLY C 20 -14.86 -31.75 37.12
N ALA C 21 -14.98 -32.34 35.94
CA ALA C 21 -13.92 -33.14 35.37
C ALA C 21 -13.14 -32.31 34.37
N ALA C 22 -13.87 -31.51 33.61
CA ALA C 22 -13.34 -30.67 32.56
C ALA C 22 -12.54 -29.52 33.14
N SER C 23 -12.81 -29.15 34.39
CA SER C 23 -12.08 -28.10 35.06
C SER C 23 -10.63 -28.49 35.30
N MET C 24 -10.28 -29.76 35.12
CA MET C 24 -8.91 -30.20 35.33
C MET C 24 -8.07 -30.13 34.05
N THR C 25 -8.64 -29.67 32.94
CA THR C 25 -7.92 -29.58 31.68
C THR C 25 -7.84 -28.14 31.19
N LEU C 26 -7.95 -27.19 32.12
CA LEU C 26 -7.95 -25.78 31.76
C LEU C 26 -6.62 -25.35 31.16
N THR C 27 -5.52 -25.98 31.59
CA THR C 27 -4.22 -25.60 31.04
C THR C 27 -4.12 -26.02 29.60
N VAL C 28 -4.75 -27.13 29.26
CA VAL C 28 -4.69 -27.65 27.91
C VAL C 28 -5.42 -26.71 26.99
N GLN C 29 -6.57 -26.25 27.43
CA GLN C 29 -7.29 -25.35 26.58
C GLN C 29 -6.62 -24.00 26.47
N ALA C 30 -6.10 -23.46 27.58
CA ALA C 30 -5.48 -22.14 27.54
C ALA C 30 -4.21 -22.11 26.71
N ARG C 31 -3.45 -23.19 26.79
CA ARG C 31 -2.16 -23.35 26.16
C ARG C 31 -2.20 -23.22 24.65
N ASN C 32 -3.30 -23.62 24.04
CA ASN C 32 -3.44 -23.62 22.60
C ASN C 32 -4.24 -22.45 22.02
N LEU C 33 -4.51 -21.42 22.82
CA LEU C 33 -5.32 -20.30 22.31
C LEU C 33 -4.55 -19.22 21.60
N LEU C 34 -3.28 -19.04 21.95
CA LEU C 34 -2.49 -17.98 21.36
C LEU C 34 -1.77 -18.50 20.13
N SER C 35 -1.44 -19.78 20.18
CA SER C 35 -0.75 -20.51 19.14
C SER C 35 -1.41 -21.89 19.12
N GLY C 36 -1.97 -22.32 17.97
CA GLY C 36 -2.72 -23.56 17.81
C GLY C 36 -1.83 -24.80 17.91
N GLY C 61 -2.65 -13.25 0.89
CA GLY C 61 -1.60 -13.16 1.90
C GLY C 61 -1.97 -12.24 3.09
N ILE C 62 -2.69 -11.13 2.81
CA ILE C 62 -3.12 -10.13 3.79
C ILE C 62 -4.07 -10.75 4.79
N LYS C 63 -4.83 -11.75 4.34
CA LYS C 63 -5.76 -12.39 5.24
C LYS C 63 -5.02 -13.23 6.30
N GLN C 64 -3.79 -13.68 6.02
CA GLN C 64 -3.08 -14.45 7.02
C GLN C 64 -2.63 -13.51 8.12
N LEU C 65 -2.23 -12.32 7.70
CA LEU C 65 -1.78 -11.32 8.65
C LEU C 65 -2.96 -10.86 9.48
N GLN C 66 -4.13 -10.70 8.84
CA GLN C 66 -5.30 -10.29 9.59
C GLN C 66 -5.68 -11.37 10.59
N ALA C 67 -5.56 -12.65 10.21
CA ALA C 67 -5.89 -13.72 11.13
C ALA C 67 -5.01 -13.69 12.38
N ARG C 68 -3.72 -13.39 12.20
CA ARG C 68 -2.84 -13.35 13.36
C ARG C 68 -3.13 -12.17 14.26
N VAL C 69 -3.42 -11.02 13.67
CA VAL C 69 -3.70 -9.85 14.48
C VAL C 69 -4.96 -10.08 15.29
N LEU C 70 -5.98 -10.66 14.67
CA LEU C 70 -7.20 -10.89 15.38
C LEU C 70 -7.01 -11.89 16.51
N ALA C 71 -6.24 -12.96 16.30
CA ALA C 71 -6.05 -13.91 17.38
C ALA C 71 -5.43 -13.23 18.60
N VAL C 72 -4.50 -12.31 18.36
CA VAL C 72 -3.90 -11.59 19.47
C VAL C 72 -4.92 -10.73 20.15
N GLU C 73 -5.76 -10.02 19.40
CA GLU C 73 -6.76 -9.18 20.02
C GLU C 73 -7.72 -9.99 20.88
N ARG C 74 -8.13 -11.17 20.42
CA ARG C 74 -9.05 -11.94 21.24
C ARG C 74 -8.39 -12.37 22.53
N TYR C 75 -7.13 -12.79 22.44
CA TYR C 75 -6.40 -13.23 23.61
C TYR C 75 -6.33 -12.12 24.63
N LEU C 76 -5.96 -10.93 24.18
CA LEU C 76 -5.81 -9.82 25.10
C LEU C 76 -7.11 -9.38 25.70
N ARG C 77 -8.22 -9.42 24.97
CA ARG C 77 -9.47 -9.01 25.59
C ARG C 77 -9.83 -9.94 26.74
N ASP C 78 -9.59 -11.25 26.59
CA ASP C 78 -9.90 -12.14 27.71
C ASP C 78 -8.97 -11.90 28.88
N GLN C 79 -7.70 -11.61 28.60
CA GLN C 79 -6.79 -11.36 29.69
C GLN C 79 -7.07 -10.04 30.38
N GLN C 80 -7.46 -9.01 29.63
CA GLN C 80 -7.76 -7.75 30.25
C GLN C 80 -8.92 -7.88 31.16
N LEU C 81 -9.91 -8.63 30.72
CA LEU C 81 -11.11 -8.77 31.50
C LEU C 81 -10.79 -9.50 32.80
N LEU C 82 -9.97 -10.56 32.75
CA LEU C 82 -9.63 -11.20 34.00
C LEU C 82 -8.90 -10.25 34.92
N GLY C 83 -8.02 -9.42 34.36
CA GLY C 83 -7.30 -8.47 35.20
C GLY C 83 -8.22 -7.49 35.89
N ILE C 84 -9.23 -6.99 35.18
CA ILE C 84 -10.19 -6.03 35.73
C ILE C 84 -10.94 -6.66 36.88
N TRP C 85 -11.22 -7.94 36.80
CA TRP C 85 -11.93 -8.67 37.83
C TRP C 85 -11.03 -9.13 38.99
N GLY C 86 -9.72 -8.85 38.90
CA GLY C 86 -8.74 -9.29 39.91
C GLY C 86 -8.25 -10.73 39.80
N CYS C 87 -8.31 -11.34 38.60
CA CYS C 87 -7.96 -12.72 38.29
C CYS C 87 -6.76 -12.79 37.35
N SER C 88 -5.95 -11.75 37.32
CA SER C 88 -4.82 -11.84 36.43
C SER C 88 -3.90 -12.95 36.89
N GLY C 89 -3.46 -13.79 35.95
CA GLY C 89 -2.53 -14.85 36.27
C GLY C 89 -3.17 -16.14 36.79
N LYS C 90 -4.49 -16.23 36.81
CA LYS C 90 -5.14 -17.44 37.32
C LYS C 90 -6.08 -18.09 36.34
N LEU C 91 -6.16 -19.43 36.37
CA LEU C 91 -7.13 -20.12 35.52
C LEU C 91 -8.42 -20.31 36.30
N ILE C 92 -8.31 -20.44 37.60
CA ILE C 92 -9.45 -20.57 38.48
C ILE C 92 -9.32 -19.47 39.52
N CYS C 93 -10.33 -18.59 39.67
CA CYS C 93 -10.30 -17.53 40.68
C CYS C 93 -11.64 -17.38 41.36
N CYS C 94 -11.58 -17.10 42.64
CA CYS C 94 -12.77 -16.95 43.44
C CYS C 94 -12.98 -15.49 43.75
N THR C 95 -14.23 -15.03 43.66
CA THR C 95 -14.55 -13.65 43.96
C THR C 95 -15.53 -13.45 45.08
N ASN C 96 -15.90 -12.19 45.29
CA ASN C 96 -16.84 -11.78 46.35
C ASN C 96 -18.25 -11.49 45.85
N VAL C 97 -18.53 -11.84 44.63
CA VAL C 97 -19.87 -11.69 44.11
C VAL C 97 -20.59 -12.98 44.45
N PRO C 98 -21.70 -12.96 45.20
CA PRO C 98 -22.47 -14.11 45.60
C PRO C 98 -23.20 -14.61 44.40
N TRP C 99 -23.54 -15.88 44.38
CA TRP C 99 -24.34 -16.37 43.28
C TRP C 99 -25.78 -16.03 43.56
N ASN C 100 -26.42 -15.39 42.61
CA ASN C 100 -27.82 -15.06 42.74
C ASN C 100 -28.58 -16.23 42.18
N SER C 101 -29.37 -16.89 42.98
CA SER C 101 -30.02 -18.11 42.56
C SER C 101 -30.94 -17.93 41.36
N THR C 102 -31.37 -16.70 41.07
CA THR C 102 -32.29 -16.48 39.97
C THR C 102 -31.60 -16.64 38.64
N TRP C 103 -30.27 -16.68 38.65
CA TRP C 103 -29.49 -16.86 37.44
C TRP C 103 -29.54 -18.31 36.96
N SER C 104 -29.75 -19.25 37.87
CA SER C 104 -29.73 -20.65 37.46
C SER C 104 -30.83 -21.53 38.05
N ASN C 105 -31.21 -21.31 39.30
CA ASN C 105 -32.16 -22.16 39.99
C ASN C 105 -31.76 -23.64 39.97
N ARG C 106 -30.48 -23.90 40.12
CA ARG C 106 -29.94 -25.25 40.17
C ARG C 106 -28.95 -25.30 41.32
N ASN C 107 -28.91 -26.42 42.05
CA ASN C 107 -28.04 -26.67 43.19
C ASN C 107 -26.78 -27.46 42.78
N LEU C 108 -25.84 -27.65 43.74
CA LEU C 108 -24.60 -28.37 43.51
C LEU C 108 -24.90 -29.83 43.32
N SER C 109 -24.03 -30.45 42.56
CA SER C 109 -24.10 -31.83 42.08
C SER C 109 -25.06 -31.96 40.89
N GLU C 110 -25.76 -30.87 40.52
CA GLU C 110 -26.57 -30.84 39.30
C GLU C 110 -25.85 -29.97 38.28
N ILE C 111 -24.81 -29.28 38.76
CA ILE C 111 -24.00 -28.36 37.96
C ILE C 111 -22.62 -28.93 37.73
N TRP C 112 -21.93 -29.34 38.79
CA TRP C 112 -20.56 -29.81 38.66
C TRP C 112 -20.49 -31.28 38.31
N ASP C 113 -21.64 -31.89 38.31
CA ASP C 113 -21.80 -33.27 37.96
C ASP C 113 -23.14 -33.31 37.26
N ASN C 114 -23.34 -34.34 36.48
CA ASN C 114 -24.57 -34.54 35.71
C ASN C 114 -24.81 -33.42 34.66
N MET C 115 -23.78 -32.64 34.36
CA MET C 115 -23.82 -31.55 33.39
C MET C 115 -22.44 -31.23 32.86
N THR C 116 -22.37 -30.85 31.58
CA THR C 116 -21.15 -30.44 30.90
C THR C 116 -21.08 -28.93 30.72
N TRP C 117 -19.91 -28.40 30.37
CA TRP C 117 -19.79 -26.95 30.21
C TRP C 117 -20.57 -26.43 29.02
N LEU C 118 -20.74 -27.24 27.99
CA LEU C 118 -21.47 -26.80 26.81
C LEU C 118 -22.92 -26.52 27.18
N GLN C 119 -23.48 -27.31 28.11
CA GLN C 119 -24.85 -27.10 28.52
C GLN C 119 -24.94 -25.95 29.51
N TRP C 120 -23.96 -25.83 30.39
CA TRP C 120 -23.98 -24.76 31.37
C TRP C 120 -23.95 -23.42 30.66
N ASP C 121 -23.21 -23.37 29.55
CA ASP C 121 -23.04 -22.17 28.76
C ASP C 121 -24.37 -21.74 28.11
N LYS C 122 -25.38 -22.61 28.15
CA LYS C 122 -26.67 -22.25 27.62
C LYS C 122 -27.59 -21.91 28.81
N GLU C 123 -27.40 -22.61 29.94
CA GLU C 123 -28.26 -22.41 31.11
C GLU C 123 -28.18 -20.99 31.62
N ILE C 124 -27.01 -20.39 31.55
CA ILE C 124 -26.87 -19.03 32.03
C ILE C 124 -26.47 -18.05 30.95
N SER C 125 -26.77 -18.35 29.69
CA SER C 125 -26.30 -17.46 28.63
C SER C 125 -26.80 -15.99 28.66
N ASN C 126 -27.97 -15.69 29.28
CA ASN C 126 -28.54 -14.34 29.35
C ASN C 126 -28.12 -13.56 30.62
N TYR C 127 -27.25 -14.13 31.50
CA TYR C 127 -26.82 -13.48 32.75
C TYR C 127 -25.35 -13.13 32.72
N THR C 128 -24.72 -13.38 31.59
CA THR C 128 -23.30 -13.17 31.44
C THR C 128 -22.91 -11.73 31.65
N GLN C 129 -23.66 -10.80 31.07
CA GLN C 129 -23.26 -9.41 31.20
C GLN C 129 -23.55 -8.87 32.58
N ILE C 130 -24.56 -9.41 33.23
CA ILE C 130 -24.89 -8.96 34.56
C ILE C 130 -23.76 -9.37 35.49
N ILE C 131 -23.33 -10.62 35.37
CA ILE C 131 -22.30 -11.12 36.21
C ILE C 131 -21.02 -10.37 35.95
N TYR C 132 -20.69 -10.13 34.69
CA TYR C 132 -19.46 -9.42 34.43
C TYR C 132 -19.47 -8.03 35.04
N GLY C 133 -20.58 -7.32 34.96
CA GLY C 133 -20.61 -5.99 35.56
C GLY C 133 -20.40 -6.04 37.07
N LEU C 134 -20.98 -7.04 37.72
CA LEU C 134 -20.83 -7.18 39.17
C LEU C 134 -19.39 -7.49 39.53
N LEU C 135 -18.73 -8.29 38.71
CA LEU C 135 -17.35 -8.63 38.99
C LEU C 135 -16.45 -7.39 38.89
N GLU C 136 -16.70 -6.51 37.91
CA GLU C 136 -15.89 -5.30 37.77
C GLU C 136 -16.07 -4.37 38.95
N GLU C 137 -17.31 -4.25 39.43
CA GLU C 137 -17.61 -3.37 40.54
C GLU C 137 -16.99 -3.87 41.83
N SER C 138 -17.05 -5.18 42.06
CA SER C 138 -16.49 -5.70 43.27
C SER C 138 -15.00 -5.48 43.31
N GLN C 139 -14.31 -5.69 42.20
CA GLN C 139 -12.88 -5.49 42.24
C GLN C 139 -12.49 -4.05 42.45
N ASN C 140 -13.22 -3.11 41.87
CA ASN C 140 -12.87 -1.73 42.08
C ASN C 140 -12.98 -1.36 43.56
N GLN C 141 -14.03 -1.87 44.21
CA GLN C 141 -14.21 -1.57 45.63
C GLN C 141 -13.10 -2.18 46.47
N GLN C 142 -12.68 -3.39 46.11
CA GLN C 142 -11.63 -4.04 46.86
C GLN C 142 -10.30 -3.32 46.74
N GLU C 143 -9.98 -2.79 45.56
CA GLU C 143 -8.71 -2.09 45.44
C GLU C 143 -8.72 -0.82 46.27
N LYS C 144 -9.85 -0.13 46.33
CA LYS C 144 -9.87 1.05 47.17
C LYS C 144 -9.66 0.65 48.63
N ASN C 145 -10.28 -0.46 49.06
CA ASN C 145 -10.10 -0.84 50.45
C ASN C 145 -8.65 -1.22 50.75
N GLU C 146 -7.97 -1.86 49.80
CA GLU C 146 -6.56 -2.20 50.01
C GLU C 146 -5.74 -0.94 50.17
N GLN C 147 -6.00 0.05 49.31
CA GLN C 147 -5.25 1.30 49.36
C GLN C 147 -5.41 1.98 50.70
N ASP C 148 -6.62 1.93 51.27
CA ASP C 148 -6.80 2.57 52.56
C ASP C 148 -6.10 1.79 53.67
N LEU C 149 -6.15 0.47 53.66
CA LEU C 149 -5.53 -0.27 54.75
C LEU C 149 -4.02 -0.06 54.79
N LEU C 150 -3.40 0.06 53.63
CA LEU C 150 -1.97 0.26 53.52
C LEU C 150 -1.53 1.65 53.96
N ALA C 151 -2.48 2.57 54.12
CA ALA C 151 -2.22 3.92 54.57
C ALA C 151 -2.57 4.08 56.03
N LEU C 152 -3.66 3.44 56.46
CA LEU C 152 -4.14 3.53 57.83
C LEU C 152 -3.28 2.77 58.86
N ASP C 153 -2.76 1.57 58.48
CA ASP C 153 -1.92 0.70 59.29
C ASP C 153 -0.46 1.08 59.04
N ASN D 38 -25.11 -20.62 50.17
CA ASN D 38 -23.71 -20.20 50.33
C ASN D 38 -22.89 -20.51 49.06
N LEU D 39 -23.32 -19.97 47.90
CA LEU D 39 -22.64 -20.11 46.62
C LEU D 39 -22.12 -18.77 46.16
N TRP D 40 -20.96 -18.81 45.55
CA TRP D 40 -20.21 -17.66 45.06
C TRP D 40 -19.85 -17.80 43.61
N VAL D 41 -19.70 -16.68 42.93
CA VAL D 41 -19.29 -16.77 41.54
C VAL D 41 -17.82 -17.16 41.47
N THR D 42 -17.51 -18.20 40.70
CA THR D 42 -16.13 -18.61 40.46
C THR D 42 -15.90 -18.48 38.98
N VAL D 43 -14.81 -17.84 38.64
CA VAL D 43 -14.47 -17.59 37.26
C VAL D 43 -13.44 -18.57 36.76
N TYR D 44 -13.70 -19.15 35.59
CA TYR D 44 -12.79 -20.10 34.99
C TYR D 44 -12.30 -19.63 33.64
N TYR D 45 -11.03 -19.90 33.34
CA TYR D 45 -10.45 -19.62 32.04
C TYR D 45 -9.84 -20.88 31.47
N GLY D 46 -10.19 -21.19 30.24
CA GLY D 46 -9.71 -22.41 29.61
C GLY D 46 -10.85 -23.42 29.56
N VAL D 47 -12.07 -22.95 29.62
CA VAL D 47 -13.24 -23.78 29.57
C VAL D 47 -13.46 -24.32 28.16
N PRO D 48 -13.61 -25.65 27.94
CA PRO D 48 -13.73 -26.29 26.63
C PRO D 48 -15.09 -26.17 25.97
N VAL D 49 -15.48 -24.94 25.63
CA VAL D 49 -16.74 -24.69 24.96
C VAL D 49 -16.56 -23.87 23.70
N TRP D 50 -17.57 -23.90 22.83
CA TRP D 50 -17.51 -23.19 21.58
C TRP D 50 -18.84 -22.76 21.01
N LYS D 51 -18.76 -21.88 20.02
CA LYS D 51 -19.88 -21.37 19.24
C LYS D 51 -19.64 -21.52 17.75
N ASP D 52 -20.70 -21.64 16.94
CA ASP D 52 -20.50 -21.68 15.49
C ASP D 52 -19.88 -20.37 15.06
N ALA D 53 -18.96 -20.41 14.10
CA ALA D 53 -18.39 -19.15 13.67
C ALA D 53 -17.90 -19.16 12.25
N GLU D 54 -17.84 -17.98 11.66
CA GLU D 54 -17.33 -17.84 10.33
C GLU D 54 -16.03 -17.07 10.33
N THR D 55 -14.94 -17.76 10.12
CA THR D 55 -13.65 -17.11 10.12
C THR D 55 -12.91 -17.52 8.92
N THR D 56 -11.74 -16.96 8.76
CA THR D 56 -10.87 -17.24 7.64
C THR D 56 -9.98 -18.42 7.91
N LEU D 57 -9.98 -19.38 7.00
CA LEU D 57 -9.11 -20.53 7.14
C LEU D 57 -7.90 -20.33 6.28
N PHE D 58 -6.81 -21.00 6.61
CA PHE D 58 -5.63 -20.87 5.79
C PHE D 58 -5.33 -22.23 5.19
N CYS D 59 -4.59 -22.26 4.06
CA CYS D 59 -4.25 -23.49 3.35
C CYS D 59 -2.86 -24.00 3.73
N ALA D 60 -2.75 -25.32 3.78
CA ALA D 60 -1.51 -26.03 4.03
C ALA D 60 -1.42 -27.24 3.09
N SER D 61 -0.19 -27.68 2.74
CA SER D 61 0.09 -28.83 1.87
C SER D 61 0.35 -30.08 2.69
N HIS D 71 6.04 -25.87 -10.28
CA HIS D 71 5.38 -24.65 -10.72
C HIS D 71 3.82 -24.76 -10.65
N ASN D 72 3.30 -25.62 -9.75
CA ASN D 72 1.89 -25.84 -9.44
C ASN D 72 1.32 -24.68 -8.64
N VAL D 73 0.15 -24.21 -9.06
CA VAL D 73 -0.43 -23.04 -8.41
C VAL D 73 -0.82 -23.29 -6.95
N TRP D 74 -1.26 -24.50 -6.60
CA TRP D 74 -1.63 -24.72 -5.22
C TRP D 74 -0.41 -25.04 -4.42
N ALA D 75 0.57 -25.68 -5.03
CA ALA D 75 1.78 -25.99 -4.27
C ALA D 75 2.47 -24.71 -3.86
N THR D 76 2.42 -23.70 -4.75
CA THR D 76 3.01 -22.41 -4.50
C THR D 76 2.21 -21.64 -3.47
N HIS D 77 0.89 -21.64 -3.59
CA HIS D 77 0.04 -20.94 -2.63
C HIS D 77 0.07 -21.52 -1.20
N CYS D 78 -0.11 -22.86 -1.07
CA CYS D 78 -0.24 -23.58 0.20
C CYS D 78 1.16 -23.88 0.73
N CYS D 79 1.83 -22.81 1.14
CA CYS D 79 3.22 -22.82 1.61
C CYS D 79 3.41 -23.47 2.98
N VAL D 80 2.33 -23.62 3.72
CA VAL D 80 2.42 -24.17 5.07
C VAL D 80 2.42 -25.71 5.02
N PRO D 81 3.38 -26.40 5.62
CA PRO D 81 3.46 -27.85 5.69
C PRO D 81 2.45 -28.34 6.71
N THR D 82 2.02 -29.62 6.61
CA THR D 82 1.14 -30.28 7.57
C THR D 82 1.97 -31.25 8.41
N GLN D 87 -3.32 -34.50 13.28
CA GLN D 87 -3.82 -34.62 14.65
C GLN D 87 -5.37 -34.57 14.65
N GLU D 88 -5.99 -35.61 15.27
CA GLU D 88 -7.43 -35.77 15.47
C GLU D 88 -7.73 -36.23 16.89
N ILE D 89 -8.63 -35.53 17.55
CA ILE D 89 -9.01 -35.81 18.93
C ILE D 89 -10.45 -36.24 19.09
N HIS D 90 -10.69 -37.47 19.50
CA HIS D 90 -12.06 -37.93 19.62
C HIS D 90 -12.79 -37.24 20.77
N LEU D 91 -14.04 -36.79 20.57
CA LEU D 91 -14.75 -36.16 21.67
C LEU D 91 -15.86 -37.07 22.22
N GLU D 92 -15.60 -37.72 23.33
CA GLU D 92 -16.63 -38.63 23.82
C GLU D 92 -17.81 -37.80 24.31
N ASN D 93 -19.05 -38.30 24.09
CA ASN D 93 -20.34 -37.74 24.53
C ASN D 93 -20.67 -36.35 23.94
N VAL D 94 -20.02 -35.91 22.82
CA VAL D 94 -20.34 -34.65 22.17
C VAL D 94 -21.20 -34.87 20.95
N THR D 95 -22.37 -34.26 20.97
CA THR D 95 -23.30 -34.34 19.86
C THR D 95 -23.28 -32.96 19.26
N GLU D 96 -23.17 -32.89 17.96
CA GLU D 96 -23.07 -31.60 17.31
C GLU D 96 -23.94 -31.53 16.08
N GLU D 97 -24.37 -30.33 15.72
CA GLU D 97 -25.19 -30.13 14.52
C GLU D 97 -24.40 -29.63 13.32
N PHE D 98 -24.52 -30.37 12.23
CA PHE D 98 -23.83 -30.04 11.00
C PHE D 98 -24.81 -29.66 9.90
N ASN D 99 -24.38 -28.79 8.97
CA ASN D 99 -25.22 -28.43 7.84
C ASN D 99 -24.36 -28.11 6.63
N MET D 100 -24.26 -29.03 5.69
CA MET D 100 -23.36 -28.86 4.56
C MET D 100 -23.83 -27.80 3.58
N TRP D 101 -25.10 -27.43 3.69
CA TRP D 101 -25.71 -26.52 2.75
C TRP D 101 -25.57 -25.09 3.23
N LYS D 102 -25.06 -24.92 4.44
CA LYS D 102 -24.87 -23.62 5.04
C LYS D 102 -23.50 -23.67 5.68
N ASN D 103 -22.48 -23.62 4.86
CA ASN D 103 -21.14 -23.89 5.33
C ASN D 103 -20.14 -22.93 4.72
N ASN D 104 -19.62 -22.05 5.55
CA ASN D 104 -18.72 -21.00 5.11
C ASN D 104 -17.43 -21.57 4.55
N MET D 105 -17.11 -22.82 4.89
CA MET D 105 -15.88 -23.40 4.39
C MET D 105 -15.97 -23.61 2.90
N VAL D 106 -17.18 -23.87 2.40
CA VAL D 106 -17.40 -24.13 1.00
C VAL D 106 -17.28 -22.81 0.30
N GLU D 107 -17.86 -21.79 0.89
CA GLU D 107 -17.80 -20.49 0.25
C GLU D 107 -16.36 -19.99 0.20
N GLN D 108 -15.57 -20.23 1.26
CA GLN D 108 -14.19 -19.78 1.16
C GLN D 108 -13.44 -20.60 0.15
N MET D 109 -13.67 -21.90 0.07
CA MET D 109 -12.90 -22.63 -0.91
C MET D 109 -13.21 -22.10 -2.28
N HIS D 110 -14.47 -21.78 -2.56
CA HIS D 110 -14.80 -21.27 -3.87
C HIS D 110 -14.07 -19.98 -4.13
N THR D 111 -14.08 -19.06 -3.18
CA THR D 111 -13.42 -17.79 -3.36
C THR D 111 -11.91 -17.97 -3.56
N ASP D 112 -11.27 -18.84 -2.78
CA ASP D 112 -9.84 -19.05 -2.92
C ASP D 112 -9.48 -19.60 -4.27
N ILE D 113 -10.29 -20.50 -4.83
CA ILE D 113 -9.96 -21.06 -6.12
C ILE D 113 -10.06 -19.99 -7.18
N ILE D 114 -11.08 -19.14 -7.14
CA ILE D 114 -11.19 -18.13 -8.17
C ILE D 114 -10.03 -17.17 -8.05
N SER D 115 -9.72 -16.75 -6.83
CA SER D 115 -8.66 -15.80 -6.62
C SER D 115 -7.31 -16.33 -7.07
N LEU D 116 -7.02 -17.59 -6.75
CA LEU D 116 -5.76 -18.16 -7.14
C LEU D 116 -5.64 -18.23 -8.64
N TRP D 117 -6.72 -18.64 -9.30
CA TRP D 117 -6.71 -18.76 -10.74
C TRP D 117 -6.36 -17.41 -11.36
N ASP D 118 -7.02 -16.34 -10.89
CA ASP D 118 -6.75 -15.02 -11.45
C ASP D 118 -5.33 -14.55 -11.21
N GLN D 119 -4.77 -14.85 -10.05
CA GLN D 119 -3.40 -14.41 -9.80
C GLN D 119 -2.44 -15.16 -10.68
N SER D 120 -2.76 -16.41 -10.98
CA SER D 120 -1.94 -17.23 -11.83
C SER D 120 -1.90 -16.70 -13.25
N LEU D 121 -3.05 -16.31 -13.79
CA LEU D 121 -3.08 -15.79 -15.16
C LEU D 121 -2.65 -14.35 -15.29
N LYS D 122 -2.80 -13.56 -14.25
CA LYS D 122 -2.42 -12.17 -14.35
C LYS D 122 -1.06 -11.92 -15.04
N PRO D 123 0.09 -12.43 -14.57
CA PRO D 123 1.39 -12.20 -15.18
C PRO D 123 1.68 -13.08 -16.40
N CYS D 124 0.86 -13.00 -17.47
CA CYS D 124 0.98 -13.81 -18.68
C CYS D 124 0.64 -12.99 -19.92
N VAL D 125 0.95 -13.53 -21.08
CA VAL D 125 0.75 -12.83 -22.34
C VAL D 125 -0.71 -12.59 -22.63
N LYS D 126 -1.05 -11.35 -22.93
CA LYS D 126 -2.41 -10.98 -23.22
C LYS D 126 -2.60 -11.01 -24.74
N LEU D 127 -3.44 -11.90 -25.23
CA LEU D 127 -3.56 -12.12 -26.66
C LEU D 127 -4.54 -11.24 -27.38
N THR D 128 -4.25 -9.95 -27.42
CA THR D 128 -5.10 -9.02 -28.14
C THR D 128 -4.71 -8.86 -29.62
N PRO D 129 -3.45 -9.11 -30.04
CA PRO D 129 -3.03 -9.08 -31.42
C PRO D 129 -3.74 -10.12 -32.26
N LEU D 130 -4.41 -11.09 -31.63
CA LEU D 130 -5.12 -12.11 -32.38
C LEU D 130 -6.56 -11.74 -32.76
N CYS D 131 -7.10 -10.58 -32.32
CA CYS D 131 -8.46 -10.14 -32.63
C CYS D 131 -8.45 -9.42 -33.97
N VAL D 132 -8.21 -10.23 -34.98
CA VAL D 132 -8.10 -9.86 -36.38
C VAL D 132 -9.01 -10.78 -37.16
N THR D 133 -9.32 -10.43 -38.39
CA THR D 133 -10.09 -11.37 -39.18
C THR D 133 -9.19 -12.50 -39.58
N LEU D 134 -9.65 -13.72 -39.38
CA LEU D 134 -8.90 -14.91 -39.73
C LEU D 134 -9.41 -15.43 -41.06
N GLN D 135 -8.53 -15.95 -41.89
CA GLN D 135 -8.92 -16.57 -43.17
C GLN D 135 -8.85 -18.08 -42.95
N CYS D 136 -10.01 -18.80 -42.90
CA CYS D 136 -10.01 -20.21 -42.46
C CYS D 136 -10.65 -21.17 -43.43
N THR D 137 -10.00 -22.32 -43.58
CA THR D 137 -10.47 -23.44 -44.37
C THR D 137 -10.55 -24.69 -43.50
N ASN D 138 -11.23 -25.76 -43.97
CA ASN D 138 -11.36 -27.04 -43.25
C ASN D 138 -10.05 -27.82 -43.30
N VAL D 139 -9.76 -28.58 -42.20
CA VAL D 139 -8.63 -29.52 -42.14
C VAL D 139 -9.02 -30.83 -42.81
N THR D 140 -8.20 -31.26 -43.74
CA THR D 140 -8.40 -32.47 -44.49
C THR D 140 -7.10 -33.27 -44.50
N ASN D 141 -7.15 -34.50 -45.02
CA ASN D 141 -6.00 -35.41 -45.14
C ASN D 141 -5.80 -36.31 -43.92
N ASN D 142 -6.14 -37.60 -44.11
CA ASN D 142 -6.06 -38.62 -43.07
C ASN D 142 -6.89 -38.27 -41.85
N ILE D 143 -8.05 -37.70 -42.13
CA ILE D 143 -9.00 -37.30 -41.10
C ILE D 143 -10.22 -38.18 -41.20
N THR D 144 -10.71 -38.66 -40.06
CA THR D 144 -11.88 -39.52 -40.08
C THR D 144 -13.19 -38.78 -40.24
N ASP D 145 -14.24 -39.56 -40.41
CA ASP D 145 -15.60 -39.07 -40.69
C ASP D 145 -16.19 -38.29 -39.53
N ASP D 146 -15.70 -38.58 -38.36
CA ASP D 146 -16.19 -38.01 -37.11
C ASP D 146 -15.55 -36.66 -36.82
N MET D 147 -14.54 -36.29 -37.61
CA MET D 147 -13.79 -35.06 -37.41
C MET D 147 -13.99 -34.07 -38.53
N ARG D 148 -14.98 -34.29 -39.37
CA ARG D 148 -15.17 -33.41 -40.49
C ARG D 148 -15.79 -32.11 -40.05
N GLY D 149 -15.06 -31.04 -40.30
CA GLY D 149 -15.49 -29.71 -39.89
C GLY D 149 -15.12 -29.40 -38.45
N GLU D 150 -14.46 -30.34 -37.76
CA GLU D 150 -14.09 -30.16 -36.37
C GLU D 150 -12.91 -29.23 -36.21
N LEU D 151 -11.98 -29.27 -37.16
CA LEU D 151 -10.78 -28.47 -37.09
C LEU D 151 -10.70 -27.51 -38.25
N LYS D 152 -10.19 -26.32 -37.99
CA LYS D 152 -9.99 -25.35 -39.05
C LYS D 152 -8.56 -24.82 -39.09
N ASN D 153 -8.08 -24.63 -40.31
CA ASN D 153 -6.75 -24.11 -40.58
C ASN D 153 -6.85 -22.62 -40.91
N CYS D 154 -6.45 -21.74 -39.95
CA CYS D 154 -6.62 -20.29 -40.05
C CYS D 154 -5.32 -19.54 -40.27
N SER D 155 -5.31 -18.68 -41.28
CA SER D 155 -4.16 -17.84 -41.59
C SER D 155 -4.50 -16.41 -41.26
N PHE D 156 -3.55 -15.67 -40.75
CA PHE D 156 -3.82 -14.29 -40.40
C PHE D 156 -2.59 -13.39 -40.34
N ASN D 157 -2.82 -12.05 -40.37
CA ASN D 157 -1.83 -10.99 -40.26
C ASN D 157 -1.62 -10.58 -38.79
N MET D 158 -0.47 -10.98 -38.23
CA MET D 158 -0.02 -10.86 -36.84
C MET D 158 1.12 -9.82 -36.69
N THR D 159 1.24 -9.20 -35.52
CA THR D 159 2.34 -8.26 -35.24
C THR D 159 3.64 -9.01 -34.94
N THR D 160 4.77 -8.29 -34.92
CA THR D 160 6.08 -8.86 -34.63
C THR D 160 6.71 -8.03 -33.53
N GLU D 161 7.97 -8.31 -33.18
CA GLU D 161 8.66 -7.53 -32.15
C GLU D 161 8.89 -6.05 -32.52
N LEU D 162 8.87 -5.69 -33.82
CA LEU D 162 9.05 -4.29 -34.17
C LEU D 162 7.71 -3.70 -34.58
N ARG D 163 7.50 -2.46 -34.21
CA ARG D 163 6.21 -1.82 -34.47
C ARG D 163 5.92 -1.55 -35.94
N ASP D 164 6.96 -1.53 -36.75
CA ASP D 164 6.84 -1.27 -38.17
C ASP D 164 6.86 -2.52 -39.04
N LYS D 165 6.76 -3.72 -38.44
CA LYS D 165 6.77 -4.97 -39.21
C LYS D 165 5.53 -5.81 -38.93
N LYS D 166 5.15 -6.64 -39.90
CA LYS D 166 4.03 -7.57 -39.77
C LYS D 166 4.42 -8.95 -40.28
N GLN D 167 3.75 -9.99 -39.82
CA GLN D 167 4.01 -11.34 -40.30
C GLN D 167 2.74 -12.13 -40.61
N LYS D 168 2.83 -13.06 -41.55
CA LYS D 168 1.72 -13.94 -41.84
C LYS D 168 1.99 -15.29 -41.20
N VAL D 169 1.06 -15.73 -40.40
CA VAL D 169 1.19 -17.00 -39.70
C VAL D 169 -0.05 -17.84 -39.87
N TYR D 170 0.04 -19.12 -39.58
CA TYR D 170 -1.20 -19.89 -39.57
C TYR D 170 -1.18 -20.85 -38.39
N SER D 171 -2.37 -21.25 -37.97
CA SER D 171 -2.53 -22.20 -36.88
C SER D 171 -3.81 -22.98 -36.96
N LEU D 172 -3.89 -24.08 -36.21
CA LEU D 172 -5.14 -24.79 -36.19
C LEU D 172 -5.97 -24.42 -34.99
N PHE D 173 -7.26 -24.41 -35.19
CA PHE D 173 -8.22 -24.18 -34.13
C PHE D 173 -9.31 -25.21 -34.14
N TYR D 174 -9.89 -25.45 -32.99
CA TYR D 174 -11.03 -26.33 -32.92
C TYR D 174 -12.24 -25.50 -33.28
N ARG D 175 -13.21 -26.11 -33.90
CA ARG D 175 -14.43 -25.44 -34.32
C ARG D 175 -15.09 -24.60 -33.25
N LEU D 176 -15.08 -25.05 -32.01
CA LEU D 176 -15.78 -24.36 -30.94
C LEU D 176 -15.20 -22.99 -30.59
N ASP D 177 -13.96 -22.73 -30.98
CA ASP D 177 -13.27 -21.49 -30.66
C ASP D 177 -13.40 -20.42 -31.74
N VAL D 178 -13.88 -20.81 -32.92
CA VAL D 178 -13.88 -19.90 -34.07
C VAL D 178 -15.28 -19.67 -34.64
N VAL D 179 -15.66 -18.41 -34.80
CA VAL D 179 -16.99 -18.06 -35.29
C VAL D 179 -16.95 -17.22 -36.56
N GLN D 180 -17.90 -17.42 -37.47
CA GLN D 180 -17.94 -16.66 -38.73
C GLN D 180 -18.29 -15.19 -38.53
N ILE D 181 -17.75 -14.33 -39.42
CA ILE D 181 -18.00 -12.89 -39.49
C ILE D 181 -17.56 -12.40 -40.88
N ASN D 193 -18.34 -15.14 -46.48
CA ASN D 193 -16.99 -15.50 -46.88
C ASN D 193 -16.34 -16.37 -45.79
N LYS D 194 -15.09 -16.82 -46.02
CA LYS D 194 -14.25 -17.62 -45.09
C LYS D 194 -13.57 -16.72 -44.10
N GLU D 195 -14.35 -15.83 -43.50
CA GLU D 195 -13.89 -14.83 -42.56
C GLU D 195 -14.40 -15.17 -41.20
N TYR D 196 -13.47 -15.39 -40.30
CA TYR D 196 -13.73 -15.83 -38.95
C TYR D 196 -13.04 -15.00 -37.90
N ARG D 197 -13.55 -15.05 -36.69
CA ARG D 197 -12.87 -14.42 -35.59
C ARG D 197 -12.86 -15.36 -34.40
N LEU D 198 -12.02 -15.08 -33.42
CA LEU D 198 -12.05 -15.91 -32.24
C LEU D 198 -13.32 -15.57 -31.53
N ILE D 199 -13.94 -16.56 -30.90
CA ILE D 199 -15.22 -16.34 -30.25
C ILE D 199 -15.27 -15.23 -29.20
N ASN D 200 -14.20 -14.98 -28.47
CA ASN D 200 -14.29 -13.93 -27.46
C ASN D 200 -13.86 -12.51 -27.88
N CYS D 201 -13.53 -12.26 -29.17
CA CYS D 201 -13.13 -10.93 -29.70
C CYS D 201 -14.46 -10.25 -30.04
N ASN D 202 -15.13 -9.98 -28.95
CA ASN D 202 -16.47 -9.47 -28.82
C ASN D 202 -16.64 -8.85 -27.43
N THR D 203 -16.50 -9.69 -26.37
CA THR D 203 -16.71 -9.32 -24.97
C THR D 203 -15.47 -9.13 -24.11
N SER D 204 -14.31 -9.71 -24.43
CA SER D 204 -13.14 -9.49 -23.55
C SER D 204 -11.80 -9.87 -24.16
N ALA D 205 -10.76 -9.67 -23.38
CA ALA D 205 -9.43 -10.05 -23.79
C ALA D 205 -9.22 -11.51 -23.48
N ILE D 206 -8.36 -12.15 -24.24
CA ILE D 206 -8.06 -13.54 -23.95
C ILE D 206 -6.64 -13.61 -23.40
N THR D 207 -6.46 -14.17 -22.23
CA THR D 207 -5.12 -14.25 -21.65
C THR D 207 -4.58 -15.63 -21.88
N GLN D 208 -3.35 -15.74 -22.36
CA GLN D 208 -2.79 -17.05 -22.57
C GLN D 208 -2.31 -17.57 -21.27
N ALA D 209 -2.66 -18.78 -20.94
CA ALA D 209 -2.12 -19.30 -19.71
C ALA D 209 -0.64 -19.49 -19.94
N CYS D 210 0.22 -19.23 -18.93
CA CYS D 210 1.66 -19.45 -19.02
C CYS D 210 1.90 -20.98 -19.04
N PRO D 211 2.55 -21.55 -20.08
CA PRO D 211 2.79 -22.98 -20.25
C PRO D 211 3.54 -23.66 -19.12
N LYS D 212 4.30 -22.89 -18.36
CA LYS D 212 5.06 -23.45 -17.26
C LYS D 212 4.20 -23.70 -16.03
N VAL D 213 3.02 -23.11 -16.01
CA VAL D 213 2.17 -23.19 -14.84
C VAL D 213 1.31 -24.40 -14.82
N SER D 214 1.37 -25.11 -13.71
CA SER D 214 0.57 -26.29 -13.56
C SER D 214 -0.69 -26.06 -12.76
N PHE D 215 -1.79 -26.44 -13.37
CA PHE D 215 -3.09 -26.32 -12.73
C PHE D 215 -3.57 -27.68 -12.31
N GLU D 216 -2.65 -28.63 -12.23
CA GLU D 216 -3.00 -29.96 -11.79
C GLU D 216 -3.50 -29.83 -10.36
N PRO D 217 -4.65 -30.39 -9.99
CA PRO D 217 -5.11 -30.35 -8.64
C PRO D 217 -4.20 -31.23 -7.82
N ILE D 218 -3.86 -30.78 -6.65
CA ILE D 218 -3.07 -31.55 -5.71
C ILE D 218 -3.93 -31.50 -4.49
N PRO D 219 -3.82 -32.39 -3.52
CA PRO D 219 -4.61 -32.28 -2.34
C PRO D 219 -4.15 -31.08 -1.56
N ILE D 220 -5.08 -30.35 -0.99
CA ILE D 220 -4.75 -29.25 -0.11
C ILE D 220 -5.50 -29.43 1.18
N HIS D 221 -5.04 -28.80 2.23
CA HIS D 221 -5.72 -28.92 3.51
C HIS D 221 -6.11 -27.57 4.05
N TYR D 222 -7.35 -27.42 4.52
CA TYR D 222 -7.69 -26.16 5.17
C TYR D 222 -7.45 -26.35 6.64
N CYS D 223 -6.83 -25.35 7.31
CA CYS D 223 -6.45 -25.38 8.71
C CYS D 223 -7.00 -24.18 9.47
N ALA D 224 -7.42 -24.40 10.72
CA ALA D 224 -7.96 -23.29 11.52
C ALA D 224 -6.87 -22.43 12.15
N PRO D 225 -7.09 -21.11 12.28
CA PRO D 225 -6.25 -20.17 13.00
C PRO D 225 -6.41 -20.36 14.49
N ALA D 226 -5.44 -19.91 15.27
CA ALA D 226 -5.57 -20.06 16.71
C ALA D 226 -6.83 -19.39 17.20
N GLY D 227 -7.51 -20.06 18.13
CA GLY D 227 -8.76 -19.59 18.71
C GLY D 227 -9.96 -20.30 18.08
N PHE D 228 -9.70 -21.03 17.01
CA PHE D 228 -10.71 -21.79 16.29
C PHE D 228 -10.38 -23.25 16.16
N ALA D 229 -11.40 -24.04 15.90
CA ALA D 229 -11.20 -25.45 15.69
C ALA D 229 -12.13 -25.95 14.62
N ILE D 230 -11.71 -27.00 13.92
CA ILE D 230 -12.57 -27.61 12.94
C ILE D 230 -13.12 -28.89 13.49
N LEU D 231 -14.42 -29.04 13.49
CA LEU D 231 -14.97 -30.26 14.01
C LEU D 231 -15.35 -31.12 12.85
N LYS D 232 -15.04 -32.39 12.96
CA LYS D 232 -15.33 -33.36 11.93
C LYS D 232 -16.43 -34.33 12.37
N CYS D 233 -17.38 -34.61 11.46
CA CYS D 233 -18.45 -35.59 11.65
C CYS D 233 -18.00 -36.93 11.07
N LYS D 234 -17.94 -37.94 11.92
CA LYS D 234 -17.51 -39.27 11.51
C LYS D 234 -18.66 -40.26 11.36
N ASP D 235 -19.89 -39.80 11.53
CA ASP D 235 -21.00 -40.74 11.45
C ASP D 235 -21.07 -41.35 10.09
N LYS D 236 -21.42 -42.62 10.05
CA LYS D 236 -21.62 -43.30 8.79
C LYS D 236 -23.00 -42.93 8.32
N LYS D 237 -23.18 -42.89 7.02
CA LYS D 237 -24.49 -42.60 6.43
C LYS D 237 -24.99 -41.23 6.85
N PHE D 238 -24.09 -40.28 6.93
CA PHE D 238 -24.46 -38.93 7.28
C PHE D 238 -24.89 -38.20 6.02
N ASN D 239 -26.08 -37.62 6.04
CA ASN D 239 -26.67 -37.02 4.86
C ASN D 239 -26.51 -35.52 4.77
N GLY D 240 -25.52 -34.99 5.44
CA GLY D 240 -25.19 -33.58 5.35
C GLY D 240 -25.96 -32.66 6.26
N THR D 241 -26.80 -33.21 7.10
CA THR D 241 -27.56 -32.33 7.96
C THR D 241 -28.01 -32.95 9.26
N GLY D 242 -28.15 -32.10 10.26
CA GLY D 242 -28.72 -32.51 11.52
C GLY D 242 -27.63 -32.97 12.46
N PRO D 243 -27.99 -33.57 13.59
CA PRO D 243 -27.09 -33.95 14.62
C PRO D 243 -26.21 -35.07 14.12
N CYS D 244 -24.98 -35.10 14.62
CA CYS D 244 -23.93 -36.08 14.39
C CYS D 244 -23.47 -36.49 15.77
N THR D 245 -23.41 -37.79 16.02
CA THR D 245 -23.00 -38.24 17.37
C THR D 245 -21.54 -38.75 17.50
N ASN D 246 -20.89 -39.12 16.39
CA ASN D 246 -19.49 -39.55 16.32
C ASN D 246 -18.68 -38.33 15.84
N VAL D 247 -18.13 -37.50 16.77
CA VAL D 247 -17.51 -36.19 16.48
C VAL D 247 -16.09 -36.11 17.02
N SER D 248 -15.20 -35.52 16.22
CA SER D 248 -13.83 -35.32 16.66
C SER D 248 -13.29 -33.97 16.23
N THR D 249 -12.29 -33.51 16.93
CA THR D 249 -11.67 -32.22 16.61
C THR D 249 -10.43 -32.44 15.79
N VAL D 250 -10.27 -31.68 14.72
CA VAL D 250 -9.08 -31.84 13.91
C VAL D 250 -8.38 -30.52 13.71
N GLN D 251 -7.09 -30.59 13.41
CA GLN D 251 -6.39 -29.35 13.08
C GLN D 251 -6.68 -28.80 11.68
N CYS D 252 -6.89 -29.72 10.68
CA CYS D 252 -7.05 -29.43 9.27
C CYS D 252 -8.08 -30.40 8.68
N THR D 253 -8.54 -30.08 7.47
CA THR D 253 -9.59 -30.81 6.73
C THR D 253 -9.22 -32.03 5.92
N HIS D 254 -7.97 -32.42 5.94
CA HIS D 254 -7.44 -33.53 5.17
C HIS D 254 -7.24 -33.05 3.75
N GLY D 255 -6.72 -33.92 2.89
CA GLY D 255 -6.38 -33.58 1.54
C GLY D 255 -7.55 -33.58 0.57
N ILE D 256 -7.98 -32.39 0.21
CA ILE D 256 -9.07 -32.20 -0.71
C ILE D 256 -8.52 -31.74 -2.03
N LYS D 257 -8.81 -32.48 -3.10
CA LYS D 257 -8.28 -32.10 -4.41
C LYS D 257 -9.25 -31.17 -5.11
N PRO D 258 -8.86 -29.98 -5.54
CA PRO D 258 -9.70 -29.00 -6.19
C PRO D 258 -9.92 -29.37 -7.65
N VAL D 259 -10.61 -30.48 -7.86
CA VAL D 259 -10.90 -30.97 -9.19
C VAL D 259 -12.11 -30.24 -9.72
N VAL D 260 -12.01 -29.73 -10.93
CA VAL D 260 -13.12 -29.02 -11.54
C VAL D 260 -13.78 -29.86 -12.61
N SER D 261 -15.06 -30.16 -12.44
CA SER D 261 -15.81 -30.96 -13.39
C SER D 261 -17.31 -30.71 -13.27
N THR D 262 -18.04 -31.21 -14.26
CA THR D 262 -19.50 -31.19 -14.18
C THR D 262 -20.07 -32.58 -14.35
N GLN D 263 -21.29 -32.77 -13.87
CA GLN D 263 -22.07 -34.01 -13.97
C GLN D 263 -21.46 -35.19 -13.20
N LEU D 264 -20.24 -35.55 -13.52
CA LEU D 264 -19.54 -36.59 -12.81
C LEU D 264 -18.45 -35.95 -11.97
N LEU D 265 -18.43 -36.30 -10.70
CA LEU D 265 -17.43 -35.81 -9.77
C LEU D 265 -16.29 -36.76 -9.81
N LEU D 266 -15.10 -36.25 -9.99
CA LEU D 266 -13.95 -37.12 -10.10
C LEU D 266 -12.97 -36.97 -8.95
N ASN D 267 -12.30 -38.09 -8.61
CA ASN D 267 -11.21 -38.25 -7.64
C ASN D 267 -11.55 -37.72 -6.22
N GLY D 268 -12.80 -37.94 -5.74
CA GLY D 268 -13.26 -37.54 -4.41
C GLY D 268 -13.24 -38.71 -3.45
N SER D 269 -13.92 -38.53 -2.34
CA SER D 269 -13.97 -39.56 -1.31
C SER D 269 -15.14 -40.48 -1.58
N LEU D 270 -14.98 -41.75 -1.25
CA LEU D 270 -16.07 -42.72 -1.37
C LEU D 270 -16.76 -42.91 -0.05
N ALA D 271 -18.03 -43.27 -0.12
CA ALA D 271 -18.83 -43.57 1.06
C ALA D 271 -18.32 -44.88 1.66
N GLU D 272 -18.37 -45.02 2.99
CA GLU D 272 -17.87 -46.24 3.62
C GLU D 272 -18.68 -47.52 3.38
N GLU D 273 -20.00 -47.42 3.39
CA GLU D 273 -20.83 -48.62 3.27
C GLU D 273 -21.90 -48.61 2.18
N GLU D 274 -22.51 -47.47 1.96
CA GLU D 274 -23.64 -47.37 1.04
C GLU D 274 -23.55 -46.11 0.23
N VAL D 275 -24.23 -46.09 -0.90
CA VAL D 275 -24.34 -44.86 -1.69
C VAL D 275 -25.16 -43.86 -0.89
N ILE D 276 -24.67 -42.63 -0.79
CA ILE D 276 -25.41 -41.66 0.00
C ILE D 276 -26.00 -40.56 -0.85
N ILE D 277 -27.30 -40.37 -0.72
CA ILE D 277 -28.02 -39.37 -1.48
C ILE D 277 -28.18 -38.12 -0.64
N ARG D 278 -27.70 -36.97 -1.09
CA ARG D 278 -27.82 -35.76 -0.28
C ARG D 278 -28.38 -34.57 -1.06
N SER D 279 -29.24 -33.80 -0.43
CA SER D 279 -29.72 -32.57 -1.07
C SER D 279 -30.16 -31.57 -0.01
N GLU D 280 -30.17 -30.28 -0.35
CA GLU D 280 -30.61 -29.26 0.58
C GLU D 280 -32.07 -29.42 0.95
N ASN D 281 -32.87 -29.77 -0.03
CA ASN D 281 -34.29 -29.91 0.19
C ASN D 281 -34.82 -31.00 -0.73
N ILE D 282 -34.79 -32.22 -0.25
CA ILE D 282 -35.21 -33.32 -1.08
C ILE D 282 -36.68 -33.12 -1.32
N THR D 283 -37.10 -33.40 -2.55
CA THR D 283 -38.45 -33.24 -3.10
C THR D 283 -38.68 -31.82 -3.60
N ASN D 284 -37.69 -30.93 -3.47
CA ASN D 284 -37.80 -29.67 -4.16
C ASN D 284 -37.31 -30.00 -5.55
N ASN D 285 -37.30 -29.05 -6.46
CA ASN D 285 -36.80 -29.30 -7.80
C ASN D 285 -35.69 -28.33 -8.15
N ALA D 286 -35.53 -27.33 -7.29
CA ALA D 286 -34.55 -26.27 -7.51
C ALA D 286 -33.19 -26.64 -6.97
N LYS D 287 -33.10 -27.79 -6.33
CA LYS D 287 -31.87 -28.21 -5.70
C LYS D 287 -31.27 -29.40 -6.41
N ASN D 288 -29.94 -29.47 -6.39
CA ASN D 288 -29.25 -30.62 -6.99
C ASN D 288 -29.14 -31.75 -5.99
N ILE D 289 -29.05 -32.96 -6.51
CA ILE D 289 -28.81 -34.11 -5.67
C ILE D 289 -27.39 -34.56 -5.83
N LEU D 290 -26.68 -34.61 -4.73
CA LEU D 290 -25.31 -35.02 -4.79
C LEU D 290 -25.28 -36.46 -4.39
N VAL D 291 -24.77 -37.30 -5.25
CA VAL D 291 -24.73 -38.71 -4.93
C VAL D 291 -23.32 -39.14 -4.70
N GLN D 292 -23.02 -39.61 -3.50
CA GLN D 292 -21.69 -40.08 -3.19
C GLN D 292 -21.65 -41.57 -3.41
N LEU D 293 -20.71 -42.05 -4.19
CA LEU D 293 -20.71 -43.46 -4.47
C LEU D 293 -19.98 -44.26 -3.40
N ASN D 294 -20.40 -45.54 -3.26
CA ASN D 294 -19.85 -46.59 -2.40
C ASN D 294 -18.54 -47.18 -2.95
N GLU D 295 -18.37 -47.21 -4.30
CA GLU D 295 -17.23 -47.75 -5.03
C GLU D 295 -16.97 -46.81 -6.18
N SER D 296 -15.74 -46.76 -6.65
CA SER D 296 -15.41 -45.94 -7.77
C SER D 296 -15.70 -46.61 -9.10
N VAL D 297 -15.90 -45.80 -10.13
CA VAL D 297 -16.03 -46.30 -11.50
C VAL D 297 -14.85 -45.75 -12.26
N GLN D 298 -14.06 -46.60 -12.87
CA GLN D 298 -12.89 -46.08 -13.54
C GLN D 298 -13.22 -45.61 -14.96
N ILE D 299 -12.86 -44.37 -15.26
CA ILE D 299 -13.11 -43.79 -16.59
C ILE D 299 -11.78 -43.45 -17.30
N ASN D 300 -11.57 -44.03 -18.50
CA ASN D 300 -10.36 -43.94 -19.33
C ASN D 300 -10.56 -42.95 -20.48
N CYS D 301 -9.89 -41.77 -20.43
CA CYS D 301 -10.09 -40.70 -21.41
C CYS D 301 -8.84 -40.43 -22.23
N THR D 302 -9.06 -40.07 -23.49
CA THR D 302 -7.96 -39.74 -24.34
C THR D 302 -8.26 -38.77 -25.47
N ARG D 303 -7.20 -38.10 -25.87
CA ARG D 303 -7.13 -37.24 -27.03
C ARG D 303 -6.06 -37.87 -27.89
N PRO D 304 -6.43 -38.80 -28.79
CA PRO D 304 -5.57 -39.71 -29.54
C PRO D 304 -4.67 -39.07 -30.57
N ASN D 305 -4.95 -37.83 -30.94
CA ASN D 305 -4.18 -37.17 -31.98
C ASN D 305 -2.83 -36.72 -31.47
N ASN D 306 -1.74 -37.11 -32.17
CA ASN D 306 -0.36 -36.76 -31.85
C ASN D 306 -0.08 -35.38 -32.45
N ASN D 307 -0.12 -34.33 -31.60
CA ASN D 307 -0.01 -32.94 -32.05
C ASN D 307 1.38 -32.35 -31.83
N THR D 308 1.55 -31.12 -32.27
CA THR D 308 2.78 -30.40 -32.08
C THR D 308 2.49 -28.94 -31.77
N ARG D 309 3.55 -28.17 -31.61
CA ARG D 309 3.39 -26.76 -31.31
C ARG D 309 4.31 -25.87 -32.10
N LYS D 310 3.91 -24.62 -32.25
CA LYS D 310 4.85 -23.65 -32.79
C LYS D 310 4.82 -22.42 -31.89
N SER D 311 5.99 -21.86 -31.67
CA SER D 311 6.09 -20.69 -30.84
C SER D 311 6.21 -19.47 -31.71
N ILE D 312 5.29 -18.53 -31.56
CA ILE D 312 5.32 -17.36 -32.40
C ILE D 312 5.61 -16.12 -31.58
N ARG D 313 6.63 -15.36 -31.96
CA ARG D 313 6.95 -14.16 -31.21
C ARG D 313 6.07 -13.03 -31.73
N ILE D 314 5.34 -12.38 -30.82
CA ILE D 314 4.39 -11.33 -31.16
C ILE D 314 4.68 -10.00 -30.50
N GLY D 315 5.86 -9.89 -29.92
CA GLY D 315 6.25 -8.70 -29.21
C GLY D 315 7.57 -8.96 -28.51
N PRO D 316 8.08 -8.01 -27.73
CA PRO D 316 9.36 -8.06 -27.06
C PRO D 316 9.39 -9.09 -25.94
N GLY D 317 9.57 -10.34 -26.33
CA GLY D 317 9.60 -11.48 -25.42
C GLY D 317 8.20 -12.04 -25.17
N GLN D 318 7.28 -11.64 -26.01
CA GLN D 318 5.89 -12.06 -25.90
C GLN D 318 5.62 -13.22 -26.82
N TRP D 319 5.34 -14.38 -26.27
CA TRP D 319 5.14 -15.52 -27.14
C TRP D 319 3.73 -16.05 -27.12
N PHE D 320 3.27 -16.43 -28.28
CA PHE D 320 2.01 -17.09 -28.46
C PHE D 320 2.23 -18.52 -28.84
N TYR D 321 1.52 -19.42 -28.21
CA TYR D 321 1.68 -20.82 -28.53
C TYR D 321 0.54 -21.30 -29.37
N ALA D 322 0.86 -21.66 -30.59
CA ALA D 322 -0.15 -22.06 -31.54
C ALA D 322 -0.14 -23.54 -31.78
N THR D 323 -1.32 -24.07 -32.07
CA THR D 323 -1.46 -25.48 -32.41
C THR D 323 -0.85 -25.71 -33.76
N GLY D 324 0.03 -26.68 -33.88
CA GLY D 324 0.66 -26.95 -35.15
C GLY D 324 -0.07 -28.03 -35.92
N ASP D 325 0.57 -28.54 -36.95
CA ASP D 325 -0.07 -29.57 -37.74
C ASP D 325 -0.21 -30.81 -36.90
N ILE D 326 -1.25 -31.58 -37.12
CA ILE D 326 -1.31 -32.86 -36.42
C ILE D 326 -0.34 -33.72 -37.20
N ILE D 327 0.55 -34.44 -36.51
CA ILE D 327 1.57 -35.20 -37.22
C ILE D 327 1.22 -36.67 -37.39
N GLY D 328 0.14 -37.07 -36.77
CA GLY D 328 -0.39 -38.41 -36.90
C GLY D 328 -1.73 -38.32 -37.64
N ASP D 329 -2.56 -39.34 -37.49
CA ASP D 329 -3.87 -39.38 -38.12
C ASP D 329 -4.81 -38.52 -37.27
N ILE D 330 -5.92 -38.03 -37.84
CA ILE D 330 -6.83 -37.23 -37.02
C ILE D 330 -8.12 -38.01 -36.64
N ARG D 331 -8.30 -38.17 -35.33
CA ARG D 331 -9.39 -38.94 -34.71
C ARG D 331 -10.09 -38.16 -33.59
N GLN D 332 -11.31 -38.59 -33.24
CA GLN D 332 -12.08 -37.92 -32.20
C GLN D 332 -11.72 -38.37 -30.78
N ALA D 333 -11.65 -37.39 -29.87
CA ALA D 333 -11.41 -37.62 -28.44
C ALA D 333 -12.59 -38.37 -27.84
N HIS D 334 -12.31 -39.19 -26.84
CA HIS D 334 -13.37 -39.99 -26.21
C HIS D 334 -12.99 -40.48 -24.81
N CYS D 335 -14.03 -40.94 -24.03
CA CYS D 335 -13.90 -41.57 -22.70
C CYS D 335 -14.61 -42.93 -22.62
N ASN D 336 -13.96 -43.90 -21.99
CA ASN D 336 -14.55 -45.24 -21.80
C ASN D 336 -14.81 -45.56 -20.32
N VAL D 337 -15.93 -46.27 -20.04
CA VAL D 337 -16.22 -46.88 -18.71
C VAL D 337 -16.61 -48.32 -18.95
N SER D 338 -16.39 -49.21 -17.97
CA SER D 338 -16.83 -50.58 -18.14
C SER D 338 -18.35 -50.61 -18.11
N LYS D 339 -18.99 -51.42 -18.95
CA LYS D 339 -20.45 -51.40 -18.96
C LYS D 339 -21.10 -52.01 -17.74
N ALA D 340 -20.50 -53.05 -17.16
CA ALA D 340 -21.16 -53.66 -16.03
C ALA D 340 -20.97 -52.83 -14.80
N THR D 341 -19.80 -52.21 -14.66
CA THR D 341 -19.53 -51.44 -13.48
C THR D 341 -20.48 -50.28 -13.46
N TRP D 342 -20.65 -49.63 -14.61
CA TRP D 342 -21.57 -48.52 -14.66
C TRP D 342 -23.02 -48.95 -14.36
N ASN D 343 -23.50 -50.10 -14.92
CA ASN D 343 -24.85 -50.61 -14.70
C ASN D 343 -25.12 -50.95 -13.22
N GLU D 344 -24.11 -51.55 -12.51
CA GLU D 344 -24.19 -51.87 -11.09
C GLU D 344 -24.23 -50.61 -10.26
N THR D 345 -23.46 -49.61 -10.69
CA THR D 345 -23.39 -48.34 -10.00
C THR D 345 -24.74 -47.68 -10.04
N LEU D 346 -25.39 -47.67 -11.22
CA LEU D 346 -26.69 -47.06 -11.25
C LEU D 346 -27.69 -47.88 -10.47
N GLY D 347 -27.59 -49.20 -10.51
CA GLY D 347 -28.55 -49.98 -9.75
C GLY D 347 -28.49 -49.61 -8.26
N LYS D 348 -27.27 -49.40 -7.74
CA LYS D 348 -27.13 -49.00 -6.33
C LYS D 348 -27.72 -47.63 -6.08
N VAL D 349 -27.52 -46.70 -7.02
CA VAL D 349 -28.06 -45.37 -6.84
C VAL D 349 -29.57 -45.43 -6.82
N VAL D 350 -30.16 -46.21 -7.72
CA VAL D 350 -31.60 -46.33 -7.79
C VAL D 350 -32.15 -46.96 -6.53
N LYS D 351 -31.51 -48.00 -6.02
CA LYS D 351 -31.99 -48.62 -4.80
C LYS D 351 -32.13 -47.58 -3.71
N GLN D 352 -31.16 -46.67 -3.61
CA GLN D 352 -31.23 -45.64 -2.59
C GLN D 352 -32.24 -44.55 -2.95
N LEU D 353 -32.39 -44.21 -4.22
CA LEU D 353 -33.33 -43.17 -4.59
C LEU D 353 -34.73 -43.60 -4.23
N ARG D 354 -35.02 -44.89 -4.34
CA ARG D 354 -36.32 -45.48 -4.04
C ARG D 354 -36.67 -45.42 -2.55
N LYS D 355 -35.73 -45.06 -1.70
CA LYS D 355 -36.04 -44.94 -0.29
C LYS D 355 -36.67 -43.58 -0.04
N HIS D 356 -36.57 -42.69 -1.02
CA HIS D 356 -37.09 -41.34 -0.91
C HIS D 356 -38.14 -40.96 -1.99
N PHE D 357 -37.98 -41.50 -3.24
CA PHE D 357 -38.77 -41.19 -4.44
C PHE D 357 -38.90 -39.67 -4.65
N ASN D 367 -30.55 -38.27 -20.07
CA ASN D 367 -29.84 -37.31 -20.90
C ASN D 367 -29.99 -35.90 -20.30
N SER D 368 -28.89 -35.09 -20.33
CA SER D 368 -28.87 -33.72 -19.83
C SER D 368 -29.61 -32.81 -20.80
N SER D 369 -30.04 -31.64 -20.33
CA SER D 369 -30.68 -30.70 -21.24
C SER D 369 -30.71 -29.27 -20.72
N GLY D 370 -30.44 -28.32 -21.60
CA GLY D 370 -30.53 -26.91 -21.28
C GLY D 370 -29.18 -26.23 -21.03
N GLY D 371 -28.98 -25.06 -21.63
CA GLY D 371 -27.74 -24.31 -21.44
C GLY D 371 -26.63 -24.71 -22.41
N ASP D 372 -25.43 -24.21 -22.12
CA ASP D 372 -24.24 -24.36 -22.95
C ASP D 372 -23.44 -25.63 -22.64
N LEU D 373 -22.33 -25.86 -23.36
CA LEU D 373 -21.56 -27.08 -23.15
C LEU D 373 -21.07 -27.21 -21.73
N GLU D 374 -20.76 -26.09 -21.11
CA GLU D 374 -20.25 -26.09 -19.76
C GLU D 374 -21.20 -26.72 -18.74
N VAL D 375 -22.50 -26.83 -19.06
CA VAL D 375 -23.45 -27.46 -18.16
C VAL D 375 -24.08 -28.74 -18.75
N THR D 376 -24.21 -28.81 -20.09
CA THR D 376 -24.86 -29.97 -20.71
C THR D 376 -23.91 -31.12 -20.92
N THR D 377 -22.60 -30.86 -20.92
CA THR D 377 -21.61 -31.89 -21.09
C THR D 377 -20.81 -32.06 -19.81
N HIS D 378 -19.99 -33.08 -19.80
CA HIS D 378 -19.08 -33.37 -18.73
C HIS D 378 -17.81 -32.59 -18.96
N SER D 379 -17.67 -31.49 -18.24
CA SER D 379 -16.53 -30.63 -18.36
C SER D 379 -15.43 -31.36 -17.64
N PHE D 380 -14.32 -31.50 -18.31
CA PHE D 380 -13.24 -32.30 -17.77
C PHE D 380 -11.83 -31.81 -18.15
N ASN D 381 -10.95 -31.71 -17.18
CA ASN D 381 -9.58 -31.29 -17.42
C ASN D 381 -8.66 -32.53 -17.31
N CYS D 382 -8.06 -32.97 -18.44
CA CYS D 382 -7.25 -34.19 -18.57
C CYS D 382 -5.93 -33.89 -19.23
N GLY D 383 -4.86 -33.96 -18.46
CA GLY D 383 -3.53 -33.71 -19.00
C GLY D 383 -3.24 -32.23 -19.16
N GLY D 384 -4.19 -31.40 -18.76
CA GLY D 384 -4.11 -29.98 -18.92
C GLY D 384 -4.96 -29.54 -20.10
N GLU D 385 -5.51 -30.51 -20.84
CA GLU D 385 -6.38 -30.20 -21.97
C GLU D 385 -7.83 -30.08 -21.49
N PHE D 386 -8.63 -29.30 -22.20
CA PHE D 386 -10.04 -29.14 -21.82
C PHE D 386 -11.02 -29.87 -22.71
N PHE D 387 -11.69 -30.85 -22.11
CA PHE D 387 -12.64 -31.75 -22.73
C PHE D 387 -14.08 -31.42 -22.37
N TYR D 388 -14.97 -31.63 -23.33
CA TYR D 388 -16.42 -31.52 -23.18
C TYR D 388 -17.07 -32.80 -23.69
N CYS D 389 -17.31 -33.79 -22.79
CA CYS D 389 -17.74 -35.14 -23.15
C CYS D 389 -19.26 -35.33 -23.06
N ASN D 390 -19.78 -36.11 -24.01
CA ASN D 390 -21.19 -36.45 -24.13
C ASN D 390 -21.59 -37.67 -23.29
N THR D 391 -22.38 -37.42 -22.25
CA THR D 391 -22.77 -38.41 -21.25
C THR D 391 -24.11 -39.08 -21.51
N SER D 392 -24.69 -38.88 -22.69
CA SER D 392 -25.97 -39.51 -23.03
C SER D 392 -25.81 -41.02 -23.13
N GLY D 393 -24.57 -41.47 -23.25
CA GLY D 393 -24.25 -42.88 -23.30
C GLY D 393 -24.25 -43.51 -21.90
N LEU D 394 -24.25 -42.67 -20.87
CA LEU D 394 -24.24 -43.15 -19.49
C LEU D 394 -25.62 -43.07 -18.83
N PHE D 395 -26.42 -42.10 -19.25
CA PHE D 395 -27.70 -41.88 -18.59
C PHE D 395 -28.90 -41.97 -19.53
N ASN D 396 -29.20 -43.18 -19.97
CA ASN D 396 -30.29 -43.40 -20.91
C ASN D 396 -31.06 -44.67 -20.56
N SER D 397 -31.58 -44.75 -19.35
CA SER D 397 -32.29 -45.96 -18.93
C SER D 397 -33.33 -45.68 -17.88
N THR D 398 -34.46 -46.37 -17.98
CA THR D 398 -35.52 -46.26 -16.99
C THR D 398 -35.56 -47.49 -16.12
N TRP D 399 -35.41 -47.28 -14.83
CA TRP D 399 -35.42 -48.38 -13.90
C TRP D 399 -36.84 -48.49 -13.35
N ILE D 400 -37.38 -49.72 -13.26
CA ILE D 400 -38.74 -50.03 -12.79
C ILE D 400 -38.92 -51.55 -12.80
N ASP D 415 -18.33 -54.83 -23.84
CA ASP D 415 -17.57 -54.72 -22.59
C ASP D 415 -17.55 -53.31 -21.98
N SER D 416 -17.61 -52.24 -22.81
CA SER D 416 -17.51 -50.83 -22.40
C SER D 416 -18.41 -49.89 -23.15
N ILE D 417 -18.60 -48.73 -22.54
CA ILE D 417 -19.39 -47.63 -23.07
C ILE D 417 -18.48 -46.51 -23.49
N THR D 418 -18.58 -46.08 -24.73
CA THR D 418 -17.72 -45.00 -25.21
C THR D 418 -18.50 -43.71 -25.37
N LEU D 419 -17.94 -42.65 -24.79
CA LEU D 419 -18.50 -41.32 -24.83
C LEU D 419 -17.65 -40.45 -25.78
N PRO D 420 -18.18 -39.92 -26.87
CA PRO D 420 -17.48 -39.02 -27.76
C PRO D 420 -17.19 -37.75 -26.96
N CYS D 421 -16.04 -37.08 -27.22
CA CYS D 421 -15.65 -35.82 -26.56
C CYS D 421 -15.19 -34.74 -27.55
N ARG D 422 -15.48 -33.49 -27.20
CA ARG D 422 -14.99 -32.33 -27.93
C ARG D 422 -13.86 -31.69 -27.15
N ILE D 423 -12.98 -30.99 -27.86
CA ILE D 423 -11.86 -30.27 -27.27
C ILE D 423 -12.01 -28.79 -27.54
N LYS D 424 -11.76 -27.95 -26.55
CA LYS D 424 -11.92 -26.51 -26.74
C LYS D 424 -10.69 -25.75 -26.19
N GLN D 425 -10.14 -24.76 -26.92
CA GLN D 425 -9.00 -24.00 -26.39
C GLN D 425 -9.35 -22.68 -25.72
N ILE D 426 -10.49 -22.07 -26.03
CA ILE D 426 -10.78 -20.79 -25.38
C ILE D 426 -11.80 -21.06 -24.30
N ILE D 427 -11.36 -20.92 -23.07
CA ILE D 427 -12.14 -21.31 -21.94
C ILE D 427 -12.62 -20.15 -21.10
N ASN D 428 -13.92 -20.09 -20.86
CA ASN D 428 -14.49 -19.06 -20.02
C ASN D 428 -14.93 -19.73 -18.72
N MET D 429 -14.08 -19.68 -17.70
CA MET D 429 -14.38 -20.43 -16.48
C MET D 429 -15.31 -19.72 -15.51
N TRP D 430 -16.03 -20.55 -14.75
CA TRP D 430 -16.91 -20.13 -13.66
C TRP D 430 -17.99 -19.16 -14.04
N GLN D 431 -18.51 -19.30 -15.24
CA GLN D 431 -19.59 -18.46 -15.73
C GLN D 431 -19.28 -16.97 -15.69
N ARG D 432 -18.01 -16.61 -15.70
CA ARG D 432 -17.67 -15.22 -15.72
C ARG D 432 -17.70 -14.82 -17.16
N ILE D 433 -17.98 -13.55 -17.43
CA ILE D 433 -18.01 -13.11 -18.82
C ILE D 433 -16.97 -12.07 -19.19
N GLY D 434 -16.29 -11.48 -18.21
CA GLY D 434 -15.31 -10.44 -18.51
C GLY D 434 -13.89 -10.96 -18.66
N GLN D 435 -13.73 -12.26 -18.55
CA GLN D 435 -12.42 -12.89 -18.62
C GLN D 435 -12.44 -14.09 -19.52
N ALA D 436 -11.30 -14.38 -20.13
CA ALA D 436 -11.16 -15.58 -20.92
C ALA D 436 -9.75 -16.06 -20.91
N MET D 437 -9.58 -17.36 -21.04
CA MET D 437 -8.26 -17.95 -21.09
C MET D 437 -8.01 -18.74 -22.34
N TYR D 438 -6.82 -18.62 -22.89
CA TYR D 438 -6.43 -19.47 -23.99
C TYR D 438 -5.60 -20.58 -23.42
N ALA D 439 -6.02 -21.81 -23.65
CA ALA D 439 -5.32 -22.96 -23.17
C ALA D 439 -4.30 -23.37 -24.22
N PRO D 440 -2.99 -23.30 -23.97
CA PRO D 440 -1.98 -23.62 -24.94
C PRO D 440 -2.18 -25.06 -25.30
N PRO D 441 -1.80 -25.48 -26.50
CA PRO D 441 -1.84 -26.83 -26.99
C PRO D 441 -0.81 -27.68 -26.28
N ILE D 442 -1.07 -28.98 -26.26
CA ILE D 442 -0.17 -29.96 -25.67
C ILE D 442 0.33 -30.95 -26.70
N GLN D 443 1.64 -31.14 -26.73
CA GLN D 443 2.34 -32.00 -27.65
C GLN D 443 2.10 -33.47 -27.38
N GLY D 444 2.12 -34.28 -28.43
CA GLY D 444 1.96 -35.70 -28.26
C GLY D 444 0.51 -36.06 -28.04
N VAL D 445 0.29 -37.15 -27.31
CA VAL D 445 -1.02 -37.74 -27.10
C VAL D 445 -1.38 -37.75 -25.62
N ILE D 446 -2.61 -37.37 -25.30
CA ILE D 446 -3.04 -37.34 -23.91
C ILE D 446 -3.91 -38.49 -23.51
N ARG D 447 -3.53 -39.11 -22.41
CA ARG D 447 -4.31 -40.19 -21.83
C ARG D 447 -4.33 -39.93 -20.33
N CYS D 448 -5.47 -40.21 -19.66
CA CYS D 448 -5.60 -40.17 -18.19
C CYS D 448 -6.67 -41.17 -17.78
N VAL D 449 -6.58 -41.62 -16.54
CA VAL D 449 -7.60 -42.47 -15.99
C VAL D 449 -8.07 -41.83 -14.70
N SER D 450 -9.35 -41.59 -14.60
CA SER D 450 -9.92 -40.95 -13.42
C SER D 450 -10.93 -41.86 -12.72
N ASN D 451 -11.21 -41.55 -11.44
CA ASN D 451 -12.20 -42.24 -10.60
C ASN D 451 -13.49 -41.43 -10.50
N ILE D 452 -14.66 -42.02 -10.90
CA ILE D 452 -15.97 -41.37 -10.71
C ILE D 452 -16.33 -41.74 -9.31
N THR D 453 -16.47 -40.74 -8.45
CA THR D 453 -16.72 -40.96 -7.03
C THR D 453 -18.06 -40.39 -6.60
N GLY D 454 -18.77 -39.82 -7.54
CA GLY D 454 -20.05 -39.23 -7.28
C GLY D 454 -20.67 -38.63 -8.50
N LEU D 455 -21.97 -38.42 -8.42
CA LEU D 455 -22.75 -37.89 -9.53
C LEU D 455 -23.51 -36.64 -9.11
N ILE D 456 -23.77 -35.71 -10.02
CA ILE D 456 -24.70 -34.65 -9.70
C ILE D 456 -25.92 -34.81 -10.55
N LEU D 457 -27.04 -35.09 -9.91
CA LEU D 457 -28.29 -35.36 -10.60
C LEU D 457 -29.35 -34.28 -10.30
N THR D 458 -30.36 -34.14 -11.17
CA THR D 458 -31.49 -33.21 -11.03
C THR D 458 -32.72 -33.74 -11.76
N ARG D 472 -31.30 -37.93 -14.76
CA ARG D 472 -31.20 -36.60 -15.34
C ARG D 472 -29.95 -35.88 -14.74
N PRO D 473 -28.72 -35.92 -15.37
CA PRO D 473 -27.50 -35.23 -14.96
C PRO D 473 -27.63 -33.72 -14.95
N GLY D 474 -26.91 -33.09 -14.03
CA GLY D 474 -26.89 -31.63 -13.92
C GLY D 474 -25.62 -31.14 -13.28
N GLY D 475 -25.71 -30.04 -12.54
CA GLY D 475 -24.56 -29.42 -11.92
C GLY D 475 -24.05 -28.26 -12.77
N GLY D 476 -22.78 -27.87 -12.58
CA GLY D 476 -22.25 -26.68 -13.24
C GLY D 476 -22.22 -25.49 -12.29
N ASP D 477 -22.58 -25.74 -11.04
CA ASP D 477 -22.62 -24.74 -9.98
C ASP D 477 -21.28 -24.55 -9.27
N MET D 478 -20.42 -25.58 -9.29
CA MET D 478 -19.09 -25.58 -8.64
C MET D 478 -19.06 -25.61 -7.14
N ARG D 479 -19.80 -24.74 -6.47
CA ARG D 479 -19.81 -24.79 -5.03
C ARG D 479 -20.25 -26.16 -4.57
N ASP D 480 -21.17 -26.75 -5.33
CA ASP D 480 -21.69 -28.08 -5.04
C ASP D 480 -20.67 -29.18 -5.22
N ASN D 481 -19.57 -28.94 -5.92
CA ASN D 481 -18.59 -29.99 -6.05
C ASN D 481 -17.81 -30.03 -4.77
N TRP D 482 -17.52 -28.84 -4.25
CA TRP D 482 -16.72 -28.75 -3.04
C TRP D 482 -17.50 -29.15 -1.81
N ARG D 483 -18.81 -29.03 -1.88
CA ARG D 483 -19.64 -29.48 -0.78
C ARG D 483 -19.51 -30.97 -0.59
N SER D 484 -19.09 -31.71 -1.62
CA SER D 484 -19.01 -33.16 -1.51
C SER D 484 -17.82 -33.62 -0.68
N GLU D 485 -16.86 -32.73 -0.43
CA GLU D 485 -15.70 -33.09 0.38
C GLU D 485 -15.76 -32.42 1.76
N LEU D 486 -16.39 -31.26 1.82
CA LEU D 486 -16.45 -30.47 3.05
C LEU D 486 -17.72 -30.67 3.86
N TYR D 487 -18.56 -31.61 3.48
CA TYR D 487 -19.84 -31.84 4.16
C TYR D 487 -19.71 -32.27 5.61
N LYS D 488 -18.58 -32.83 5.95
CA LYS D 488 -18.35 -33.33 7.28
C LYS D 488 -17.64 -32.34 8.17
N TYR D 489 -17.37 -31.12 7.69
CA TYR D 489 -16.65 -30.20 8.58
C TYR D 489 -17.38 -28.93 8.92
N LYS D 490 -17.16 -28.45 10.13
CA LYS D 490 -17.65 -27.14 10.52
C LYS D 490 -16.62 -26.40 11.34
N VAL D 491 -16.64 -25.08 11.30
CA VAL D 491 -15.70 -24.30 12.10
C VAL D 491 -16.35 -23.71 13.31
N VAL D 492 -15.72 -23.88 14.47
CA VAL D 492 -16.24 -23.32 15.68
C VAL D 492 -15.22 -22.43 16.38
N LYS D 493 -15.73 -21.41 17.03
CA LYS D 493 -14.93 -20.45 17.80
C LYS D 493 -14.84 -20.91 19.21
N ILE D 494 -13.65 -20.88 19.76
CA ILE D 494 -13.47 -21.31 21.12
C ILE D 494 -13.72 -20.13 22.03
N GLU D 495 -14.49 -20.36 23.09
CA GLU D 495 -14.85 -19.32 24.08
C GLU D 495 -14.39 -19.70 25.49
N PRO D 496 -13.12 -19.42 25.86
CA PRO D 496 -12.43 -19.82 27.07
C PRO D 496 -12.95 -19.33 28.42
N LEU D 497 -13.75 -18.26 28.49
CA LEU D 497 -14.22 -17.81 29.79
C LEU D 497 -15.62 -18.23 30.12
N GLY D 498 -15.83 -18.48 31.39
CA GLY D 498 -17.15 -18.75 31.88
C GLY D 498 -17.17 -18.70 33.38
N VAL D 499 -18.35 -18.71 33.93
CA VAL D 499 -18.51 -18.64 35.37
C VAL D 499 -19.45 -19.73 35.82
N ALA D 500 -19.38 -20.10 37.09
CA ALA D 500 -20.29 -21.08 37.67
C ALA D 500 -20.28 -20.92 39.19
N PRO D 501 -21.35 -21.30 39.92
CA PRO D 501 -21.39 -21.27 41.36
C PRO D 501 -20.53 -22.31 42.01
N THR D 502 -19.80 -21.91 43.03
CA THR D 502 -18.97 -22.79 43.86
C THR D 502 -19.12 -22.35 45.30
N ARG D 503 -18.52 -23.06 46.22
CA ARG D 503 -18.56 -22.62 47.62
C ARG D 503 -17.32 -21.80 48.07
N CYS D 504 -16.47 -21.37 47.11
CA CYS D 504 -15.20 -20.66 47.33
C CYS D 504 -15.37 -19.14 47.30
N LYS D 505 -15.04 -18.52 48.42
CA LYS D 505 -15.15 -17.08 48.56
C LYS D 505 -13.77 -16.47 48.53
N ARG D 506 -13.61 -15.33 47.89
CA ARG D 506 -12.29 -14.70 47.91
C ARG D 506 -11.87 -14.33 49.33
N ARG D 507 -10.56 -14.54 49.66
CA ARG D 507 -9.88 -14.27 50.95
C ARG D 507 -10.02 -15.48 51.86
N GLY E 10 -19.72 5.88 30.10
CA GLY E 10 -19.25 7.04 30.82
C GLY E 10 -17.72 7.25 30.73
N PHE E 11 -17.12 6.94 29.56
CA PHE E 11 -15.69 7.03 29.25
C PHE E 11 -15.24 8.48 29.30
N LEU E 12 -14.27 8.74 30.15
CA LEU E 12 -13.73 10.06 30.44
C LEU E 12 -14.78 10.94 31.09
N GLY E 13 -15.84 10.34 31.64
CA GLY E 13 -16.88 11.13 32.27
C GLY E 13 -16.35 11.95 33.43
N ALA E 14 -15.34 11.44 34.11
CA ALA E 14 -14.77 12.14 35.24
C ALA E 14 -13.76 13.18 34.84
N ALA E 15 -13.43 13.31 33.57
CA ALA E 15 -12.43 14.29 33.23
C ALA E 15 -13.00 15.62 33.65
N GLY E 16 -12.18 16.44 34.26
CA GLY E 16 -12.62 17.74 34.73
C GLY E 16 -12.98 17.73 36.20
N SER E 17 -13.19 16.53 36.77
CA SER E 17 -13.49 16.37 38.18
C SER E 17 -12.17 16.26 38.90
N THR E 18 -12.16 16.50 40.19
CA THR E 18 -10.89 16.42 40.83
C THR E 18 -10.42 15.00 40.99
N MET E 19 -9.13 14.86 41.25
CA MET E 19 -8.45 13.58 41.35
C MET E 19 -9.07 12.70 42.40
N GLY E 20 -9.51 13.27 43.49
CA GLY E 20 -10.11 12.49 44.57
C GLY E 20 -11.42 11.83 44.17
N ALA E 21 -12.03 12.27 43.07
CA ALA E 21 -13.25 11.69 42.55
C ALA E 21 -12.97 10.89 41.29
N ALA E 22 -12.04 11.42 40.50
CA ALA E 22 -11.70 10.86 39.21
C ALA E 22 -10.85 9.60 39.33
N SER E 23 -10.23 9.40 40.51
CA SER E 23 -9.44 8.20 40.79
C SER E 23 -10.34 7.01 40.96
N MET E 24 -11.63 7.24 41.14
CA MET E 24 -12.57 6.16 41.27
C MET E 24 -13.09 5.89 39.89
N THR E 25 -13.67 4.74 39.69
CA THR E 25 -14.21 4.45 38.37
C THR E 25 -13.12 4.50 37.29
N LEU E 26 -12.02 3.80 37.56
CA LEU E 26 -10.90 3.66 36.63
C LEU E 26 -11.11 2.49 35.70
N THR E 27 -12.11 1.67 35.99
CA THR E 27 -12.39 0.50 35.17
C THR E 27 -12.89 0.95 33.82
N VAL E 28 -13.61 2.03 33.82
CA VAL E 28 -14.24 2.59 32.64
C VAL E 28 -13.23 3.02 31.58
N GLN E 29 -12.11 3.59 31.98
CA GLN E 29 -11.14 4.02 30.99
C GLN E 29 -10.15 2.94 30.67
N ALA E 30 -10.30 1.77 31.29
CA ALA E 30 -9.39 0.66 31.04
C ALA E 30 -10.05 -0.32 30.09
N ARG E 31 -11.33 -0.57 30.33
CA ARG E 31 -12.09 -1.57 29.57
C ARG E 31 -12.43 -1.10 28.18
N ASN E 32 -12.17 0.16 27.91
CA ASN E 32 -12.41 0.76 26.63
C ASN E 32 -11.15 1.02 25.81
N LEU E 33 -10.01 0.42 26.19
CA LEU E 33 -8.78 0.65 25.44
C LEU E 33 -8.51 -0.35 24.32
N LEU E 34 -9.10 -1.55 24.40
CA LEU E 34 -8.95 -2.55 23.35
C LEU E 34 -10.20 -2.62 22.47
N SER E 35 -11.33 -2.21 23.03
CA SER E 35 -12.63 -2.35 22.39
C SER E 35 -12.94 -1.28 21.34
N GLY E 36 -12.19 -1.30 20.22
CA GLY E 36 -12.29 -0.36 19.10
C GLY E 36 -13.60 -0.56 18.32
N TRP E 60 -9.88 0.92 4.76
CA TRP E 60 -8.69 0.67 3.97
C TRP E 60 -8.06 -0.69 4.42
N GLY E 61 -6.91 -1.07 3.79
CA GLY E 61 -6.18 -2.33 4.05
C GLY E 61 -5.07 -2.16 5.08
N ILE E 62 -3.89 -1.80 4.62
CA ILE E 62 -2.74 -1.67 5.48
C ILE E 62 -2.98 -0.65 6.56
N LYS E 63 -3.62 0.44 6.24
CA LYS E 63 -3.87 1.45 7.25
C LYS E 63 -4.69 0.92 8.41
N GLN E 64 -5.61 -0.03 8.20
CA GLN E 64 -6.39 -0.48 9.32
C GLN E 64 -5.60 -1.49 10.11
N LEU E 65 -4.76 -2.27 9.45
CA LEU E 65 -3.94 -3.15 10.25
C LEU E 65 -3.01 -2.32 11.09
N GLN E 66 -2.51 -1.21 10.56
CA GLN E 66 -1.61 -0.41 11.35
C GLN E 66 -2.34 0.15 12.55
N ALA E 67 -3.58 0.59 12.38
CA ALA E 67 -4.33 1.11 13.51
C ALA E 67 -4.54 0.05 14.60
N ARG E 68 -4.82 -1.17 14.19
CA ARG E 68 -5.07 -2.25 15.13
C ARG E 68 -3.81 -2.74 15.81
N VAL E 69 -2.72 -2.83 15.06
CA VAL E 69 -1.46 -3.27 15.62
C VAL E 69 -0.98 -2.24 16.60
N LEU E 70 -1.12 -0.96 16.26
CA LEU E 70 -0.70 0.06 17.19
C LEU E 70 -1.51 0.01 18.47
N ALA E 71 -2.83 -0.17 18.39
CA ALA E 71 -3.59 -0.21 19.63
C ALA E 71 -3.08 -1.34 20.53
N VAL E 72 -2.74 -2.47 19.94
CA VAL E 72 -2.22 -3.57 20.73
C VAL E 72 -0.87 -3.23 21.33
N GLU E 73 0.02 -2.65 20.54
CA GLU E 73 1.33 -2.31 21.06
C GLU E 73 1.25 -1.30 22.19
N ARG E 74 0.37 -0.30 22.06
CA ARG E 74 0.28 0.68 23.12
C ARG E 74 -0.26 0.05 24.39
N TYR E 75 -1.25 -0.82 24.25
CA TYR E 75 -1.80 -1.49 25.41
C TYR E 75 -0.73 -2.28 26.11
N LEU E 76 0.02 -3.07 25.36
CA LEU E 76 1.02 -3.90 25.96
C LEU E 76 2.12 -3.12 26.59
N ARG E 77 2.51 -1.98 26.02
CA ARG E 77 3.59 -1.24 26.65
C ARG E 77 3.15 -0.75 28.02
N ASP E 78 1.91 -0.29 28.16
CA ASP E 78 1.49 0.16 29.48
C ASP E 78 1.39 -0.99 30.45
N GLN E 79 0.95 -2.15 29.98
CA GLN E 79 0.85 -3.28 30.88
C GLN E 79 2.24 -3.76 31.28
N GLN E 80 3.19 -3.66 30.36
CA GLN E 80 4.55 -4.06 30.64
C GLN E 80 5.13 -3.19 31.74
N LEU E 81 4.84 -1.89 31.70
CA LEU E 81 5.36 -1.03 32.75
C LEU E 81 4.73 -1.37 34.09
N LEU E 82 3.44 -1.66 34.11
CA LEU E 82 2.86 -1.99 35.39
C LEU E 82 3.46 -3.27 35.90
N GLY E 83 3.71 -4.21 35.02
CA GLY E 83 4.29 -5.47 35.44
C GLY E 83 5.69 -5.31 36.03
N ILE E 84 6.55 -4.59 35.32
CA ILE E 84 7.92 -4.45 35.75
C ILE E 84 8.05 -3.66 37.07
N TRP E 85 7.07 -2.81 37.38
CA TRP E 85 7.03 -2.05 38.63
C TRP E 85 6.34 -2.81 39.78
N GLY E 86 5.84 -4.02 39.49
CA GLY E 86 5.10 -4.81 40.49
C GLY E 86 3.61 -4.43 40.71
N CYS E 87 2.97 -3.80 39.71
CA CYS E 87 1.59 -3.30 39.72
C CYS E 87 0.72 -4.12 38.76
N SER E 88 1.17 -5.29 38.38
CA SER E 88 0.37 -6.08 37.46
C SER E 88 -0.94 -6.46 38.08
N GLY E 89 -2.01 -6.33 37.31
CA GLY E 89 -3.32 -6.74 37.78
C GLY E 89 -4.01 -5.71 38.65
N LYS E 90 -3.43 -4.52 38.81
CA LYS E 90 -4.06 -3.51 39.66
C LYS E 90 -4.36 -2.23 38.91
N LEU E 91 -5.42 -1.53 39.29
CA LEU E 91 -5.69 -0.23 38.73
C LEU E 91 -5.11 0.80 39.68
N ILE E 92 -5.14 0.48 40.98
CA ILE E 92 -4.54 1.34 41.99
C ILE E 92 -3.40 0.59 42.67
N CYS E 93 -2.14 1.03 42.50
CA CYS E 93 -0.96 0.35 43.03
C CYS E 93 -0.09 1.21 43.95
N CYS E 94 0.02 0.77 45.18
CA CYS E 94 0.86 1.45 46.14
C CYS E 94 2.28 0.96 45.88
N THR E 95 3.27 1.81 46.05
CA THR E 95 4.64 1.37 45.83
C THR E 95 5.43 1.72 47.06
N ASN E 96 6.73 1.44 47.04
CA ASN E 96 7.59 1.76 48.15
C ASN E 96 8.64 2.80 47.77
N VAL E 97 8.34 3.63 46.77
CA VAL E 97 9.23 4.72 46.39
C VAL E 97 8.68 5.99 47.00
N PRO E 98 9.41 6.72 47.85
CA PRO E 98 8.99 7.94 48.50
C PRO E 98 8.69 9.02 47.50
N TRP E 99 7.75 9.89 47.83
CA TRP E 99 7.45 11.02 46.99
C TRP E 99 8.41 12.14 47.35
N ASN E 100 9.02 12.81 46.36
CA ASN E 100 9.94 13.92 46.55
C ASN E 100 9.20 15.27 46.43
N SER E 101 9.50 16.21 47.36
CA SER E 101 8.94 17.58 47.37
C SER E 101 9.46 18.34 46.16
N THR E 102 10.56 17.85 45.59
CA THR E 102 11.10 18.41 44.37
C THR E 102 10.15 18.19 43.21
N TRP E 103 9.53 17.01 43.13
CA TRP E 103 8.67 16.72 42.01
C TRP E 103 7.44 17.58 42.08
N SER E 104 6.91 17.71 43.29
CA SER E 104 5.76 18.57 43.53
C SER E 104 5.67 19.00 44.97
N ASN E 105 5.91 20.28 45.23
CA ASN E 105 5.90 20.74 46.60
C ASN E 105 4.50 21.18 46.99
N ARG E 106 3.60 20.22 47.10
CA ARG E 106 2.20 20.48 47.40
C ARG E 106 1.67 19.52 48.47
N ASN E 107 0.61 19.93 49.22
CA ASN E 107 -0.08 19.12 50.23
C ASN E 107 -1.09 18.20 49.53
N LEU E 108 -1.48 17.06 50.16
CA LEU E 108 -2.49 16.16 49.57
C LEU E 108 -3.85 16.85 49.46
N SER E 109 -4.14 17.71 50.41
CA SER E 109 -5.38 18.45 50.50
C SER E 109 -5.55 19.47 49.38
N GLU E 110 -4.50 19.78 48.63
CA GLU E 110 -4.60 20.71 47.53
C GLU E 110 -4.35 19.99 46.20
N ILE E 111 -4.18 18.67 46.26
CA ILE E 111 -3.98 17.87 45.06
C ILE E 111 -5.20 17.05 44.81
N TRP E 112 -5.58 16.25 45.79
CA TRP E 112 -6.67 15.33 45.56
C TRP E 112 -8.02 16.04 45.56
N ASP E 113 -8.11 17.13 46.30
CA ASP E 113 -9.35 17.87 46.35
C ASP E 113 -9.45 19.04 45.39
N ASN E 114 -8.32 19.63 44.97
CA ASN E 114 -8.40 20.78 44.08
C ASN E 114 -8.01 20.57 42.62
N MET E 115 -7.19 19.57 42.31
CA MET E 115 -6.73 19.42 40.95
C MET E 115 -7.44 18.32 40.22
N THR E 116 -7.53 18.47 38.91
CA THR E 116 -8.04 17.43 38.02
C THR E 116 -6.85 16.63 37.53
N TRP E 117 -7.08 15.47 36.91
CA TRP E 117 -5.92 14.72 36.45
C TRP E 117 -5.22 15.40 35.29
N LEU E 118 -5.93 16.18 34.48
CA LEU E 118 -5.28 16.85 33.38
C LEU E 118 -4.30 17.88 33.92
N GLN E 119 -4.70 18.57 35.00
CA GLN E 119 -3.83 19.58 35.59
C GLN E 119 -2.63 18.95 36.25
N TRP E 120 -2.86 17.84 36.93
CA TRP E 120 -1.78 17.16 37.61
C TRP E 120 -0.78 16.65 36.62
N ASP E 121 -1.25 16.09 35.53
CA ASP E 121 -0.34 15.57 34.54
C ASP E 121 0.60 16.68 34.07
N LYS E 122 0.10 17.90 33.88
CA LYS E 122 0.99 18.98 33.49
C LYS E 122 1.95 19.36 34.62
N GLU E 123 1.46 19.40 35.86
CA GLU E 123 2.26 19.82 37.02
C GLU E 123 3.52 19.00 37.21
N ILE E 124 3.45 17.70 36.96
CA ILE E 124 4.64 16.88 37.14
C ILE E 124 5.12 16.25 35.85
N SER E 125 4.82 16.85 34.71
CA SER E 125 5.22 16.21 33.45
C SER E 125 6.72 16.00 33.23
N ASN E 126 7.61 16.78 33.89
CA ASN E 126 9.07 16.69 33.74
C ASN E 126 9.72 15.68 34.70
N TYR E 127 8.94 14.98 35.57
CA TYR E 127 9.45 14.02 36.57
C TYR E 127 9.01 12.61 36.27
N THR E 128 8.33 12.43 35.15
CA THR E 128 7.80 11.13 34.80
C THR E 128 8.85 10.07 34.59
N GLN E 129 9.93 10.39 33.90
CA GLN E 129 10.94 9.38 33.65
C GLN E 129 11.75 9.08 34.88
N ILE E 130 11.91 10.07 35.75
CA ILE E 130 12.64 9.86 36.97
C ILE E 130 11.88 8.90 37.84
N ILE E 131 10.58 9.14 37.98
CA ILE E 131 9.78 8.29 38.82
C ILE E 131 9.73 6.91 38.26
N TYR E 132 9.53 6.76 36.95
CA TYR E 132 9.46 5.43 36.40
C TYR E 132 10.75 4.67 36.61
N GLY E 133 11.90 5.33 36.45
CA GLY E 133 13.15 4.63 36.66
C GLY E 133 13.28 4.15 38.11
N LEU E 134 12.85 4.98 39.07
CA LEU E 134 12.92 4.58 40.46
C LEU E 134 12.03 3.40 40.75
N LEU E 135 10.86 3.38 40.13
CA LEU E 135 9.96 2.28 40.36
C LEU E 135 10.55 0.96 39.87
N GLU E 136 11.24 0.98 38.72
CA GLU E 136 11.86 -0.26 38.22
C GLU E 136 12.98 -0.74 39.14
N GLU E 137 13.77 0.21 39.67
CA GLU E 137 14.87 -0.17 40.54
C GLU E 137 14.36 -0.78 41.83
N SER E 138 13.28 -0.21 42.37
CA SER E 138 12.72 -0.73 43.59
C SER E 138 12.22 -2.14 43.40
N GLN E 139 11.51 -2.40 42.29
CA GLN E 139 10.99 -3.73 42.12
C GLN E 139 12.07 -4.74 41.96
N ASN E 140 13.16 -4.40 41.26
CA ASN E 140 14.20 -5.38 41.09
C ASN E 140 14.80 -5.77 42.43
N GLN E 141 15.02 -4.79 43.31
CA GLN E 141 15.59 -5.14 44.59
C GLN E 141 14.61 -5.96 45.41
N GLN E 142 13.32 -5.63 45.33
CA GLN E 142 12.35 -6.38 46.09
C GLN E 142 12.28 -7.83 45.67
N GLU E 143 12.33 -8.13 44.38
CA GLU E 143 12.25 -9.53 43.98
C GLU E 143 13.43 -10.31 44.48
N LYS E 144 14.62 -9.71 44.46
CA LYS E 144 15.76 -10.42 44.99
C LYS E 144 15.59 -10.68 46.48
N ASN E 145 15.07 -9.68 47.21
CA ASN E 145 14.93 -9.88 48.64
C ASN E 145 13.92 -10.99 48.92
N GLU E 146 12.85 -11.08 48.14
CA GLU E 146 11.88 -12.14 48.38
C GLU E 146 12.48 -13.51 48.12
N GLN E 147 13.30 -13.64 47.07
CA GLN E 147 13.91 -14.92 46.76
C GLN E 147 14.81 -15.37 47.89
N ASP E 148 15.56 -14.43 48.47
CA ASP E 148 16.45 -14.75 49.58
C ASP E 148 15.70 -15.23 50.81
N LEU E 149 14.49 -14.73 51.04
CA LEU E 149 13.74 -15.17 52.20
C LEU E 149 13.02 -16.49 51.94
N LEU E 150 12.58 -16.71 50.70
CA LEU E 150 11.94 -17.97 50.38
C LEU E 150 12.95 -19.09 50.58
N ALA E 151 14.22 -18.81 50.30
CA ALA E 151 15.28 -19.78 50.48
C ALA E 151 15.72 -19.86 51.95
N LEU E 152 14.80 -20.33 52.78
CA LEU E 152 15.01 -20.52 54.23
C LEU E 152 15.56 -19.30 54.99
N ASP E 153 14.95 -18.09 54.82
CA ASP E 153 15.33 -16.83 55.48
C ASP E 153 16.78 -16.46 55.16
N LEU F 39 5.14 10.92 52.23
CA LEU F 39 4.23 10.53 51.16
C LEU F 39 4.96 9.58 50.22
N TRP F 40 4.19 8.75 49.48
CA TRP F 40 4.64 7.67 48.59
C TRP F 40 4.08 7.80 47.19
N VAL F 41 4.82 7.30 46.21
CA VAL F 41 4.34 7.31 44.86
C VAL F 41 3.26 6.23 44.68
N THR F 42 2.09 6.61 44.19
CA THR F 42 1.04 5.64 43.91
C THR F 42 0.75 5.67 42.43
N VAL F 43 0.70 4.49 41.83
CA VAL F 43 0.51 4.33 40.41
C VAL F 43 -0.95 4.08 40.07
N TYR F 44 -1.50 4.88 39.15
CA TYR F 44 -2.89 4.72 38.74
C TYR F 44 -3.05 4.44 37.27
N TYR F 45 -3.83 3.41 36.95
CA TYR F 45 -4.09 3.05 35.56
C TYR F 45 -5.56 3.23 35.27
N GLY F 46 -5.89 3.86 34.15
CA GLY F 46 -7.28 4.16 33.83
C GLY F 46 -7.58 5.63 34.13
N VAL F 47 -6.54 6.43 34.23
CA VAL F 47 -6.62 7.84 34.51
C VAL F 47 -7.20 8.62 33.31
N PRO F 48 -8.24 9.45 33.47
CA PRO F 48 -8.90 10.17 32.39
C PRO F 48 -8.17 11.39 31.85
N VAL F 49 -7.03 11.16 31.23
CA VAL F 49 -6.25 12.24 30.63
C VAL F 49 -5.89 12.00 29.17
N TRP F 50 -5.55 13.08 28.49
CA TRP F 50 -5.22 13.01 27.08
C TRP F 50 -4.27 14.07 26.56
N LYS F 51 -3.76 13.80 25.37
CA LYS F 51 -2.88 14.67 24.61
C LYS F 51 -3.42 14.90 23.21
N ASP F 52 -3.12 16.05 22.62
CA ASP F 52 -3.53 16.26 21.25
C ASP F 52 -2.83 15.26 20.37
N ALA F 53 -3.51 14.70 19.37
CA ALA F 53 -2.82 13.74 18.54
C ALA F 53 -3.34 13.66 17.13
N GLU F 54 -2.50 13.16 16.26
CA GLU F 54 -2.89 12.96 14.88
C GLU F 54 -2.84 11.50 14.53
N THR F 55 -3.97 10.95 14.19
CA THR F 55 -4.04 9.55 13.84
C THR F 55 -4.91 9.34 12.65
N THR F 56 -5.02 8.09 12.27
CA THR F 56 -5.84 7.75 11.14
C THR F 56 -7.20 7.34 11.66
N LEU F 57 -8.23 8.00 11.19
CA LEU F 57 -9.58 7.71 11.60
C LEU F 57 -10.17 6.77 10.60
N PHE F 58 -11.19 6.02 10.99
CA PHE F 58 -11.78 5.13 10.01
C PHE F 58 -13.16 5.63 9.69
N CYS F 59 -13.70 5.26 8.51
CA CYS F 59 -15.01 5.68 8.05
C CYS F 59 -16.06 4.60 8.35
N ALA F 60 -17.18 5.07 8.88
CA ALA F 60 -18.32 4.25 9.20
C ALA F 60 -19.58 4.85 8.57
N SER F 61 -20.60 4.05 8.36
CA SER F 61 -21.84 4.56 7.77
C SER F 61 -23.11 3.97 8.38
N ASP F 62 -24.27 4.54 8.03
CA ASP F 62 -25.55 4.07 8.54
C ASP F 62 -26.16 3.03 7.57
N ALA F 63 -26.12 1.73 7.96
CA ALA F 63 -26.53 0.58 7.14
C ALA F 63 -28.05 0.45 7.16
N HIS F 71 -24.02 0.26 -5.77
CA HIS F 71 -22.74 0.53 -6.42
C HIS F 71 -22.19 1.96 -6.11
N ASN F 72 -22.58 2.53 -4.96
CA ASN F 72 -22.11 3.82 -4.42
C ASN F 72 -20.70 3.70 -3.87
N VAL F 73 -19.86 4.67 -4.22
CA VAL F 73 -18.48 4.64 -3.79
C VAL F 73 -18.30 4.71 -2.28
N TRP F 74 -19.07 5.55 -1.62
CA TRP F 74 -18.94 5.70 -0.19
C TRP F 74 -19.56 4.57 0.54
N ALA F 75 -20.65 4.04 0.00
CA ALA F 75 -21.30 2.93 0.65
C ALA F 75 -20.39 1.71 0.63
N THR F 76 -19.64 1.56 -0.47
CA THR F 76 -18.71 0.48 -0.63
C THR F 76 -17.53 0.63 0.28
N HIS F 77 -16.96 1.84 0.35
CA HIS F 77 -15.83 2.07 1.22
C HIS F 77 -16.10 2.00 2.73
N CYS F 78 -17.13 2.71 3.21
CA CYS F 78 -17.45 2.88 4.63
C CYS F 78 -18.30 1.68 5.09
N CYS F 79 -17.63 0.53 5.11
CA CYS F 79 -18.25 -0.76 5.45
C CYS F 79 -18.58 -0.96 6.91
N VAL F 80 -18.00 -0.18 7.79
CA VAL F 80 -18.27 -0.35 9.20
C VAL F 80 -19.59 0.34 9.51
N PRO F 81 -20.59 -0.33 10.08
CA PRO F 81 -21.85 0.26 10.44
C PRO F 81 -21.69 1.10 11.71
N THR F 82 -22.53 2.13 11.89
CA THR F 82 -22.65 2.94 13.09
C THR F 82 -23.83 2.41 13.90
N GLN F 87 -22.90 7.31 20.73
CA GLN F 87 -23.41 8.07 21.86
C GLN F 87 -22.49 9.28 22.09
N GLU F 88 -22.81 10.11 23.12
CA GLU F 88 -22.08 11.33 23.51
C GLU F 88 -22.02 11.49 25.01
N ILE F 89 -20.82 11.75 25.52
CA ILE F 89 -20.61 11.93 26.95
C ILE F 89 -20.20 13.33 27.35
N HIS F 90 -21.05 14.03 28.06
CA HIS F 90 -20.72 15.41 28.44
C HIS F 90 -19.55 15.43 29.41
N LEU F 91 -18.56 16.31 29.20
CA LEU F 91 -17.46 16.36 30.16
C LEU F 91 -17.60 17.62 31.01
N GLU F 92 -18.21 17.49 32.16
CA GLU F 92 -18.47 18.67 32.95
C GLU F 92 -17.16 19.28 33.40
N ASN F 93 -17.08 20.59 33.32
CA ASN F 93 -15.91 21.39 33.71
C ASN F 93 -14.66 21.19 32.87
N VAL F 94 -14.79 20.65 31.67
CA VAL F 94 -13.61 20.57 30.80
C VAL F 94 -13.65 21.75 29.85
N THR F 95 -12.55 22.47 29.77
CA THR F 95 -12.48 23.64 28.91
C THR F 95 -11.31 23.50 27.95
N GLU F 96 -11.52 22.75 26.89
CA GLU F 96 -10.46 22.42 25.95
C GLU F 96 -10.31 23.47 24.86
N GLU F 97 -9.12 23.58 24.29
CA GLU F 97 -8.87 24.52 23.19
C GLU F 97 -8.91 23.87 21.82
N PHE F 98 -9.72 24.46 20.94
CA PHE F 98 -9.93 23.96 19.59
C PHE F 98 -9.32 24.88 18.54
N ASN F 99 -8.89 24.33 17.41
CA ASN F 99 -8.36 25.18 16.34
C ASN F 99 -8.72 24.66 14.96
N MET F 100 -9.83 25.15 14.43
CA MET F 100 -10.35 24.69 13.15
C MET F 100 -9.37 24.77 11.99
N TRP F 101 -8.60 25.81 11.93
CA TRP F 101 -7.74 26.04 10.79
C TRP F 101 -6.54 25.11 10.73
N LYS F 102 -6.26 24.40 11.81
CA LYS F 102 -5.13 23.50 11.90
C LYS F 102 -5.60 22.09 12.19
N ASN F 103 -6.88 21.82 11.95
CA ASN F 103 -7.47 20.53 12.30
C ASN F 103 -7.11 19.44 11.31
N ASN F 104 -6.37 18.44 11.78
CA ASN F 104 -5.87 17.34 10.97
C ASN F 104 -6.97 16.45 10.40
N MET F 105 -8.17 16.52 10.96
CA MET F 105 -9.25 15.69 10.47
C MET F 105 -9.63 16.14 9.06
N VAL F 106 -9.36 17.41 8.75
CA VAL F 106 -9.71 17.97 7.47
C VAL F 106 -8.81 17.41 6.43
N GLU F 107 -7.52 17.34 6.75
CA GLU F 107 -6.58 16.83 5.80
C GLU F 107 -6.88 15.36 5.55
N GLN F 108 -7.28 14.62 6.60
CA GLN F 108 -7.60 13.22 6.39
C GLN F 108 -8.78 13.09 5.49
N MET F 109 -9.81 13.91 5.68
CA MET F 109 -10.97 13.79 4.83
C MET F 109 -10.61 14.13 3.40
N HIS F 110 -9.80 15.15 3.20
CA HIS F 110 -9.45 15.53 1.85
C HIS F 110 -8.75 14.39 1.16
N THR F 111 -7.77 13.78 1.82
CA THR F 111 -7.04 12.70 1.21
C THR F 111 -7.95 11.52 0.89
N ASP F 112 -8.88 11.16 1.80
CA ASP F 112 -9.77 10.05 1.53
C ASP F 112 -10.63 10.30 0.32
N ILE F 113 -11.10 11.54 0.11
CA ILE F 113 -11.92 11.79 -1.05
C ILE F 113 -11.12 11.65 -2.32
N ILE F 114 -9.90 12.17 -2.35
CA ILE F 114 -9.15 12.10 -3.58
C ILE F 114 -8.86 10.66 -3.90
N SER F 115 -8.41 9.92 -2.88
CA SER F 115 -8.03 8.55 -3.11
C SER F 115 -9.19 7.69 -3.59
N LEU F 116 -10.36 7.81 -2.98
CA LEU F 116 -11.46 6.99 -3.43
C LEU F 116 -11.88 7.33 -4.82
N TRP F 117 -11.88 8.60 -5.15
CA TRP F 117 -12.26 9.00 -6.47
C TRP F 117 -11.35 8.34 -7.49
N ASP F 118 -10.04 8.42 -7.26
CA ASP F 118 -9.10 7.85 -8.19
C ASP F 118 -9.17 6.34 -8.25
N GLN F 119 -9.41 5.67 -7.12
CA GLN F 119 -9.51 4.22 -7.16
C GLN F 119 -10.77 3.79 -7.89
N SER F 120 -11.82 4.61 -7.77
CA SER F 120 -13.09 4.35 -8.43
C SER F 120 -12.93 4.41 -9.94
N LEU F 121 -12.20 5.42 -10.44
CA LEU F 121 -11.99 5.57 -11.88
C LEU F 121 -10.86 4.71 -12.43
N LYS F 122 -9.88 4.37 -11.61
CA LYS F 122 -8.76 3.59 -12.07
C LYS F 122 -9.11 2.41 -13.01
N PRO F 123 -10.05 1.50 -12.69
CA PRO F 123 -10.40 0.35 -13.53
C PRO F 123 -11.37 0.60 -14.70
N CYS F 124 -11.80 1.86 -14.97
CA CYS F 124 -12.78 2.19 -15.99
C CYS F 124 -12.09 2.39 -17.35
N VAL F 125 -12.84 2.20 -18.41
CA VAL F 125 -12.35 2.31 -19.76
C VAL F 125 -11.80 3.69 -20.08
N LYS F 126 -10.67 3.71 -20.77
CA LYS F 126 -10.03 4.95 -21.16
C LYS F 126 -10.63 5.39 -22.48
N LEU F 127 -10.61 6.69 -22.76
CA LEU F 127 -11.11 7.21 -24.01
C LEU F 127 -10.03 7.65 -24.96
N THR F 128 -8.83 7.13 -24.78
CA THR F 128 -7.74 7.43 -25.68
C THR F 128 -8.13 7.34 -27.18
N PRO F 129 -8.76 6.25 -27.69
CA PRO F 129 -9.15 6.08 -29.09
C PRO F 129 -10.23 7.04 -29.54
N LEU F 130 -10.83 7.77 -28.61
CA LEU F 130 -11.87 8.71 -28.96
C LEU F 130 -11.34 10.03 -29.52
N CYS F 131 -10.07 10.46 -29.22
CA CYS F 131 -9.65 11.78 -29.65
C CYS F 131 -9.07 11.74 -31.06
N VAL F 132 -9.96 11.96 -31.98
CA VAL F 132 -9.70 12.00 -33.39
C VAL F 132 -10.30 13.29 -33.87
N THR F 133 -9.96 13.75 -35.06
CA THR F 133 -10.59 14.98 -35.50
C THR F 133 -12.07 14.77 -35.68
N LEU F 134 -12.85 15.64 -35.08
CA LEU F 134 -14.28 15.57 -35.16
C LEU F 134 -14.78 16.49 -36.25
N GLN F 135 -15.82 16.08 -36.97
CA GLN F 135 -16.45 16.93 -37.98
C GLN F 135 -17.76 17.43 -37.37
N CYS F 136 -17.84 18.71 -36.92
CA CYS F 136 -18.98 19.19 -36.13
C CYS F 136 -19.80 20.26 -36.84
N THR F 137 -21.11 20.16 -36.64
CA THR F 137 -22.09 21.14 -37.10
C THR F 137 -22.96 21.57 -35.92
N ASN F 138 -23.74 22.67 -36.05
CA ASN F 138 -24.63 23.18 -35.00
C ASN F 138 -25.87 22.29 -34.83
N VAL F 139 -26.36 22.15 -33.57
CA VAL F 139 -27.65 21.52 -33.27
C VAL F 139 -28.66 22.66 -33.32
N THR F 140 -29.53 22.63 -34.33
CA THR F 140 -30.47 23.72 -34.58
C THR F 140 -31.94 23.35 -34.52
N ASN F 141 -32.22 22.12 -34.13
CA ASN F 141 -33.60 21.65 -34.15
C ASN F 141 -34.37 21.99 -32.88
N ASN F 142 -35.34 22.89 -33.01
CA ASN F 142 -36.16 23.35 -31.88
C ASN F 142 -35.32 23.83 -30.71
N ILE F 143 -34.35 24.67 -31.00
CA ILE F 143 -33.46 25.16 -29.97
C ILE F 143 -33.79 26.61 -29.68
N THR F 144 -33.74 26.98 -28.40
CA THR F 144 -34.02 28.35 -28.03
C THR F 144 -32.82 29.23 -28.32
N ASP F 145 -32.94 30.51 -28.00
CA ASP F 145 -31.90 31.45 -28.39
C ASP F 145 -30.70 31.42 -27.47
N ASP F 146 -30.93 31.16 -26.20
CA ASP F 146 -29.87 31.18 -25.19
C ASP F 146 -28.91 30.03 -25.42
N MET F 147 -29.42 28.99 -26.06
CA MET F 147 -28.72 27.77 -26.37
C MET F 147 -28.08 27.74 -27.74
N ARG F 148 -28.17 28.80 -28.52
CA ARG F 148 -27.59 28.65 -29.83
C ARG F 148 -26.09 28.60 -29.70
N GLY F 149 -25.50 27.62 -30.33
CA GLY F 149 -24.05 27.46 -30.29
C GLY F 149 -23.58 26.66 -29.07
N GLU F 150 -24.51 26.26 -28.20
CA GLU F 150 -24.15 25.53 -26.99
C GLU F 150 -23.86 24.07 -27.30
N LEU F 151 -24.57 23.50 -28.28
CA LEU F 151 -24.46 22.08 -28.61
C LEU F 151 -24.03 21.87 -30.03
N LYS F 152 -23.18 20.86 -30.23
CA LYS F 152 -22.70 20.47 -31.54
C LYS F 152 -22.87 19.00 -31.85
N ASN F 153 -23.19 18.72 -33.11
CA ASN F 153 -23.35 17.36 -33.62
C ASN F 153 -22.06 16.95 -34.37
N CYS F 154 -21.24 16.06 -33.75
CA CYS F 154 -19.91 15.71 -34.24
C CYS F 154 -19.79 14.27 -34.74
N SER F 155 -19.24 14.10 -35.95
CA SER F 155 -19.03 12.75 -36.46
C SER F 155 -17.56 12.46 -36.58
N PHE F 156 -17.21 11.19 -36.42
CA PHE F 156 -15.81 10.81 -36.44
C PHE F 156 -15.51 9.32 -36.75
N ASN F 157 -14.25 9.02 -37.13
CA ASN F 157 -13.71 7.67 -37.38
C ASN F 157 -13.03 7.10 -36.12
N MET F 158 -13.64 6.06 -35.50
CA MET F 158 -13.21 5.41 -34.24
C MET F 158 -13.11 3.89 -34.43
N THR F 159 -12.36 3.22 -33.54
CA THR F 159 -12.09 1.78 -33.57
C THR F 159 -13.27 0.91 -33.20
N THR F 160 -13.11 -0.38 -33.48
CA THR F 160 -14.06 -1.44 -33.18
C THR F 160 -13.28 -2.53 -32.45
N GLU F 161 -13.95 -3.63 -32.11
CA GLU F 161 -13.29 -4.75 -31.43
C GLU F 161 -12.26 -5.51 -32.26
N LEU F 162 -12.24 -5.33 -33.58
CA LEU F 162 -11.23 -6.00 -34.37
C LEU F 162 -10.19 -4.98 -34.81
N ARG F 163 -8.94 -5.38 -34.79
CA ARG F 163 -7.85 -4.48 -35.12
C ARG F 163 -7.88 -3.93 -36.54
N ASP F 164 -8.44 -4.68 -37.47
CA ASP F 164 -8.50 -4.29 -38.85
C ASP F 164 -9.76 -3.54 -39.26
N LYS F 165 -10.63 -3.19 -38.31
CA LYS F 165 -11.86 -2.49 -38.65
C LYS F 165 -12.00 -1.12 -37.99
N LYS F 166 -12.73 -0.24 -38.67
CA LYS F 166 -13.05 1.10 -38.18
C LYS F 166 -14.52 1.38 -38.43
N GLN F 167 -15.09 2.29 -37.65
CA GLN F 167 -16.47 2.68 -37.84
C GLN F 167 -16.68 4.19 -37.78
N LYS F 168 -17.69 4.67 -38.51
CA LYS F 168 -18.07 6.06 -38.42
C LYS F 168 -19.24 6.20 -37.47
N VAL F 169 -19.07 7.02 -36.45
CA VAL F 169 -20.09 7.23 -35.45
C VAL F 169 -20.32 8.70 -35.22
N TYR F 170 -21.39 9.06 -34.53
CA TYR F 170 -21.54 10.47 -34.20
C TYR F 170 -22.03 10.59 -32.78
N SER F 171 -21.82 11.76 -32.20
CA SER F 171 -22.27 12.08 -30.87
C SER F 171 -22.49 13.57 -30.67
N LEU F 172 -23.21 13.95 -29.63
CA LEU F 172 -23.33 15.38 -29.37
C LEU F 172 -22.35 15.78 -28.29
N PHE F 173 -21.85 17.00 -28.41
CA PHE F 173 -20.98 17.57 -27.40
C PHE F 173 -21.40 18.97 -27.01
N TYR F 174 -21.05 19.35 -25.79
CA TYR F 174 -21.28 20.70 -25.33
C TYR F 174 -20.12 21.54 -25.82
N ARG F 175 -20.38 22.79 -26.12
CA ARG F 175 -19.34 23.70 -26.59
C ARG F 175 -18.11 23.74 -25.70
N LEU F 176 -18.30 23.64 -24.38
CA LEU F 176 -17.18 23.75 -23.45
C LEU F 176 -16.24 22.56 -23.47
N ASP F 177 -16.63 21.48 -24.11
CA ASP F 177 -15.80 20.30 -24.16
C ASP F 177 -14.96 20.21 -25.43
N VAL F 178 -15.06 21.16 -26.36
CA VAL F 178 -14.28 21.05 -27.59
C VAL F 178 -13.40 22.25 -27.92
N VAL F 179 -12.36 21.98 -28.71
CA VAL F 179 -11.40 22.97 -29.18
C VAL F 179 -11.46 23.05 -30.68
N GLN F 180 -11.68 24.24 -31.21
CA GLN F 180 -11.72 24.34 -32.66
C GLN F 180 -10.32 24.38 -33.19
N ILE F 181 -10.09 23.69 -34.28
CA ILE F 181 -8.78 23.70 -34.91
C ILE F 181 -8.99 24.22 -36.33
N ASN F 182 -7.91 24.66 -37.04
CA ASN F 182 -7.98 25.21 -38.41
C ASN F 182 -9.00 26.36 -38.50
N LYS F 194 -17.03 22.06 -39.30
CA LYS F 194 -15.77 22.59 -38.82
C LYS F 194 -15.06 21.51 -37.98
N GLU F 195 -13.71 21.53 -37.96
CA GLU F 195 -12.87 20.54 -37.26
C GLU F 195 -12.61 20.86 -35.79
N TYR F 196 -12.83 19.85 -34.95
CA TYR F 196 -12.63 19.95 -33.49
C TYR F 196 -11.88 18.78 -32.83
N ARG F 197 -11.24 19.07 -31.71
CA ARG F 197 -10.64 18.02 -30.87
C ARG F 197 -11.18 18.21 -29.47
N LEU F 198 -11.13 17.20 -28.64
CA LEU F 198 -11.65 17.39 -27.29
C LEU F 198 -10.67 18.14 -26.41
N ILE F 199 -11.21 18.87 -25.45
CA ILE F 199 -10.32 19.55 -24.53
C ILE F 199 -9.53 18.52 -23.77
N ASN F 200 -8.27 18.86 -23.53
CA ASN F 200 -7.28 18.06 -22.81
C ASN F 200 -6.73 16.79 -23.50
N CYS F 201 -7.01 16.54 -24.81
CA CYS F 201 -6.48 15.37 -25.53
C CYS F 201 -4.96 15.29 -25.56
N ASN F 202 -4.33 16.43 -25.70
CA ASN F 202 -2.88 16.44 -25.83
C ASN F 202 -2.13 16.65 -24.51
N THR F 203 -2.84 16.72 -23.35
CA THR F 203 -2.22 16.92 -22.04
C THR F 203 -2.48 15.78 -21.09
N SER F 204 -3.57 15.05 -21.28
CA SER F 204 -3.89 13.98 -20.35
C SER F 204 -4.75 12.89 -20.95
N ALA F 205 -4.70 11.71 -20.37
CA ALA F 205 -5.66 10.70 -20.79
C ALA F 205 -7.00 11.06 -20.19
N ILE F 206 -8.06 10.82 -20.92
CA ILE F 206 -9.37 11.06 -20.36
C ILE F 206 -9.96 9.71 -20.04
N THR F 207 -10.39 9.54 -18.79
CA THR F 207 -10.95 8.27 -18.33
C THR F 207 -12.45 8.39 -18.24
N GLN F 208 -13.18 7.45 -18.79
CA GLN F 208 -14.62 7.53 -18.69
C GLN F 208 -15.04 7.03 -17.35
N ALA F 209 -15.89 7.75 -16.66
CA ALA F 209 -16.38 7.22 -15.41
C ALA F 209 -17.26 6.05 -15.74
N CYS F 210 -17.25 4.97 -14.92
CA CYS F 210 -18.11 3.80 -15.09
C CYS F 210 -19.57 4.24 -14.82
N PRO F 211 -20.52 3.98 -15.72
CA PRO F 211 -21.91 4.42 -15.63
C PRO F 211 -22.66 3.80 -14.47
N LYS F 212 -22.15 2.71 -13.96
CA LYS F 212 -22.79 2.00 -12.88
C LYS F 212 -22.34 2.51 -11.52
N VAL F 213 -21.32 3.36 -11.49
CA VAL F 213 -20.77 3.79 -10.24
C VAL F 213 -21.37 5.09 -9.79
N SER F 214 -21.86 5.11 -8.56
CA SER F 214 -22.47 6.29 -8.04
C SER F 214 -21.61 7.12 -7.13
N PHE F 215 -21.53 8.39 -7.45
CA PHE F 215 -20.77 9.33 -6.68
C PHE F 215 -21.69 10.18 -5.83
N GLU F 216 -22.94 9.76 -5.70
CA GLU F 216 -23.87 10.50 -4.88
C GLU F 216 -23.30 10.52 -3.48
N PRO F 217 -23.21 11.66 -2.80
CA PRO F 217 -22.72 11.73 -1.46
C PRO F 217 -23.73 11.09 -0.56
N ILE F 218 -23.27 10.39 0.46
CA ILE F 218 -24.15 9.84 1.46
C ILE F 218 -23.51 10.34 2.73
N PRO F 219 -24.17 10.41 3.87
CA PRO F 219 -23.53 10.79 5.08
C PRO F 219 -22.48 9.77 5.41
N ILE F 220 -21.33 10.21 5.88
CA ILE F 220 -20.32 9.30 6.36
C ILE F 220 -19.94 9.76 7.74
N HIS F 221 -19.38 8.88 8.55
CA HIS F 221 -18.97 9.28 9.88
C HIS F 221 -17.52 8.94 10.12
N TYR F 222 -16.75 9.86 10.70
CA TYR F 222 -15.38 9.50 11.04
C TYR F 222 -15.38 9.02 12.47
N CYS F 223 -14.70 7.89 12.75
CA CYS F 223 -14.66 7.25 14.07
C CYS F 223 -13.23 7.06 14.56
N ALA F 224 -13.04 7.28 15.85
CA ALA F 224 -11.73 7.10 16.44
C ALA F 224 -11.36 5.63 16.57
N PRO F 225 -10.10 5.25 16.37
CA PRO F 225 -9.55 3.94 16.60
C PRO F 225 -9.39 3.74 18.09
N ALA F 226 -9.26 2.50 18.52
CA ALA F 226 -9.08 2.28 19.94
C ALA F 226 -7.87 3.02 20.46
N GLY F 227 -8.03 3.60 21.64
CA GLY F 227 -6.98 4.36 22.32
C GLY F 227 -7.12 5.86 22.10
N PHE F 228 -8.01 6.25 21.20
CA PHE F 228 -8.27 7.63 20.84
C PHE F 228 -9.71 8.01 21.09
N ALA F 229 -9.94 9.31 21.15
CA ALA F 229 -11.29 9.82 21.33
C ALA F 229 -11.48 11.11 20.57
N ILE F 230 -12.72 11.44 20.22
CA ILE F 230 -12.96 12.71 19.55
C ILE F 230 -13.69 13.65 20.47
N LEU F 231 -13.14 14.83 20.67
CA LEU F 231 -13.80 15.77 21.52
C LEU F 231 -14.61 16.69 20.66
N LYS F 232 -15.82 16.98 21.09
CA LYS F 232 -16.71 17.85 20.36
C LYS F 232 -17.03 19.13 21.13
N CYS F 233 -16.94 20.30 20.45
CA CYS F 233 -17.28 21.60 21.03
C CYS F 233 -18.74 21.92 20.77
N LYS F 234 -19.49 22.14 21.84
CA LYS F 234 -20.91 22.41 21.77
C LYS F 234 -21.27 23.87 21.96
N ASP F 235 -20.28 24.74 21.98
CA ASP F 235 -20.56 26.15 22.14
C ASP F 235 -21.21 26.65 20.86
N LYS F 236 -22.44 27.11 21.00
CA LYS F 236 -23.32 27.49 19.91
C LYS F 236 -22.80 28.65 19.08
N LYS F 237 -21.89 29.44 19.65
CA LYS F 237 -21.34 30.58 18.94
C LYS F 237 -19.86 30.41 18.64
N PHE F 238 -19.36 29.19 18.73
CA PHE F 238 -17.95 28.95 18.50
C PHE F 238 -17.50 29.35 17.11
N ASN F 239 -16.45 30.15 17.06
CA ASN F 239 -15.90 30.72 15.85
C ASN F 239 -14.63 30.08 15.32
N GLY F 240 -14.56 28.76 15.38
CA GLY F 240 -13.45 28.02 14.80
C GLY F 240 -12.26 27.86 15.71
N THR F 241 -11.72 28.97 16.19
CA THR F 241 -10.58 28.85 17.09
C THR F 241 -10.77 29.48 18.45
N GLY F 242 -10.11 28.85 19.41
CA GLY F 242 -10.01 29.32 20.78
C GLY F 242 -10.64 28.35 21.76
N PRO F 243 -10.65 28.68 23.06
CA PRO F 243 -11.18 27.89 24.14
C PRO F 243 -12.66 27.63 23.94
N CYS F 244 -13.12 26.44 24.35
CA CYS F 244 -14.51 26.02 24.31
C CYS F 244 -14.78 25.51 25.71
N THR F 245 -15.83 26.03 26.33
CA THR F 245 -16.14 25.68 27.71
C THR F 245 -17.27 24.69 27.84
N ASN F 246 -17.72 24.17 26.73
CA ASN F 246 -18.78 23.19 26.70
C ASN F 246 -18.36 22.08 25.76
N VAL F 247 -17.75 21.05 26.33
CA VAL F 247 -17.12 19.98 25.58
C VAL F 247 -17.66 18.60 25.94
N SER F 248 -17.82 17.75 24.93
CA SER F 248 -18.26 16.39 25.16
C SER F 248 -17.44 15.40 24.37
N THR F 249 -17.45 14.16 24.77
CA THR F 249 -16.70 13.14 24.04
C THR F 249 -17.57 12.25 23.21
N VAL F 250 -17.17 12.03 21.97
CA VAL F 250 -17.93 11.17 21.10
C VAL F 250 -17.05 10.09 20.50
N GLN F 251 -17.69 9.04 20.04
CA GLN F 251 -16.96 7.98 19.33
C GLN F 251 -16.74 8.29 17.85
N CYS F 252 -17.77 8.88 17.19
CA CYS F 252 -17.83 9.17 15.77
C CYS F 252 -18.39 10.59 15.59
N THR F 253 -18.08 11.17 14.45
CA THR F 253 -18.59 12.48 14.08
C THR F 253 -20.02 12.31 13.63
N HIS F 254 -20.71 13.43 13.45
CA HIS F 254 -22.04 13.37 12.93
C HIS F 254 -21.92 12.97 11.50
N GLY F 255 -23.06 12.75 10.84
CA GLY F 255 -22.98 12.35 9.46
C GLY F 255 -22.67 13.54 8.60
N ILE F 256 -21.60 13.43 7.86
CA ILE F 256 -21.13 14.48 6.99
C ILE F 256 -21.26 14.05 5.56
N LYS F 257 -21.94 14.83 4.75
CA LYS F 257 -22.07 14.46 3.36
C LYS F 257 -20.90 15.09 2.60
N PRO F 258 -20.08 14.34 1.88
CA PRO F 258 -18.95 14.82 1.12
C PRO F 258 -19.40 15.46 -0.17
N VAL F 259 -20.10 16.58 -0.03
CA VAL F 259 -20.63 17.33 -1.15
C VAL F 259 -19.56 18.24 -1.67
N VAL F 260 -19.35 18.24 -2.97
CA VAL F 260 -18.33 19.06 -3.59
C VAL F 260 -18.94 20.23 -4.34
N SER F 261 -18.60 21.45 -3.93
CA SER F 261 -19.11 22.66 -4.56
C SER F 261 -18.20 23.87 -4.34
N THR F 262 -18.48 24.93 -5.08
CA THR F 262 -17.79 26.21 -4.92
C THR F 262 -18.79 27.26 -4.55
N GLN F 263 -18.35 28.40 -4.01
CA GLN F 263 -19.20 29.55 -3.70
C GLN F 263 -20.29 29.32 -2.66
N LEU F 264 -21.21 28.43 -2.96
CA LEU F 264 -22.29 28.08 -2.07
C LEU F 264 -22.15 26.63 -1.66
N LEU F 265 -22.15 26.44 -0.34
CA LEU F 265 -22.02 25.16 0.29
C LEU F 265 -23.39 24.60 0.47
N LEU F 266 -23.59 23.43 -0.11
CA LEU F 266 -24.87 22.78 -0.09
C LEU F 266 -24.90 21.60 0.88
N ASN F 267 -26.11 21.35 1.45
CA ASN F 267 -26.52 20.23 2.29
C ASN F 267 -25.65 19.98 3.55
N GLY F 268 -25.17 21.06 4.22
CA GLY F 268 -24.36 20.97 5.45
C GLY F 268 -25.20 21.23 6.69
N SER F 269 -24.52 21.54 7.76
CA SER F 269 -25.17 21.82 9.03
C SER F 269 -25.52 23.28 9.14
N LEU F 270 -26.55 23.59 9.87
CA LEU F 270 -26.90 24.97 10.13
C LEU F 270 -26.46 25.42 11.50
N ALA F 271 -26.23 26.71 11.61
CA ALA F 271 -25.89 27.33 12.87
C ALA F 271 -27.15 27.30 13.71
N GLU F 272 -27.04 27.22 15.02
CA GLU F 272 -28.26 27.13 15.81
C GLU F 272 -28.87 28.45 16.26
N GLU F 273 -28.07 29.48 16.47
CA GLU F 273 -28.65 30.74 16.96
C GLU F 273 -28.51 31.95 16.05
N GLU F 274 -27.38 32.06 15.35
CA GLU F 274 -27.10 33.21 14.52
C GLU F 274 -26.15 32.83 13.41
N VAL F 275 -26.04 33.68 12.40
CA VAL F 275 -25.09 33.41 11.33
C VAL F 275 -23.67 33.55 11.89
N ILE F 276 -22.82 32.58 11.61
CA ILE F 276 -21.46 32.66 12.17
C ILE F 276 -20.41 32.90 11.11
N ILE F 277 -19.61 33.94 11.32
CA ILE F 277 -18.56 34.31 10.39
C ILE F 277 -17.23 33.78 10.88
N ARG F 278 -16.59 32.90 10.12
CA ARG F 278 -15.34 32.32 10.58
C ARG F 278 -14.18 32.58 9.61
N SER F 279 -13.06 33.02 10.14
CA SER F 279 -11.88 33.28 9.33
C SER F 279 -10.64 33.07 10.13
N GLU F 280 -9.57 32.62 9.48
CA GLU F 280 -8.31 32.44 10.16
C GLU F 280 -7.81 33.77 10.67
N ASN F 281 -8.07 34.81 9.90
CA ASN F 281 -7.68 36.17 10.21
C ASN F 281 -8.65 37.06 9.50
N ILE F 282 -9.61 37.61 10.21
CA ILE F 282 -10.66 38.38 9.55
C ILE F 282 -10.11 39.63 8.87
N THR F 283 -8.96 40.14 9.33
CA THR F 283 -8.39 41.34 8.77
C THR F 283 -7.40 41.06 7.65
N ASN F 284 -7.21 39.80 7.31
CA ASN F 284 -6.29 39.44 6.26
C ASN F 284 -7.10 39.17 5.00
N ASN F 285 -6.99 40.03 4.00
CA ASN F 285 -7.82 39.89 2.82
C ASN F 285 -7.40 38.72 1.92
N ALA F 286 -6.29 38.06 2.26
CA ALA F 286 -5.83 36.90 1.52
C ALA F 286 -6.48 35.62 2.03
N LYS F 287 -7.31 35.71 3.07
CA LYS F 287 -7.94 34.51 3.60
C LYS F 287 -9.44 34.54 3.38
N ASN F 288 -10.04 33.35 3.30
CA ASN F 288 -11.47 33.22 3.06
C ASN F 288 -12.30 33.33 4.31
N ILE F 289 -13.52 33.76 4.13
CA ILE F 289 -14.50 33.83 5.18
C ILE F 289 -15.55 32.76 4.99
N LEU F 290 -15.72 31.91 5.97
CA LEU F 290 -16.69 30.86 5.85
C LEU F 290 -17.91 31.29 6.62
N VAL F 291 -19.04 31.39 5.95
CA VAL F 291 -20.25 31.86 6.60
C VAL F 291 -21.24 30.76 6.77
N GLN F 292 -21.60 30.49 8.01
CA GLN F 292 -22.58 29.44 8.28
C GLN F 292 -23.93 30.02 8.58
N LEU F 293 -24.94 29.65 7.82
CA LEU F 293 -26.26 30.23 7.99
C LEU F 293 -27.01 29.53 9.11
N ASN F 294 -27.98 30.23 9.77
CA ASN F 294 -28.83 29.64 10.83
C ASN F 294 -30.18 29.09 10.32
N GLU F 295 -30.44 29.13 9.00
CA GLU F 295 -31.61 28.60 8.31
C GLU F 295 -31.12 28.31 6.92
N SER F 296 -31.73 27.38 6.22
CA SER F 296 -31.30 27.11 4.86
C SER F 296 -32.04 27.93 3.83
N VAL F 297 -31.43 28.05 2.67
CA VAL F 297 -32.09 28.69 1.53
C VAL F 297 -32.28 27.63 0.48
N GLN F 298 -33.51 27.39 0.06
CA GLN F 298 -33.70 26.30 -0.88
C GLN F 298 -33.43 26.73 -2.29
N ILE F 299 -32.63 25.93 -3.00
CA ILE F 299 -32.30 26.18 -4.39
C ILE F 299 -32.75 24.98 -5.27
N ASN F 300 -33.58 25.24 -6.30
CA ASN F 300 -34.16 24.26 -7.24
C ASN F 300 -33.43 24.30 -8.59
N CYS F 301 -32.63 23.27 -8.92
CA CYS F 301 -31.81 23.21 -10.13
C CYS F 301 -32.32 22.18 -11.12
N THR F 302 -32.18 22.49 -12.39
CA THR F 302 -32.58 21.55 -13.41
C THR F 302 -31.85 21.62 -14.73
N ARG F 303 -31.85 20.49 -15.39
CA ARG F 303 -31.38 20.32 -16.74
C ARG F 303 -32.58 19.78 -17.52
N PRO F 304 -33.41 20.66 -18.12
CA PRO F 304 -34.71 20.40 -18.70
C PRO F 304 -34.77 19.57 -19.97
N ASN F 305 -33.65 19.40 -20.65
CA ASN F 305 -33.66 18.70 -21.92
C ASN F 305 -33.73 17.21 -21.70
N ASN F 306 -34.64 16.55 -22.40
CA ASN F 306 -34.78 15.10 -22.24
C ASN F 306 -33.73 14.42 -23.08
N ASN F 307 -32.68 13.97 -22.45
CA ASN F 307 -31.59 13.46 -23.24
C ASN F 307 -31.65 11.96 -23.44
N THR F 308 -30.70 11.47 -24.22
CA THR F 308 -30.54 10.05 -24.47
C THR F 308 -29.09 9.63 -24.34
N ARG F 309 -28.86 8.33 -24.27
CA ARG F 309 -27.53 7.78 -24.18
C ARG F 309 -27.28 6.81 -25.33
N LYS F 310 -26.18 7.00 -26.04
CA LYS F 310 -25.84 6.17 -27.18
C LYS F 310 -24.61 5.31 -26.91
N SER F 311 -24.81 4.01 -26.78
CA SER F 311 -23.70 3.13 -26.44
C SER F 311 -22.90 2.72 -27.66
N ILE F 312 -21.61 3.04 -27.66
CA ILE F 312 -20.74 2.72 -28.78
C ILE F 312 -19.66 1.74 -28.39
N ARG F 313 -19.55 0.63 -29.11
CA ARG F 313 -18.49 -0.31 -28.79
C ARG F 313 -17.19 0.25 -29.34
N ILE F 314 -16.16 0.34 -28.51
CA ILE F 314 -14.88 0.88 -28.98
C ILE F 314 -13.79 -0.17 -28.96
N GLY F 315 -14.07 -1.26 -28.26
CA GLY F 315 -13.12 -2.36 -28.18
C GLY F 315 -13.79 -3.58 -27.56
N PRO F 316 -13.06 -4.66 -27.34
CA PRO F 316 -13.52 -5.93 -26.86
C PRO F 316 -13.89 -5.88 -25.39
N GLY F 317 -15.12 -5.44 -25.12
CA GLY F 317 -15.63 -5.25 -23.76
C GLY F 317 -15.50 -3.82 -23.31
N GLN F 318 -15.17 -2.94 -24.23
CA GLN F 318 -14.99 -1.54 -23.94
C GLN F 318 -16.04 -0.68 -24.60
N TRP F 319 -16.77 0.06 -23.79
CA TRP F 319 -17.83 0.90 -24.31
C TRP F 319 -17.68 2.36 -23.99
N PHE F 320 -18.07 3.18 -24.93
CA PHE F 320 -18.13 4.62 -24.79
C PHE F 320 -19.58 5.05 -24.73
N TYR F 321 -19.92 5.92 -23.79
CA TYR F 321 -21.29 6.35 -23.72
C TYR F 321 -21.43 7.77 -24.20
N ALA F 322 -21.94 7.89 -25.39
CA ALA F 322 -22.07 9.13 -26.10
C ALA F 322 -23.36 9.82 -25.79
N THR F 323 -23.37 11.14 -25.89
CA THR F 323 -24.62 11.85 -25.76
C THR F 323 -25.40 11.57 -27.03
N GLY F 324 -26.63 11.14 -26.88
CA GLY F 324 -27.44 10.82 -28.04
C GLY F 324 -28.29 12.01 -28.43
N ASP F 325 -29.31 11.78 -29.22
CA ASP F 325 -30.15 12.86 -29.68
C ASP F 325 -30.99 13.40 -28.54
N ILE F 326 -31.40 14.66 -28.63
CA ILE F 326 -32.28 15.26 -27.62
C ILE F 326 -33.71 15.19 -28.07
N ILE F 327 -34.58 14.76 -27.17
CA ILE F 327 -35.99 14.63 -27.45
C ILE F 327 -36.71 15.87 -26.97
N GLY F 328 -37.44 16.52 -27.86
CA GLY F 328 -38.15 17.72 -27.50
C GLY F 328 -37.31 18.97 -27.67
N ASP F 329 -37.81 20.09 -27.16
CA ASP F 329 -37.17 21.39 -27.32
C ASP F 329 -35.90 21.47 -26.50
N ILE F 330 -34.94 22.27 -26.95
CA ILE F 330 -33.69 22.46 -26.22
C ILE F 330 -33.66 23.80 -25.48
N ARG F 331 -33.54 23.71 -24.15
CA ARG F 331 -33.55 24.85 -23.24
C ARG F 331 -32.31 24.90 -22.36
N GLN F 332 -32.02 26.07 -21.81
CA GLN F 332 -30.87 26.21 -20.94
C GLN F 332 -31.12 25.72 -19.51
N ALA F 333 -30.12 25.03 -18.95
CA ALA F 333 -30.14 24.57 -17.57
C ALA F 333 -30.13 25.77 -16.65
N HIS F 334 -30.77 25.65 -15.50
CA HIS F 334 -30.85 26.78 -14.58
C HIS F 334 -31.16 26.37 -13.12
N CYS F 335 -30.94 27.32 -12.17
CA CYS F 335 -31.30 27.17 -10.74
C CYS F 335 -32.16 28.34 -10.24
N ASN F 336 -33.17 28.03 -9.45
CA ASN F 336 -34.06 29.02 -8.86
C ASN F 336 -33.85 29.15 -7.35
N VAL F 337 -33.61 30.40 -6.89
CA VAL F 337 -33.43 30.78 -5.48
C VAL F 337 -34.55 31.75 -5.08
N SER F 338 -35.27 31.48 -4.00
CA SER F 338 -36.37 32.39 -3.64
C SER F 338 -35.83 33.78 -3.38
N LYS F 339 -36.47 34.80 -3.94
CA LYS F 339 -35.92 36.13 -3.83
C LYS F 339 -36.00 36.74 -2.46
N ALA F 340 -37.14 36.61 -1.78
CA ALA F 340 -37.24 37.22 -0.47
C ALA F 340 -36.30 36.54 0.51
N THR F 341 -36.17 35.23 0.38
CA THR F 341 -35.35 34.47 1.29
C THR F 341 -33.91 34.88 1.12
N TRP F 342 -33.46 35.00 -0.12
CA TRP F 342 -32.10 35.39 -0.36
C TRP F 342 -31.82 36.78 0.21
N ASN F 343 -32.73 37.72 0.00
CA ASN F 343 -32.48 39.06 0.49
C ASN F 343 -32.36 39.06 2.02
N GLU F 344 -33.24 38.34 2.71
CA GLU F 344 -33.15 38.32 4.16
C GLU F 344 -31.88 37.63 4.63
N THR F 345 -31.47 36.59 3.90
CA THR F 345 -30.28 35.85 4.24
C THR F 345 -29.09 36.76 4.18
N LEU F 346 -28.96 37.57 3.14
CA LEU F 346 -27.80 38.44 3.12
C LEU F 346 -27.92 39.49 4.18
N GLY F 347 -29.11 39.99 4.50
CA GLY F 347 -29.16 41.00 5.54
C GLY F 347 -28.55 40.47 6.84
N LYS F 348 -28.83 39.21 7.18
CA LYS F 348 -28.23 38.62 8.36
C LYS F 348 -26.73 38.47 8.26
N VAL F 349 -26.23 38.11 7.08
CA VAL F 349 -24.81 37.97 6.91
C VAL F 349 -24.16 39.33 7.11
N VAL F 350 -24.79 40.37 6.58
CA VAL F 350 -24.26 41.71 6.72
C VAL F 350 -24.20 42.15 8.17
N LYS F 351 -25.24 41.90 8.96
CA LYS F 351 -25.16 42.32 10.37
C LYS F 351 -23.95 41.71 11.05
N GLN F 352 -23.69 40.45 10.77
CA GLN F 352 -22.57 39.79 11.40
C GLN F 352 -21.24 40.28 10.85
N LEU F 353 -21.20 40.69 9.58
CA LEU F 353 -19.97 41.25 9.04
C LEU F 353 -19.72 42.62 9.69
N ARG F 354 -20.77 43.40 9.95
CA ARG F 354 -20.57 44.72 10.55
C ARG F 354 -19.86 44.62 11.88
N LYS F 355 -20.12 43.56 12.62
CA LYS F 355 -19.46 43.36 13.90
C LYS F 355 -17.93 43.29 13.76
N HIS F 356 -17.41 42.97 12.58
CA HIS F 356 -15.98 42.90 12.36
C HIS F 356 -15.47 44.09 11.54
N PHE F 357 -16.34 44.68 10.70
CA PHE F 357 -15.91 45.75 9.79
C PHE F 357 -16.40 47.18 10.08
N GLY F 358 -17.27 47.37 11.07
CA GLY F 358 -17.77 48.69 11.45
C GLY F 358 -19.27 48.85 11.21
N ASN F 359 -19.95 49.48 12.17
CA ASN F 359 -21.40 49.64 12.08
C ASN F 359 -21.83 50.78 11.20
N ASN F 360 -20.87 51.50 10.67
CA ASN F 360 -21.12 52.61 9.77
C ASN F 360 -20.43 52.37 8.44
N THR F 361 -20.02 51.14 8.20
CA THR F 361 -19.33 50.73 6.98
C THR F 361 -20.33 50.35 5.89
N ILE F 362 -20.00 50.67 4.65
CA ILE F 362 -20.84 50.27 3.54
C ILE F 362 -20.43 48.87 3.13
N ILE F 363 -21.38 47.97 3.05
CA ILE F 363 -21.05 46.61 2.65
C ILE F 363 -21.64 46.26 1.31
N ARG F 364 -20.77 45.86 0.40
CA ARG F 364 -21.22 45.51 -0.93
C ARG F 364 -20.95 44.08 -1.26
N PHE F 365 -21.86 43.51 -2.02
CA PHE F 365 -21.66 42.20 -2.56
C PHE F 365 -21.54 42.34 -4.04
N ALA F 366 -20.59 41.62 -4.57
CA ALA F 366 -20.30 41.64 -5.98
C ALA F 366 -19.98 40.23 -6.40
N ASN F 367 -20.01 39.96 -7.72
CA ASN F 367 -19.74 38.65 -8.28
C ASN F 367 -18.24 38.40 -8.41
N SER F 368 -17.87 37.19 -8.88
CA SER F 368 -16.53 36.69 -9.07
C SER F 368 -15.84 37.39 -10.22
N SER F 369 -14.53 37.27 -10.30
CA SER F 369 -13.80 37.93 -11.36
C SER F 369 -12.98 36.99 -12.21
N GLY F 370 -11.72 36.80 -11.84
CA GLY F 370 -10.85 35.98 -12.65
C GLY F 370 -10.97 34.52 -12.32
N GLY F 371 -10.32 33.70 -13.11
CA GLY F 371 -10.35 32.26 -12.94
C GLY F 371 -11.27 31.65 -14.00
N ASP F 372 -11.16 30.37 -14.19
CA ASP F 372 -11.97 29.69 -15.18
C ASP F 372 -13.31 29.30 -14.57
N LEU F 373 -14.18 28.66 -15.36
CA LEU F 373 -15.51 28.29 -14.89
C LEU F 373 -15.40 27.01 -14.09
N GLU F 374 -14.67 27.11 -13.00
CA GLU F 374 -14.40 26.10 -12.05
C GLU F 374 -14.54 26.79 -10.73
N VAL F 375 -14.18 28.08 -10.76
CA VAL F 375 -14.19 28.92 -9.56
C VAL F 375 -15.03 30.17 -9.69
N THR F 376 -15.27 30.64 -10.92
CA THR F 376 -16.04 31.88 -11.08
C THR F 376 -17.51 31.59 -11.03
N THR F 377 -17.84 30.32 -11.14
CA THR F 377 -19.19 29.80 -11.12
C THR F 377 -19.42 28.94 -9.91
N HIS F 378 -20.69 28.63 -9.68
CA HIS F 378 -21.13 27.73 -8.64
C HIS F 378 -21.10 26.34 -9.18
N SER F 379 -20.09 25.60 -8.82
CA SER F 379 -19.97 24.28 -9.33
C SER F 379 -20.63 23.32 -8.42
N PHE F 380 -21.32 22.36 -8.98
CA PHE F 380 -21.91 21.26 -8.23
C PHE F 380 -22.17 20.07 -9.12
N ASN F 381 -22.37 18.93 -8.50
CA ASN F 381 -22.66 17.69 -9.20
C ASN F 381 -23.88 17.02 -8.63
N CYS F 382 -25.00 16.99 -9.39
CA CYS F 382 -26.23 16.35 -8.93
C CYS F 382 -26.90 15.64 -10.10
N GLY F 383 -27.46 14.48 -9.82
CA GLY F 383 -28.15 13.71 -10.83
C GLY F 383 -27.11 13.01 -11.71
N GLY F 384 -25.84 13.14 -11.33
CA GLY F 384 -24.70 12.62 -12.06
C GLY F 384 -24.19 13.62 -13.09
N GLU F 385 -24.77 14.83 -13.12
CA GLU F 385 -24.37 15.83 -14.09
C GLU F 385 -23.60 17.00 -13.44
N PHE F 386 -22.66 17.55 -14.19
CA PHE F 386 -21.82 18.66 -13.69
C PHE F 386 -22.24 20.02 -14.17
N PHE F 387 -22.68 20.83 -13.21
CA PHE F 387 -23.20 22.17 -13.44
C PHE F 387 -22.25 23.24 -13.00
N TYR F 388 -22.21 24.31 -13.78
CA TYR F 388 -21.41 25.51 -13.51
C TYR F 388 -22.30 26.74 -13.64
N CYS F 389 -22.98 27.15 -12.54
CA CYS F 389 -24.04 28.17 -12.54
C CYS F 389 -23.52 29.57 -12.23
N ASN F 390 -24.16 30.55 -12.87
CA ASN F 390 -23.84 31.96 -12.74
C ASN F 390 -24.56 32.60 -11.53
N THR F 391 -23.79 32.99 -10.49
CA THR F 391 -24.24 33.52 -9.20
C THR F 391 -24.22 35.03 -9.13
N SER F 392 -24.01 35.69 -10.26
CA SER F 392 -24.00 37.15 -10.26
C SER F 392 -25.38 37.69 -10.00
N GLY F 393 -26.39 36.84 -10.14
CA GLY F 393 -27.76 37.23 -9.88
C GLY F 393 -28.05 37.20 -8.38
N LEU F 394 -27.11 36.67 -7.58
CA LEU F 394 -27.29 36.59 -6.14
C LEU F 394 -26.43 37.64 -5.44
N PHE F 395 -25.17 37.71 -5.83
CA PHE F 395 -24.24 38.63 -5.19
C PHE F 395 -24.17 39.98 -5.88
N ASN F 396 -25.28 40.72 -5.80
CA ASN F 396 -25.45 42.02 -6.46
C ASN F 396 -26.27 42.98 -5.59
N SER F 397 -25.63 43.59 -4.54
CA SER F 397 -26.33 44.51 -3.62
C SER F 397 -25.40 45.42 -2.83
N THR F 398 -25.96 46.52 -2.33
CA THR F 398 -25.25 47.41 -1.43
C THR F 398 -26.08 47.57 -0.17
N TRP F 399 -25.47 47.33 0.97
CA TRP F 399 -26.17 47.43 2.22
C TRP F 399 -25.69 48.63 3.04
N ILE F 400 -26.67 49.40 3.59
CA ILE F 400 -26.45 50.59 4.43
C ILE F 400 -27.09 50.36 5.79
N ASP F 415 -40.53 37.27 -7.51
CA ASP F 415 -40.66 36.21 -6.50
C ASP F 415 -39.41 35.33 -6.38
N SER F 416 -38.66 35.12 -7.48
CA SER F 416 -37.46 34.26 -7.53
C SER F 416 -36.38 34.81 -8.44
N ILE F 417 -35.17 34.34 -8.18
CA ILE F 417 -33.98 34.67 -8.94
C ILE F 417 -33.57 33.49 -9.76
N THR F 418 -33.47 33.65 -11.08
CA THR F 418 -33.05 32.52 -11.90
C THR F 418 -31.61 32.69 -12.30
N LEU F 419 -30.83 31.66 -12.03
CA LEU F 419 -29.44 31.60 -12.35
C LEU F 419 -29.26 30.69 -13.57
N PRO F 420 -28.74 31.14 -14.71
CA PRO F 420 -28.52 30.31 -15.87
C PRO F 420 -27.35 29.42 -15.51
N CYS F 421 -27.28 28.19 -16.07
CA CYS F 421 -26.19 27.23 -15.83
C CYS F 421 -25.57 26.64 -17.10
N ARG F 422 -24.27 26.37 -17.02
CA ARG F 422 -23.54 25.70 -18.08
C ARG F 422 -23.32 24.25 -17.66
N ILE F 423 -23.19 23.35 -18.64
CA ILE F 423 -22.94 21.93 -18.38
C ILE F 423 -21.64 21.46 -19.05
N LYS F 424 -20.85 20.63 -18.36
CA LYS F 424 -19.65 20.07 -19.00
C LYS F 424 -19.56 18.57 -18.83
N GLN F 425 -19.01 17.86 -19.83
CA GLN F 425 -18.75 16.44 -19.66
C GLN F 425 -17.30 16.11 -19.34
N ILE F 426 -16.34 16.98 -19.72
CA ILE F 426 -14.95 16.64 -19.41
C ILE F 426 -14.54 17.46 -18.20
N ILE F 427 -14.30 16.75 -17.12
CA ILE F 427 -14.07 17.33 -15.82
C ILE F 427 -12.66 17.18 -15.30
N ASN F 428 -12.06 18.28 -14.88
CA ASN F 428 -10.73 18.24 -14.27
C ASN F 428 -10.89 18.42 -12.76
N MET F 429 -10.81 17.33 -12.02
CA MET F 429 -11.08 17.41 -10.60
C MET F 429 -9.91 17.91 -9.76
N TRP F 430 -10.25 18.66 -8.72
CA TRP F 430 -9.34 19.14 -7.68
C TRP F 430 -8.11 19.88 -8.13
N GLN F 431 -8.28 20.72 -9.14
CA GLN F 431 -7.22 21.56 -9.65
C GLN F 431 -6.00 20.81 -10.17
N ARG F 432 -6.16 19.55 -10.53
CA ARG F 432 -5.06 18.82 -11.11
C ARG F 432 -5.12 19.07 -12.59
N ILE F 433 -3.99 19.04 -13.28
CA ILE F 433 -4.05 19.27 -14.72
C ILE F 433 -3.69 18.06 -15.57
N GLY F 434 -3.16 16.99 -14.96
CA GLY F 434 -2.73 15.83 -15.73
C GLY F 434 -3.76 14.72 -15.84
N GLN F 435 -4.94 14.92 -15.29
CA GLN F 435 -5.99 13.92 -15.31
C GLN F 435 -7.28 14.55 -15.72
N ALA F 436 -8.16 13.77 -16.33
CA ALA F 436 -9.49 14.23 -16.67
C ALA F 436 -10.46 13.08 -16.65
N MET F 437 -11.69 13.39 -16.34
CA MET F 437 -12.75 12.41 -16.33
C MET F 437 -13.83 12.75 -17.33
N TYR F 438 -14.36 11.75 -18.01
CA TYR F 438 -15.50 11.99 -18.87
C TYR F 438 -16.74 11.52 -18.16
N ALA F 439 -17.71 12.40 -18.03
CA ALA F 439 -18.93 12.06 -17.36
C ALA F 439 -19.95 11.57 -18.39
N PRO F 440 -20.44 10.31 -18.34
CA PRO F 440 -21.40 9.77 -19.25
C PRO F 440 -22.64 10.62 -19.16
N PRO F 441 -23.44 10.73 -20.20
CA PRO F 441 -24.68 11.46 -20.23
C PRO F 441 -25.71 10.75 -19.40
N ILE F 442 -26.61 11.52 -18.83
CA ILE F 442 -27.72 11.01 -18.05
C ILE F 442 -29.00 11.17 -18.86
N GLN F 443 -29.73 10.07 -18.98
CA GLN F 443 -30.94 10.01 -19.77
C GLN F 443 -32.08 10.72 -19.08
N GLY F 444 -33.02 11.24 -19.85
CA GLY F 444 -34.15 11.88 -19.25
C GLY F 444 -33.82 13.28 -18.79
N VAL F 445 -34.54 13.73 -17.76
CA VAL F 445 -34.49 15.09 -17.25
C VAL F 445 -34.05 15.11 -15.80
N ILE F 446 -33.15 16.04 -15.44
CA ILE F 446 -32.67 16.12 -14.06
C ILE F 446 -33.25 17.25 -13.25
N ARG F 447 -33.74 16.89 -12.06
CA ARG F 447 -34.22 17.85 -11.06
C ARG F 447 -33.44 17.60 -9.78
N CYS F 448 -32.96 18.69 -9.12
CA CYS F 448 -32.22 18.63 -7.87
C CYS F 448 -32.77 19.71 -6.95
N VAL F 449 -33.01 19.36 -5.69
CA VAL F 449 -33.39 20.39 -4.75
C VAL F 449 -32.40 20.36 -3.62
N SER F 450 -31.68 21.44 -3.44
CA SER F 450 -30.63 21.46 -2.45
C SER F 450 -30.80 22.56 -1.45
N ASN F 451 -30.17 22.39 -0.31
CA ASN F 451 -30.19 23.43 0.70
C ASN F 451 -28.89 24.19 0.77
N ILE F 452 -28.96 25.52 0.67
CA ILE F 452 -27.75 26.31 0.83
C ILE F 452 -27.60 26.47 2.31
N THR F 453 -26.48 25.99 2.85
CA THR F 453 -26.25 26.05 4.28
C THR F 453 -25.12 27.00 4.62
N GLY F 454 -24.34 27.37 3.64
CA GLY F 454 -23.27 28.30 3.91
C GLY F 454 -22.65 28.87 2.65
N LEU F 455 -21.88 29.92 2.86
CA LEU F 455 -21.24 30.65 1.78
C LEU F 455 -19.74 30.75 1.97
N ILE F 456 -19.00 30.82 0.87
CA ILE F 456 -17.60 31.18 1.00
C ILE F 456 -17.39 32.53 0.37
N LEU F 457 -16.94 33.49 1.17
CA LEU F 457 -16.71 34.85 0.70
C LEU F 457 -15.26 35.26 0.81
N THR F 458 -14.85 36.17 -0.05
CA THR F 458 -13.52 36.74 0.04
C THR F 458 -13.73 38.22 0.14
N ARG F 459 -12.70 38.97 0.53
CA ARG F 459 -12.85 40.41 0.64
C ARG F 459 -11.79 41.12 -0.17
N ASP F 460 -12.19 42.18 -0.86
CA ASP F 460 -11.26 42.98 -1.66
C ASP F 460 -10.21 43.67 -0.80
N GLY F 461 -8.94 43.77 -1.31
CA GLY F 461 -7.84 44.45 -0.65
C GLY F 461 -7.97 45.97 -0.77
N SER F 466 -12.09 53.86 1.70
CA SER F 466 -11.75 53.30 2.99
C SER F 466 -12.96 53.03 3.94
N THR F 467 -14.19 53.43 3.53
CA THR F 467 -15.45 53.28 4.28
C THR F 467 -16.36 52.21 3.70
N THR F 468 -15.89 51.54 2.66
CA THR F 468 -16.64 50.51 1.97
C THR F 468 -15.87 49.22 1.85
N GLU F 469 -16.51 48.12 2.14
CA GLU F 469 -15.90 46.81 1.97
C GLU F 469 -16.69 46.06 0.91
N THR F 470 -16.00 45.28 0.10
CA THR F 470 -16.65 44.48 -0.94
C THR F 470 -16.34 43.03 -0.76
N PHE F 471 -17.38 42.21 -0.81
CA PHE F 471 -17.27 40.78 -0.66
C PHE F 471 -17.65 40.07 -1.93
N ARG F 472 -16.92 39.01 -2.25
CA ARG F 472 -17.17 38.24 -3.45
C ARG F 472 -17.18 36.76 -3.13
N PRO F 473 -17.85 35.91 -3.89
CA PRO F 473 -17.80 34.47 -3.74
C PRO F 473 -16.40 33.88 -3.92
N GLY F 474 -16.05 32.88 -3.12
CA GLY F 474 -14.77 32.18 -3.21
C GLY F 474 -14.94 30.67 -3.46
N GLY F 475 -13.85 29.91 -3.38
CA GLY F 475 -13.94 28.47 -3.64
C GLY F 475 -12.61 27.89 -4.12
N GLY F 476 -12.68 26.76 -4.81
CA GLY F 476 -11.50 26.09 -5.34
C GLY F 476 -10.79 25.13 -4.38
N ASP F 477 -10.39 25.62 -3.22
CA ASP F 477 -9.71 24.76 -2.25
C ASP F 477 -10.73 24.04 -1.39
N MET F 478 -10.87 22.75 -1.64
CA MET F 478 -11.87 21.92 -1.01
C MET F 478 -11.73 21.77 0.47
N ARG F 479 -10.56 22.04 0.99
CA ARG F 479 -10.40 21.89 2.41
C ARG F 479 -11.33 22.84 3.12
N ASP F 480 -11.63 24.00 2.53
CA ASP F 480 -12.51 24.95 3.17
C ASP F 480 -13.94 24.48 3.21
N ASN F 481 -14.32 23.52 2.37
CA ASN F 481 -15.70 23.09 2.46
C ASN F 481 -15.79 22.13 3.61
N TRP F 482 -14.76 21.31 3.76
CA TRP F 482 -14.79 20.32 4.82
C TRP F 482 -14.56 20.91 6.19
N ARG F 483 -13.91 22.07 6.25
CA ARG F 483 -13.77 22.78 7.50
C ARG F 483 -15.10 23.30 8.00
N SER F 484 -16.12 23.38 7.16
CA SER F 484 -17.39 23.89 7.61
C SER F 484 -18.13 22.86 8.43
N GLU F 485 -17.71 21.59 8.36
CA GLU F 485 -18.37 20.56 9.15
C GLU F 485 -17.42 20.07 10.24
N LEU F 486 -16.16 19.87 9.89
CA LEU F 486 -15.18 19.40 10.85
C LEU F 486 -14.53 20.54 11.58
N TYR F 487 -15.33 21.29 12.33
CA TYR F 487 -14.76 22.39 13.09
C TYR F 487 -15.02 22.20 14.55
N LYS F 488 -15.95 21.31 14.87
CA LYS F 488 -16.33 21.09 16.22
C LYS F 488 -15.54 19.96 16.79
N TYR F 489 -14.80 19.25 15.94
CA TYR F 489 -14.14 18.06 16.40
C TYR F 489 -12.65 18.14 16.54
N LYS F 490 -12.13 17.53 17.58
CA LYS F 490 -10.69 17.43 17.80
C LYS F 490 -10.31 16.01 18.16
N VAL F 491 -9.17 15.53 17.67
CA VAL F 491 -8.76 14.19 18.03
C VAL F 491 -7.71 14.21 19.12
N VAL F 492 -7.95 13.43 20.17
CA VAL F 492 -6.99 13.35 21.25
C VAL F 492 -6.66 11.90 21.51
N LYS F 493 -5.49 11.67 22.08
CA LYS F 493 -5.01 10.35 22.43
C LYS F 493 -5.15 10.16 23.91
N ILE F 494 -5.64 9.00 24.31
CA ILE F 494 -5.83 8.76 25.72
C ILE F 494 -4.58 8.09 26.27
N GLU F 495 -4.07 8.65 27.37
CA GLU F 495 -2.85 8.15 28.02
C GLU F 495 -3.09 7.83 29.48
N PRO F 496 -3.78 6.73 29.78
CA PRO F 496 -4.33 6.40 31.07
C PRO F 496 -3.34 5.81 32.05
N LEU F 497 -2.25 6.49 32.29
CA LEU F 497 -1.28 6.01 33.27
C LEU F 497 -0.56 7.16 33.90
N GLY F 498 -0.53 7.19 35.22
CA GLY F 498 0.19 8.27 35.88
C GLY F 498 0.37 8.02 37.35
N VAL F 499 1.03 8.95 38.01
CA VAL F 499 1.32 8.80 39.42
C VAL F 499 0.92 10.04 40.18
N ALA F 500 0.75 9.87 41.48
CA ALA F 500 0.45 10.98 42.40
C ALA F 500 0.85 10.57 43.81
N PRO F 501 1.18 11.49 44.73
CA PRO F 501 1.46 11.19 46.12
C PRO F 501 0.25 10.76 46.90
N THR F 502 0.43 9.74 47.72
CA THR F 502 -0.58 9.22 48.63
C THR F 502 0.08 8.88 49.95
N ARG F 503 -0.72 8.45 50.92
CA ARG F 503 -0.15 8.03 52.20
C ARG F 503 0.07 6.51 52.38
N CYS F 504 -0.09 5.67 51.32
CA CYS F 504 0.03 4.21 51.42
C CYS F 504 1.43 3.74 51.06
N LYS F 505 1.84 2.66 51.70
CA LYS F 505 3.12 2.07 51.36
C LYS F 505 2.94 0.61 51.07
N ARG F 506 3.54 0.13 50.00
CA ARG F 506 3.43 -1.29 49.73
C ARG F 506 4.31 -2.06 50.70
N ARG F 507 3.77 -3.14 51.32
CA ARG F 507 4.45 -4.00 52.26
C ARG F 507 4.04 -5.44 51.97
N UNK G 1 -6.14 32.03 -8.34
CA UNK G 1 -7.04 33.00 -8.99
C UNK G 1 -6.64 34.46 -8.69
N UNK G 2 -5.76 34.71 -7.68
CA UNK G 2 -5.29 36.04 -7.30
C UNK G 2 -3.96 35.94 -6.58
N UNK G 3 -3.13 36.93 -6.81
CA UNK G 3 -1.84 37.06 -6.18
C UNK G 3 -1.42 38.49 -6.25
N UNK G 4 -0.49 38.89 -5.41
CA UNK G 4 0.02 40.25 -5.54
C UNK G 4 1.49 40.36 -5.21
N UNK G 5 2.18 41.07 -6.09
CA UNK G 5 3.59 41.33 -5.93
C UNK G 5 3.74 42.25 -4.74
N UNK G 6 4.81 42.09 -3.98
CA UNK G 6 5.02 42.87 -2.77
C UNK G 6 6.48 43.14 -2.45
N UNK G 7 6.68 44.00 -1.46
CA UNK G 7 8.02 44.36 -0.99
C UNK G 7 8.85 44.97 -2.10
N UNK G 8 8.29 45.95 -2.79
CA UNK G 8 9.00 46.64 -3.85
C UNK G 8 9.97 47.62 -3.25
N UNK G 9 11.05 47.07 -2.74
CA UNK G 9 12.08 47.80 -2.06
C UNK G 9 12.98 48.45 -3.07
N UNK G 10 12.43 49.47 -3.71
CA UNK G 10 13.06 50.23 -4.77
C UNK G 10 14.22 51.03 -4.25
N UNK G 11 15.16 51.33 -5.14
CA UNK G 11 16.38 52.06 -4.86
C UNK G 11 17.23 51.31 -3.86
N UNK G 12 17.28 49.99 -4.04
CA UNK G 12 18.13 49.17 -3.23
C UNK G 12 19.53 49.60 -3.60
N UNK G 13 20.43 49.69 -2.65
CA UNK G 13 21.75 50.10 -3.08
C UNK G 13 22.37 49.04 -3.94
N UNK G 14 23.02 49.47 -5.01
CA UNK G 14 23.72 48.56 -5.87
C UNK G 14 24.82 47.96 -5.04
N UNK G 15 25.13 46.70 -5.28
CA UNK G 15 26.14 45.92 -4.58
C UNK G 15 25.78 45.66 -3.13
N UNK G 16 24.50 45.81 -2.78
CA UNK G 16 24.04 45.45 -1.45
C UNK G 16 23.34 44.10 -1.52
N UNK G 17 22.02 44.09 -1.37
CA UNK G 17 21.23 42.86 -1.42
C UNK G 17 19.82 43.24 -1.78
N UNK G 18 19.03 42.29 -2.24
CA UNK G 18 17.64 42.65 -2.55
C UNK G 18 16.70 41.50 -2.31
N UNK G 19 15.44 41.82 -2.05
CA UNK G 19 14.44 40.79 -1.82
C UNK G 19 13.08 41.26 -2.28
N UNK G 20 12.21 40.30 -2.54
CA UNK G 20 10.85 40.55 -3.00
C UNK G 20 9.94 39.52 -2.41
N UNK G 21 8.65 39.81 -2.40
CA UNK G 21 7.68 38.88 -1.84
C UNK G 21 6.42 38.91 -2.65
N UNK G 22 5.59 37.84 -2.56
CA UNK G 22 4.31 37.71 -3.25
C UNK G 22 3.28 37.04 -2.36
N UNK G 23 2.11 37.64 -2.31
CA UNK G 23 0.99 37.09 -1.57
C UNK G 23 0.18 36.17 -2.46
N UNK G 24 -0.18 35.01 -1.94
CA UNK G 24 -1.01 34.07 -2.67
C UNK G 24 -2.44 34.31 -2.21
N UNK G 25 -3.22 35.04 -2.99
CA UNK G 25 -4.52 35.47 -2.49
C UNK G 25 -5.64 34.48 -2.76
N UNK G 26 -5.51 33.63 -3.76
CA UNK G 26 -6.60 32.69 -4.01
C UNK G 26 -6.11 31.35 -4.56
N UNK G 27 -5.26 30.68 -3.80
CA UNK G 27 -4.68 29.41 -4.25
C UNK G 27 -4.33 28.55 -3.06
N UNK G 28 -4.28 27.26 -3.28
CA UNK G 28 -3.90 26.34 -2.22
C UNK G 28 -2.43 25.98 -2.29
N UNK G 29 -1.60 26.57 -1.46
CA UNK G 29 -0.18 26.26 -1.55
C UNK G 29 0.10 25.00 -0.75
N UNK G 30 -0.52 23.91 -1.17
CA UNK G 30 -0.45 22.63 -0.53
C UNK G 30 -0.97 21.61 -1.50
N UNK G 31 -1.45 22.11 -2.64
CA UNK G 31 -2.02 21.24 -3.67
C UNK G 31 -1.00 20.97 -4.76
N UNK G 32 -1.45 20.87 -6.02
CA UNK G 32 -0.57 20.58 -7.18
C UNK G 32 0.03 21.87 -7.75
N UNK G 33 -0.34 22.96 -7.11
CA UNK G 33 0.00 24.32 -7.39
C UNK G 33 1.47 24.59 -7.17
N UNK G 34 1.93 25.66 -7.78
CA UNK G 34 3.29 26.14 -7.69
C UNK G 34 3.30 27.63 -8.01
N UNK G 35 4.38 28.30 -7.68
CA UNK G 35 4.52 29.73 -8.01
C UNK G 35 5.89 30.00 -8.60
N UNK G 36 5.97 31.05 -9.41
CA UNK G 36 7.22 31.39 -10.05
C UNK G 36 7.45 32.88 -10.20
N UNK G 37 8.72 33.25 -10.31
CA UNK G 37 9.13 34.61 -10.52
C UNK G 37 9.73 34.81 -11.90
N UNK G 38 9.45 35.97 -12.47
CA UNK G 38 9.95 36.41 -13.76
C UNK G 38 10.09 37.91 -13.73
N UNK G 39 10.89 38.49 -14.61
CA UNK G 39 10.98 39.94 -14.60
C UNK G 39 11.21 40.55 -15.96
N UNK G 40 10.68 41.75 -16.15
CA UNK G 40 10.88 42.49 -17.39
C UNK G 40 11.93 43.55 -17.17
N UNK G 41 13.04 43.44 -17.86
CA UNK G 41 14.16 44.33 -17.59
C UNK G 41 14.07 45.68 -18.25
N UNK G 42 13.09 46.48 -17.81
CA UNK G 42 12.88 47.85 -18.28
C UNK G 42 12.63 47.95 -19.76
N UNK G 43 11.39 47.73 -20.20
CA UNK G 43 11.06 47.79 -21.63
C UNK G 43 11.91 46.81 -22.41
N UNK G 44 11.99 45.61 -21.88
CA UNK G 44 12.76 44.53 -22.42
C UNK G 44 12.00 43.24 -22.20
N UNK G 45 12.31 42.22 -22.97
CA UNK G 45 11.61 40.97 -22.86
C UNK G 45 11.76 40.33 -21.50
N UNK G 46 10.69 39.69 -21.07
CA UNK G 46 10.64 39.00 -19.80
C UNK G 46 11.57 37.82 -19.78
N UNK G 47 12.16 37.60 -18.62
CA UNK G 47 13.01 36.45 -18.40
C UNK G 47 12.53 35.68 -17.21
N UNK G 48 12.66 34.36 -17.25
CA UNK G 48 12.33 33.52 -16.12
C UNK G 48 13.40 33.71 -15.08
N UNK G 49 13.05 33.59 -13.81
CA UNK G 49 14.07 33.69 -12.79
C UNK G 49 14.14 32.43 -11.95
N UNK G 50 13.06 32.12 -11.24
CA UNK G 50 13.05 30.98 -10.32
C UNK G 50 11.66 30.49 -10.04
N UNK G 51 11.54 29.23 -9.60
CA UNK G 51 10.22 28.70 -9.26
C UNK G 51 10.26 27.67 -8.15
N UNK G 52 9.12 27.49 -7.46
CA UNK G 52 9.03 26.48 -6.42
C UNK G 52 7.64 25.86 -6.37
N UNK G 53 7.62 24.55 -6.13
CA UNK G 53 6.41 23.77 -6.02
C UNK G 53 5.70 24.01 -4.71
N UNK G 54 4.37 23.91 -4.71
CA UNK G 54 3.67 23.94 -3.43
C UNK G 54 3.54 22.53 -2.91
N UNK G 55 3.46 21.60 -3.85
CA UNK G 55 3.25 20.17 -3.62
C UNK G 55 4.45 19.52 -2.97
N UNK G 56 5.57 20.18 -3.10
CA UNK G 56 6.86 19.71 -2.66
C UNK G 56 7.74 20.89 -2.44
N UNK G 57 8.86 20.70 -1.79
CA UNK G 57 9.81 21.80 -1.62
C UNK G 57 10.68 21.98 -2.86
N UNK G 58 10.46 21.14 -3.87
CA UNK G 58 11.23 21.15 -5.09
C UNK G 58 11.23 22.52 -5.72
N UNK G 59 12.40 22.91 -6.23
CA UNK G 59 12.57 24.23 -6.83
C UNK G 59 13.58 24.19 -7.96
N UNK G 60 13.52 25.21 -8.81
CA UNK G 60 14.41 25.34 -9.96
C UNK G 60 14.75 26.80 -10.22
N UNK G 61 15.88 27.04 -10.89
CA UNK G 61 16.26 28.42 -11.19
C UNK G 61 17.02 28.50 -12.50
N UNK G 62 16.99 29.67 -13.14
CA UNK G 62 17.74 29.83 -14.37
C UNK G 62 19.17 29.55 -14.08
N UNK G 63 19.83 28.75 -14.91
CA UNK G 63 21.23 28.44 -14.64
C UNK G 63 22.06 29.68 -14.61
N UNK G 64 21.73 30.60 -15.50
CA UNK G 64 22.46 31.84 -15.67
C UNK G 64 22.53 32.69 -14.42
N UNK G 65 21.52 32.64 -13.57
CA UNK G 65 21.54 33.47 -12.38
C UNK G 65 21.33 32.63 -11.15
N UNK G 66 21.56 31.33 -11.25
CA UNK G 66 21.29 30.45 -10.12
C UNK G 66 22.16 30.79 -8.95
N UNK G 67 23.39 31.20 -9.24
CA UNK G 67 24.37 31.47 -8.21
C UNK G 67 23.95 32.54 -7.22
N UNK G 68 23.17 33.51 -7.67
CA UNK G 68 22.83 34.60 -6.78
C UNK G 68 21.39 34.54 -6.34
N UNK G 69 20.67 33.47 -6.64
CA UNK G 69 19.25 33.46 -6.32
C UNK G 69 18.87 32.44 -5.26
N UNK G 70 17.89 32.81 -4.44
CA UNK G 70 17.33 31.88 -3.47
C UNK G 70 15.85 32.15 -3.27
N UNK G 71 15.10 31.13 -2.86
CA UNK G 71 13.67 31.31 -2.61
C UNK G 71 13.16 30.33 -1.57
N UNK G 72 12.09 30.73 -0.90
CA UNK G 72 11.44 29.92 0.13
C UNK G 72 9.99 30.35 0.26
N UNK G 73 9.15 29.53 0.88
CA UNK G 73 7.77 29.94 1.05
C UNK G 73 7.14 29.36 2.28
N UNK G 74 6.11 30.05 2.78
CA UNK G 74 5.34 29.58 3.90
C UNK G 74 3.90 29.43 3.48
N UNK G 75 3.43 28.20 3.35
CA UNK G 75 2.06 28.00 2.92
C UNK G 75 1.12 28.64 3.91
N UNK G 76 1.53 28.55 5.18
CA UNK G 76 0.79 29.06 6.31
C UNK G 76 0.57 30.57 6.27
N UNK G 77 1.47 31.28 5.61
CA UNK G 77 1.38 32.73 5.54
C UNK G 77 0.72 33.15 4.26
N UNK G 78 0.38 32.18 3.41
CA UNK G 78 -0.11 32.46 2.09
C UNK G 78 0.89 33.35 1.40
N UNK G 79 2.19 33.08 1.54
CA UNK G 79 3.15 33.94 0.90
C UNK G 79 4.45 33.25 0.58
N UNK G 80 5.12 33.79 -0.42
CA UNK G 80 6.42 33.31 -0.86
C UNK G 80 7.37 34.48 -1.00
N UNK G 81 8.67 34.21 -0.90
CA UNK G 81 9.64 35.26 -1.04
C UNK G 81 10.91 34.78 -1.70
N UNK G 82 11.64 35.73 -2.25
CA UNK G 82 12.87 35.42 -2.94
C UNK G 82 13.88 36.50 -2.71
N UNK G 83 15.14 36.15 -2.90
CA UNK G 83 16.19 37.12 -2.70
C UNK G 83 17.36 36.96 -3.63
N UNK G 84 18.01 38.07 -3.86
CA UNK G 84 19.21 38.20 -4.65
C UNK G 84 20.40 38.41 -3.74
N UNK G 85 21.48 37.68 -4.02
CA UNK G 85 22.69 37.78 -3.22
C UNK G 85 23.23 39.19 -3.25
N UNK G 86 23.11 39.85 -4.38
CA UNK G 86 23.58 41.21 -4.49
C UNK G 86 22.75 41.95 -5.50
N UNK G 87 22.60 43.24 -5.24
CA UNK G 87 21.92 44.14 -6.13
C UNK G 87 22.92 44.67 -7.14
N UNK G 88 22.45 45.13 -8.28
CA UNK G 88 23.33 45.72 -9.27
C UNK G 88 22.54 46.66 -10.15
N UNK G 89 23.19 47.60 -10.79
CA UNK G 89 22.45 48.48 -11.71
C UNK G 89 21.79 47.68 -12.82
N UNK G 90 22.44 46.61 -13.23
CA UNK G 90 21.97 45.75 -14.30
C UNK G 90 20.76 44.94 -13.88
N UNK G 91 20.50 44.86 -12.59
CA UNK G 91 19.41 44.07 -12.07
C UNK G 91 18.12 44.85 -12.03
N UNK G 92 18.13 46.14 -12.36
CA UNK G 92 16.87 46.86 -12.27
C UNK G 92 15.87 46.25 -13.22
N UNK G 93 14.68 45.96 -12.71
CA UNK G 93 13.61 45.35 -13.50
C UNK G 93 12.27 45.44 -12.79
N UNK G 94 11.19 45.23 -13.55
CA UNK G 94 9.86 45.12 -13.00
C UNK G 94 9.59 43.68 -12.65
N UNK G 95 9.75 43.32 -11.39
CA UNK G 95 9.58 41.94 -10.99
C UNK G 95 8.12 41.60 -11.03
N UNK G 96 7.77 40.36 -11.36
CA UNK G 96 6.38 39.95 -11.38
C UNK G 96 6.25 38.51 -10.84
N UNK G 97 5.07 38.23 -10.24
CA UNK G 97 4.71 36.94 -9.63
C UNK G 97 3.72 36.18 -10.52
N UNK G 98 3.87 34.87 -10.65
CA UNK G 98 2.88 34.12 -11.44
C UNK G 98 2.66 32.71 -10.94
N UNK G 99 1.46 32.17 -11.22
CA UNK G 99 1.11 30.79 -10.90
C UNK G 99 1.75 29.84 -11.91
N UNK G 100 2.13 28.65 -11.46
CA UNK G 100 2.75 27.66 -12.33
C UNK G 100 2.38 26.22 -12.02
N UNK G 101 1.10 25.87 -12.05
CA UNK G 101 0.68 24.51 -11.68
C UNK G 101 1.31 23.47 -12.58
N UNK G 102 1.58 22.29 -12.01
CA UNK G 102 2.20 21.21 -12.78
C UNK G 102 1.70 19.85 -12.36
N UNK G 103 1.84 18.86 -13.24
CA UNK G 103 1.43 17.50 -12.94
C UNK G 103 2.65 16.61 -12.78
N UNK G 104 3.04 15.94 -13.85
CA UNK G 104 4.22 15.10 -13.81
C UNK G 104 5.27 15.76 -14.68
N UNK G 105 5.29 15.43 -15.96
CA UNK G 105 6.22 16.09 -16.86
C UNK G 105 5.63 17.39 -17.41
N UNK G 106 4.30 17.45 -17.55
CA UNK G 106 3.62 18.62 -18.10
C UNK G 106 3.48 19.73 -17.08
N UNK G 107 3.50 20.98 -17.55
CA UNK G 107 3.29 22.17 -16.72
C UNK G 107 2.74 23.31 -17.53
N UNK G 108 2.04 24.27 -16.89
CA UNK G 108 1.56 25.44 -17.64
C UNK G 108 1.46 26.70 -16.79
N UNK G 109 1.70 27.86 -17.41
CA UNK G 109 1.55 29.15 -16.71
C UNK G 109 0.11 29.57 -16.66
N UNK G 110 -0.27 30.30 -15.62
CA UNK G 110 -1.64 30.80 -15.51
C UNK G 110 -1.70 32.27 -15.10
N UNK G 111 -2.30 32.57 -13.96
CA UNK G 111 -2.45 33.96 -13.52
C UNK G 111 -1.13 34.63 -13.18
N UNK G 112 -1.01 35.90 -13.59
CA UNK G 112 0.12 36.80 -13.33
C UNK G 112 -0.28 37.87 -12.37
N UNK G 113 0.66 38.38 -11.58
CA UNK G 113 0.28 39.43 -10.68
C UNK G 113 1.22 40.61 -10.55
N UNK G 114 0.55 41.75 -10.68
CA UNK G 114 1.02 43.11 -10.51
C UNK G 114 2.42 43.35 -11.03
N UNK G 115 3.19 44.07 -10.25
CA UNK G 115 4.60 44.29 -10.47
C UNK G 115 5.20 44.79 -9.18
N UNK G 116 6.48 44.62 -9.02
CA UNK G 116 7.19 45.17 -7.87
C UNK G 116 8.48 45.76 -8.34
N UNK G 117 8.41 46.79 -9.18
CA UNK G 117 9.62 47.35 -9.74
C UNK G 117 10.49 47.84 -8.64
N UNK G 118 11.75 47.50 -8.73
CA UNK G 118 12.68 47.91 -7.69
C UNK G 118 14.05 48.17 -8.23
N UNK G 119 14.24 49.33 -8.84
CA UNK G 119 15.51 49.64 -9.47
C UNK G 119 16.64 49.75 -8.46
N UNK G 120 17.83 49.29 -8.85
CA UNK G 120 19.03 49.42 -8.02
C UNK G 120 19.54 50.84 -8.16
N UNK G 121 20.20 51.34 -7.15
CA UNK G 121 20.67 52.73 -7.17
C UNK G 121 22.00 52.96 -6.46
N UNK G 122 22.65 54.11 -6.76
CA UNK G 122 23.90 54.55 -6.15
C UNK G 122 23.84 56.06 -6.04
N UNK H 1 15.21 25.67 -28.17
CA UNK H 1 16.52 25.95 -27.57
C UNK H 1 16.67 27.44 -27.20
N UNK H 2 16.34 28.34 -28.14
CA UNK H 2 16.39 29.80 -28.04
C UNK H 2 15.26 30.34 -28.87
N UNK H 3 14.08 30.51 -28.27
CA UNK H 3 12.88 30.88 -29.05
C UNK H 3 13.07 32.25 -29.73
N UNK H 4 12.75 32.35 -31.02
CA UNK H 4 12.94 33.58 -31.81
C UNK H 4 11.61 34.06 -32.37
N UNK H 5 11.31 35.34 -32.27
CA UNK H 5 10.00 35.85 -32.73
C UNK H 5 10.20 37.12 -33.56
N UNK H 6 9.33 37.38 -34.54
CA UNK H 6 9.41 38.60 -35.37
C UNK H 6 9.35 39.81 -34.46
N UNK H 7 9.78 40.99 -34.91
CA UNK H 7 9.85 42.13 -33.96
C UNK H 7 8.80 43.23 -34.24
N UNK H 8 7.82 43.00 -35.12
CA UNK H 8 6.73 43.98 -35.32
C UNK H 8 5.70 43.41 -36.31
N UNK H 9 4.41 43.58 -36.02
CA UNK H 9 3.35 43.07 -36.92
C UNK H 9 2.27 44.14 -37.07
N UNK H 10 2.62 45.41 -37.18
CA UNK H 10 1.80 46.58 -37.42
C UNK H 10 0.66 46.19 -38.34
N UNK H 11 -0.50 46.81 -38.17
CA UNK H 11 -1.61 46.47 -39.03
C UNK H 11 -2.58 47.62 -39.14
N UNK H 12 -3.32 47.65 -40.22
CA UNK H 12 -4.39 48.63 -40.31
C UNK H 12 -5.39 48.24 -39.26
N UNK H 13 -6.07 49.20 -38.69
CA UNK H 13 -7.04 48.84 -37.68
C UNK H 13 -8.06 47.92 -38.30
N UNK H 14 -8.40 46.92 -37.52
CA UNK H 14 -9.35 45.84 -37.80
C UNK H 14 -8.93 44.97 -38.99
N UNK H 15 -7.66 45.01 -39.38
CA UNK H 15 -7.14 44.15 -40.42
C UNK H 15 -6.76 42.83 -39.80
N UNK H 16 -6.75 41.75 -40.53
CA UNK H 16 -6.25 40.54 -39.89
C UNK H 16 -4.77 40.72 -39.67
N UNK H 17 -4.22 40.11 -38.64
CA UNK H 17 -2.78 40.23 -38.38
C UNK H 17 -2.25 38.98 -37.72
N UNK H 18 -0.94 38.72 -37.86
CA UNK H 18 -0.40 37.53 -37.21
C UNK H 18 1.02 37.71 -36.72
N UNK H 19 1.34 36.93 -35.70
CA UNK H 19 2.64 36.87 -35.07
C UNK H 19 3.20 35.48 -35.27
N UNK H 20 4.51 35.37 -35.32
CA UNK H 20 5.12 34.05 -35.47
C UNK H 20 6.30 33.90 -34.52
N UNK H 21 6.50 32.64 -34.07
CA UNK H 21 7.50 32.15 -33.12
C UNK H 21 8.16 30.89 -33.67
N UNK H 22 9.45 30.74 -33.44
CA UNK H 22 10.11 29.53 -33.92
C UNK H 22 11.22 29.08 -33.00
N UNK H 23 11.50 27.77 -33.06
CA UNK H 23 12.52 27.23 -32.19
C UNK H 23 13.14 25.95 -32.74
N UNK H 24 14.34 25.67 -32.28
CA UNK H 24 15.08 24.46 -32.64
C UNK H 24 14.39 23.16 -32.29
N UNK H 25 13.62 23.11 -31.21
CA UNK H 25 13.00 21.87 -30.82
C UNK H 25 11.59 22.09 -30.32
N UNK H 26 10.69 22.43 -31.21
CA UNK H 26 9.32 22.70 -30.80
C UNK H 26 8.56 21.37 -30.67
N UNK H 27 8.90 20.65 -29.59
CA UNK H 27 8.37 19.34 -29.23
C UNK H 27 7.81 19.43 -27.82
N UNK H 28 7.27 20.61 -27.55
CA UNK H 28 6.69 21.01 -26.30
C UNK H 28 5.56 21.95 -26.64
N UNK H 29 4.56 22.08 -25.78
CA UNK H 29 3.49 22.98 -26.14
C UNK H 29 3.85 24.42 -25.83
N UNK H 30 3.81 25.26 -26.85
CA UNK H 30 4.07 26.67 -26.68
C UNK H 30 2.81 27.31 -26.17
N UNK H 31 2.96 28.38 -25.42
CA UNK H 31 1.84 29.16 -24.92
C UNK H 31 2.06 30.60 -25.31
N UNK H 32 0.99 31.37 -25.39
CA UNK H 32 1.12 32.78 -25.75
C UNK H 32 0.51 33.65 -24.71
N UNK H 33 1.07 34.83 -24.52
CA UNK H 33 0.56 35.80 -23.59
C UNK H 33 0.79 37.17 -24.15
N UNK H 34 0.06 38.15 -23.68
CA UNK H 34 0.29 39.49 -24.17
C UNK H 34 0.08 40.52 -23.12
N UNK H 35 0.76 41.66 -23.28
CA UNK H 35 0.60 42.71 -22.30
C UNK H 35 0.46 44.07 -22.91
N UNK H 36 -0.50 44.79 -22.38
CA UNK H 36 -0.76 46.16 -22.72
C UNK H 36 0.32 46.98 -22.08
N UNK H 37 0.52 48.19 -22.52
CA UNK H 37 1.54 48.97 -21.85
C UNK H 37 1.16 49.12 -20.39
N UNK H 38 2.17 49.05 -19.51
CA UNK H 38 1.99 49.21 -18.07
C UNK H 38 0.96 48.24 -17.50
N UNK H 39 1.09 46.97 -17.88
CA UNK H 39 0.17 45.95 -17.42
C UNK H 39 0.85 44.60 -17.33
N UNK H 40 0.34 43.73 -16.47
CA UNK H 40 0.83 42.36 -16.37
C UNK H 40 0.38 41.61 -17.60
N UNK H 41 1.15 40.60 -17.99
CA UNK H 41 0.78 39.79 -19.12
C UNK H 41 -0.41 38.91 -18.79
N UNK H 42 -1.18 38.56 -19.80
CA UNK H 42 -2.28 37.63 -19.63
C UNK H 42 -2.23 36.58 -20.72
N UNK H 43 -2.62 35.35 -20.41
CA UNK H 43 -2.57 34.32 -21.43
C UNK H 43 -3.54 34.61 -22.55
N UNK H 44 -3.08 34.36 -23.76
CA UNK H 44 -3.89 34.49 -24.96
C UNK H 44 -4.26 33.11 -25.45
N UNK H 45 -3.35 32.17 -25.26
CA UNK H 45 -3.52 30.79 -25.70
C UNK H 45 -2.80 29.91 -24.71
N UNK H 46 -3.26 28.70 -24.58
CA UNK H 46 -2.70 27.76 -23.63
C UNK H 46 -1.87 26.72 -24.31
N UNK H 47 -2.26 25.47 -24.24
CA UNK H 47 -1.43 24.43 -24.82
C UNK H 47 -1.53 24.40 -26.33
N UNK H 48 -0.66 25.18 -26.97
CA UNK H 48 -0.49 25.31 -28.41
C UNK H 48 -1.69 25.88 -29.16
N UNK H 49 -2.80 25.16 -29.16
CA UNK H 49 -3.99 25.59 -29.87
C UNK H 49 -5.14 25.96 -28.95
N UNK H 50 -5.15 25.43 -27.73
CA UNK H 50 -6.30 25.67 -26.86
C UNK H 50 -6.40 27.15 -26.49
N UNK H 51 -7.60 27.70 -26.47
CA UNK H 51 -7.79 29.11 -26.07
C UNK H 51 -7.92 29.25 -24.58
N UNK H 52 -7.53 30.40 -24.06
CA UNK H 52 -7.77 30.69 -22.67
C UNK H 52 -9.28 30.81 -22.52
N UNK H 53 -9.81 30.45 -21.37
CA UNK H 53 -11.27 30.45 -21.16
C UNK H 53 -11.97 31.77 -21.41
N UNK H 54 -11.31 32.88 -21.15
CA UNK H 54 -11.93 34.18 -21.34
C UNK H 54 -11.28 34.95 -22.48
N UNK H 55 -10.60 34.24 -23.37
CA UNK H 55 -9.95 34.89 -24.50
C UNK H 55 -10.97 35.44 -25.45
N UNK H 56 -10.62 36.52 -26.14
CA UNK H 56 -11.48 37.04 -27.17
C UNK H 56 -11.56 36.01 -28.29
N UNK H 57 -12.73 35.90 -28.91
CA UNK H 57 -12.98 34.95 -30.00
C UNK H 57 -12.12 35.18 -31.22
N UNK H 58 -11.60 36.38 -31.34
CA UNK H 58 -10.77 36.77 -32.48
C UNK H 58 -9.36 36.22 -32.37
N UNK H 59 -8.98 35.66 -31.22
CA UNK H 59 -7.63 35.18 -31.02
C UNK H 59 -7.46 33.72 -31.43
N UNK H 60 -6.77 33.51 -32.54
CA UNK H 60 -6.53 32.22 -33.15
C UNK H 60 -5.15 31.72 -32.78
N UNK H 61 -4.95 30.40 -32.84
CA UNK H 61 -3.63 29.84 -32.59
C UNK H 61 -3.37 28.63 -33.48
N UNK H 62 -2.10 28.40 -33.81
CA UNK H 62 -1.70 27.30 -34.66
C UNK H 62 -0.27 26.87 -34.44
N UNK H 63 0.08 25.67 -34.91
CA UNK H 63 1.45 25.19 -34.80
C UNK H 63 1.82 24.35 -36.01
N UNK H 64 3.13 24.28 -36.26
CA UNK H 64 3.75 23.55 -37.35
C UNK H 64 5.09 23.01 -36.89
N UNK H 65 5.67 22.07 -37.59
CA UNK H 65 6.95 21.64 -37.06
C UNK H 65 7.92 22.82 -36.96
N UNK H 66 8.55 22.92 -35.80
CA UNK H 66 9.54 23.94 -35.45
C UNK H 66 9.02 25.37 -35.56
N UNK H 67 7.71 25.56 -35.51
CA UNK H 67 7.12 26.89 -35.62
C UNK H 67 5.78 27.00 -34.94
N UNK H 68 5.42 28.22 -34.58
CA UNK H 68 4.13 28.47 -33.97
C UNK H 68 3.63 29.83 -34.37
N UNK H 69 2.33 29.99 -34.33
CA UNK H 69 1.75 31.26 -34.71
C UNK H 69 0.50 31.57 -33.96
N UNK H 70 0.18 32.84 -33.95
CA UNK H 70 -1.02 33.32 -33.34
C UNK H 70 -1.57 34.39 -34.23
N UNK H 71 -2.88 34.55 -34.23
CA UNK H 71 -3.42 35.56 -35.13
C UNK H 71 -4.67 36.23 -34.64
N UNK H 72 -4.83 37.45 -35.09
CA UNK H 72 -5.99 38.25 -34.81
C UNK H 72 -6.91 38.22 -36.00
N UNK H 73 -8.16 37.84 -35.75
CA UNK H 73 -9.14 37.85 -36.83
C UNK H 73 -9.28 39.27 -37.36
N UNK H 74 -9.18 40.23 -36.44
CA UNK H 74 -9.22 41.64 -36.75
C UNK H 74 -8.39 42.38 -35.73
N UNK H 75 -7.47 43.18 -36.20
CA UNK H 75 -6.57 43.93 -35.38
C UNK H 75 -7.23 45.19 -34.89
N UNK H 76 -8.20 45.03 -34.04
CA UNK H 76 -8.93 46.16 -33.49
C UNK H 76 -7.92 46.96 -32.69
N UNK H 77 -8.07 48.27 -32.61
CA UNK H 77 -7.09 49.08 -31.87
C UNK H 77 -7.34 49.00 -30.38
N UNK H 78 -7.11 47.81 -29.88
CA UNK H 78 -7.27 47.34 -28.53
C UNK H 78 -6.24 46.24 -28.37
N UNK H 79 -5.83 45.74 -29.54
CA UNK H 79 -4.90 44.64 -29.73
C UNK H 79 -3.47 45.14 -29.74
N UNK H 80 -3.30 46.43 -29.56
CA UNK H 80 -1.98 47.03 -29.60
C UNK H 80 -1.25 46.75 -28.30
N UNK H 81 -0.63 45.58 -28.27
CA UNK H 81 0.05 45.02 -27.11
C UNK H 81 1.27 44.26 -27.55
N UNK H 82 2.20 44.04 -26.62
CA UNK H 82 3.36 43.23 -26.96
C UNK H 82 3.01 41.80 -26.68
N UNK H 83 3.18 40.96 -27.68
CA UNK H 83 2.84 39.55 -27.52
C UNK H 83 4.10 38.76 -27.34
N UNK H 84 4.02 37.69 -26.57
CA UNK H 84 5.18 36.86 -26.39
C UNK H 84 4.82 35.37 -26.37
N UNK H 85 5.74 34.57 -26.91
CA UNK H 85 5.75 33.11 -27.03
C UNK H 85 6.60 32.50 -25.93
N UNK H 86 6.09 31.50 -25.25
CA UNK H 86 6.88 30.88 -24.20
C UNK H 86 6.67 29.40 -24.12
N UNK H 87 7.71 28.69 -23.70
CA UNK H 87 7.62 27.25 -23.54
C UNK H 87 8.61 26.74 -22.52
N UNK H 88 8.32 25.60 -21.92
CA UNK H 88 9.30 24.99 -21.04
C UNK H 88 10.13 24.01 -21.83
N UNK H 89 11.43 24.08 -21.67
CA UNK H 89 12.31 23.15 -22.32
C UNK H 89 12.54 22.01 -21.38
N UNK H 90 11.85 20.90 -21.57
CA UNK H 90 11.96 19.79 -20.65
C UNK H 90 13.40 19.34 -20.60
N UNK H 91 14.05 19.41 -21.74
CA UNK H 91 15.43 19.02 -21.90
C UNK H 91 16.38 19.82 -21.05
N UNK H 92 16.12 21.11 -20.84
CA UNK H 92 17.03 21.94 -20.09
C UNK H 92 16.48 22.24 -18.73
N UNK H 93 15.23 21.82 -18.49
CA UNK H 93 14.52 22.09 -17.27
C UNK H 93 14.48 23.58 -17.01
N UNK H 94 14.18 24.34 -18.05
CA UNK H 94 14.11 25.79 -17.93
C UNK H 94 13.06 26.37 -18.86
N UNK H 95 12.43 27.47 -18.43
CA UNK H 95 11.46 28.17 -19.25
C UNK H 95 12.13 29.17 -20.14
N UNK H 96 11.56 29.41 -21.30
CA UNK H 96 12.11 30.40 -22.20
C UNK H 96 11.03 31.27 -22.82
N UNK H 97 11.37 32.54 -23.03
CA UNK H 97 10.49 33.51 -23.69
C UNK H 97 11.10 34.06 -24.96
N UNK H 98 10.32 34.06 -26.03
CA UNK H 98 10.80 34.50 -27.33
C UNK H 98 10.75 35.99 -27.53
N UNK H 99 11.59 36.70 -26.82
CA UNK H 99 11.61 38.15 -26.92
C UNK H 99 10.20 38.67 -26.84
N UNK H 100 9.83 39.57 -27.76
CA UNK H 100 8.45 40.02 -27.83
C UNK H 100 8.17 40.61 -29.21
N UNK H 101 6.91 40.52 -29.65
CA UNK H 101 6.47 41.13 -30.89
C UNK H 101 5.58 42.31 -30.62
N UNK H 102 5.90 43.47 -31.14
CA UNK H 102 5.07 44.63 -30.88
C UNK H 102 3.99 44.79 -31.93
N UNK H 103 2.74 44.56 -31.56
CA UNK H 103 1.65 44.74 -32.50
C UNK H 103 1.42 46.21 -32.60
N UNK H 104 0.95 46.67 -33.74
CA UNK H 104 0.65 48.09 -33.86
C UNK H 104 -0.55 48.34 -34.79
N UNK H 105 -1.75 47.95 -34.32
CA UNK H 105 -3.06 48.01 -34.99
C UNK H 105 -3.35 49.42 -35.55
#